data_4XQ5
#
_entry.id   4XQ5
#
_cell.length_a   64.069
_cell.length_b   242.992
_cell.length_c   70.381
_cell.angle_alpha   90.000
_cell.angle_beta   111.260
_cell.angle_gamma   90.000
#
_symmetry.space_group_name_H-M   'P 1 21 1'
#
loop_
_entity.id
_entity.type
_entity.pdbx_description
1 polymer 'Hemagglutinin HA1 chain'
2 polymer 'Hemagglutinin HA2 chain'
3 branched 2-acetamido-2-deoxy-beta-D-glucopyranose-(1-4)-2-acetamido-2-deoxy-beta-D-glucopyranose
4 non-polymer 2-acetamido-2-deoxy-beta-D-glucopyranose
5 water water
#
loop_
_entity_poly.entity_id
_entity_poly.type
_entity_poly.pdbx_seq_one_letter_code
_entity_poly.pdbx_strand_id
1 'polypeptide(L)'
;ADPGDKICLGHHAVANGTIVKTLTNEQEEVTNATETVESTGINRLCMKGRKHKDLGNCHPIGMLIGTPACDLHLTGMWDT
LIERENAIAYCYPGATVNVEALRQKIMESGGINKISTGFTYGSSINSAGTTRACMRNGGNSFYAELKWLVSKSKGQNFPQ
TTNTYRNTDTAEHLIMWGIHHPSSTQEKNDLYGTQSLSISVGSSTYRNNFVPVVGARPQVNGQSGRIDFHWTLVQPGDNI
TFSHNGGLIAPSRVSKLIGRGLGIQSDAPIDNNCESKCFWRGGSINTRLPFQNLSPRTVGQCPKYVNRRSLMLATGMRNV
PEL
;
A,C,E
2 'polypeptide(L)'
;LFGAIAGFLENGWEGMVDGWYGFRHQNAQGTGQAADYKSTQAAIDQITGKLNRLVEKTNTEFESIESEFSEIEHQIGNVI
NWTKDSITDIWTYQAELLVAMENQHTIDMADSEMLNLYERVRKQLRQNAEEDGKGCFEIYHACDDSCMESIRNNTYDHSQ
YREEALLNRLNINSGRLVPR
;
B,D,F
#
# COMPACT_ATOMS: atom_id res chain seq x y z
N ASP A 5 -32.12 50.56 -24.58
CA ASP A 5 -30.85 50.59 -23.84
C ASP A 5 -30.65 49.32 -22.99
N LYS A 6 -29.65 48.52 -23.36
CA LYS A 6 -29.37 47.25 -22.70
C LYS A 6 -27.91 47.12 -22.30
N ILE A 7 -27.65 46.63 -21.10
CA ILE A 7 -26.34 46.07 -20.81
C ILE A 7 -26.48 44.56 -20.55
N CYS A 8 -25.67 43.77 -21.25
CA CYS A 8 -25.76 42.31 -21.13
C CYS A 8 -24.52 41.67 -20.51
N LEU A 9 -24.70 40.49 -19.93
CA LEU A 9 -23.57 39.79 -19.34
C LEU A 9 -23.36 38.42 -19.97
N GLY A 10 -22.08 38.05 -20.05
CA GLY A 10 -21.73 36.81 -20.68
C GLY A 10 -20.34 36.31 -20.39
N HIS A 11 -20.09 35.08 -20.83
CA HIS A 11 -18.82 34.39 -20.71
C HIS A 11 -18.30 34.08 -22.09
N HIS A 12 -17.07 33.57 -22.20
CA HIS A 12 -16.61 33.19 -23.52
C HIS A 12 -16.85 31.73 -23.84
N ALA A 13 -16.62 31.40 -25.10
CA ALA A 13 -16.69 30.04 -25.58
C ALA A 13 -15.60 29.85 -26.64
N VAL A 14 -15.39 28.62 -27.08
CA VAL A 14 -14.45 28.37 -28.17
C VAL A 14 -15.11 27.43 -29.15
N ALA A 15 -14.62 27.40 -30.39
CA ALA A 15 -15.15 26.45 -31.37
C ALA A 15 -14.77 25.02 -30.98
N ASN A 16 -13.46 24.76 -30.93
CA ASN A 16 -12.89 23.48 -30.50
C ASN A 16 -12.79 23.39 -28.98
N GLY A 17 -13.77 22.72 -28.36
CA GLY A 17 -13.74 22.44 -26.92
C GLY A 17 -13.03 21.17 -26.45
N THR A 18 -12.77 21.07 -25.15
CA THR A 18 -12.11 19.89 -24.60
C THR A 18 -13.02 19.07 -23.67
N ILE A 19 -12.98 17.75 -23.81
CA ILE A 19 -13.81 16.91 -22.96
C ILE A 19 -13.05 16.42 -21.72
N VAL A 20 -13.68 16.57 -20.56
CA VAL A 20 -13.13 16.14 -19.28
C VAL A 20 -14.20 15.34 -18.52
N LYS A 21 -13.81 14.68 -17.44
CA LYS A 21 -14.74 13.88 -16.62
C LYS A 21 -14.99 14.57 -15.29
N THR A 22 -16.21 14.45 -14.79
CA THR A 22 -16.55 15.03 -13.51
C THR A 22 -17.11 13.94 -12.64
N LEU A 23 -17.62 14.32 -11.47
CA LEU A 23 -18.24 13.37 -10.56
C LEU A 23 -19.58 12.87 -11.06
N THR A 24 -20.23 13.68 -11.89
CA THR A 24 -21.56 13.33 -12.41
C THR A 24 -21.61 13.09 -13.91
N ASN A 25 -20.53 13.36 -14.61
CA ASN A 25 -20.56 13.38 -16.06
C ASN A 25 -19.23 12.96 -16.67
N GLU A 26 -19.26 11.94 -17.53
CA GLU A 26 -18.05 11.41 -18.15
C GLU A 26 -17.65 12.18 -19.41
N GLN A 27 -18.63 12.84 -20.04
CA GLN A 27 -18.39 13.51 -21.32
C GLN A 27 -18.73 15.00 -21.24
N GLU A 28 -17.98 15.76 -20.44
CA GLU A 28 -18.23 17.17 -20.15
C GLU A 28 -17.31 18.13 -20.90
N GLU A 29 -17.86 18.96 -21.80
CA GLU A 29 -17.06 19.91 -22.58
C GLU A 29 -16.66 21.21 -21.88
N VAL A 30 -15.36 21.53 -21.90
CA VAL A 30 -14.84 22.72 -21.20
C VAL A 30 -14.03 23.57 -22.18
N THR A 31 -13.84 24.85 -21.87
CA THR A 31 -13.01 25.70 -22.76
C THR A 31 -11.58 25.19 -22.86
N ASN A 32 -11.04 24.71 -21.75
CA ASN A 32 -9.68 24.24 -21.75
C ASN A 32 -9.27 23.20 -20.70
N ALA A 33 -8.26 22.41 -21.02
CA ALA A 33 -7.78 21.40 -20.07
C ALA A 33 -6.32 20.99 -20.30
N THR A 34 -5.66 20.40 -19.29
CA THR A 34 -4.31 19.77 -19.45
C THR A 34 -4.16 18.43 -18.77
N GLU A 35 -3.17 17.66 -19.26
CA GLU A 35 -2.87 16.31 -18.78
C GLU A 35 -2.42 16.29 -17.37
N THR A 36 -2.75 15.22 -16.67
CA THR A 36 -2.16 15.01 -15.35
C THR A 36 -1.27 13.76 -15.30
N VAL A 37 -1.30 12.97 -16.37
CA VAL A 37 -0.49 11.76 -16.46
C VAL A 37 0.54 11.85 -17.54
N GLU A 38 1.82 11.85 -17.19
CA GLU A 38 2.92 11.85 -18.16
C GLU A 38 3.03 10.56 -18.99
N SER A 39 3.11 10.72 -20.31
CA SER A 39 3.26 9.55 -21.19
C SER A 39 4.56 9.48 -21.98
N THR A 40 5.34 10.53 -21.89
CA THR A 40 6.53 10.67 -22.68
C THR A 40 7.71 10.72 -21.73
N GLY A 41 8.74 9.95 -22.03
CA GLY A 41 9.91 9.85 -21.19
C GLY A 41 11.14 10.05 -22.02
N ILE A 42 12.25 10.39 -21.38
CA ILE A 42 13.50 10.57 -22.09
C ILE A 42 14.16 9.22 -22.30
N ASN A 43 14.55 8.91 -23.54
CA ASN A 43 15.29 7.65 -23.80
C ASN A 43 16.79 7.70 -23.53
N ARG A 44 17.15 8.31 -22.41
CA ARG A 44 18.53 8.47 -22.03
C ARG A 44 18.60 8.39 -20.50
N LEU A 45 19.70 7.90 -19.96
CA LEU A 45 19.92 8.08 -18.54
C LEU A 45 20.54 9.44 -18.28
N CYS A 46 19.73 10.37 -17.76
CA CYS A 46 20.18 11.74 -17.50
C CYS A 46 21.01 11.87 -16.22
N MET A 47 22.33 11.85 -16.42
CA MET A 47 23.29 11.68 -15.38
C MET A 47 24.04 12.97 -15.01
N LYS A 48 23.60 14.10 -15.56
CA LYS A 48 24.27 15.35 -15.23
C LYS A 48 24.12 15.72 -13.77
N GLY A 49 25.22 16.16 -13.16
CA GLY A 49 25.21 16.49 -11.76
C GLY A 49 25.23 15.29 -10.83
N ARG A 50 25.37 14.11 -11.41
CA ARG A 50 25.51 12.87 -10.68
C ARG A 50 26.86 12.30 -10.95
N LYS A 51 27.52 11.87 -9.88
CA LYS A 51 28.78 11.15 -9.96
C LYS A 51 28.49 9.68 -10.24
N HIS A 52 28.25 9.35 -11.51
CA HIS A 52 27.69 8.05 -11.87
C HIS A 52 28.70 7.05 -12.37
N LYS A 53 28.31 5.77 -12.32
CA LYS A 53 29.14 4.71 -12.91
C LYS A 53 28.32 3.78 -13.80
N ASP A 54 28.65 3.75 -15.09
CA ASP A 54 28.01 2.81 -16.00
C ASP A 54 28.86 1.57 -16.09
N LEU A 55 28.38 0.46 -15.55
CA LEU A 55 29.13 -0.78 -15.47
C LEU A 55 29.35 -1.49 -16.81
N GLY A 56 28.54 -1.17 -17.80
CA GLY A 56 28.63 -1.88 -19.06
C GLY A 56 28.40 -3.37 -18.93
N ASN A 57 29.36 -4.20 -19.30
CA ASN A 57 29.11 -5.63 -19.23
C ASN A 57 29.63 -6.26 -17.95
N CYS A 58 30.05 -5.44 -16.99
CA CYS A 58 30.45 -5.90 -15.65
C CYS A 58 29.25 -6.07 -14.72
N HIS A 59 28.98 -7.29 -14.27
CA HIS A 59 27.96 -7.46 -13.26
C HIS A 59 28.46 -6.99 -11.91
N PRO A 60 27.57 -6.43 -11.10
CA PRO A 60 28.00 -5.92 -9.81
C PRO A 60 28.76 -6.93 -8.94
N ILE A 61 28.32 -8.18 -8.92
CA ILE A 61 29.09 -9.21 -8.21
C ILE A 61 30.53 -9.29 -8.74
N GLY A 62 30.67 -9.19 -10.07
CA GLY A 62 31.97 -9.29 -10.70
C GLY A 62 32.97 -8.27 -10.20
N MET A 63 32.45 -7.15 -9.70
CA MET A 63 33.25 -6.14 -9.02
C MET A 63 33.98 -6.67 -7.79
N LEU A 64 33.32 -7.58 -7.05
CA LEU A 64 33.86 -8.06 -5.77
C LEU A 64 34.90 -9.15 -6.00
N ILE A 65 34.60 -10.06 -6.91
CA ILE A 65 35.52 -11.15 -7.18
C ILE A 65 36.53 -10.83 -8.28
N GLY A 66 36.22 -9.83 -9.10
CA GLY A 66 37.17 -9.36 -10.09
C GLY A 66 37.19 -10.10 -11.43
N THR A 67 36.02 -10.28 -12.03
CA THR A 67 35.90 -10.87 -13.38
C THR A 67 36.62 -9.96 -14.36
N PRO A 68 37.25 -10.53 -15.41
CA PRO A 68 37.88 -9.65 -16.43
C PRO A 68 37.00 -8.47 -16.88
N ALA A 69 35.70 -8.71 -17.08
CA ALA A 69 34.80 -7.67 -17.57
C ALA A 69 34.75 -6.51 -16.59
N CYS A 70 35.22 -6.76 -15.36
CA CYS A 70 35.10 -5.78 -14.30
C CYS A 70 36.40 -5.12 -13.95
N ASP A 71 37.41 -5.33 -14.80
CA ASP A 71 38.75 -4.81 -14.50
C ASP A 71 38.78 -3.27 -14.36
N LEU A 72 37.86 -2.56 -15.04
CA LEU A 72 37.78 -1.10 -14.95
C LEU A 72 36.92 -0.65 -13.78
N HIS A 73 36.30 -1.61 -13.08
CA HIS A 73 35.36 -1.29 -11.99
C HIS A 73 35.62 -2.04 -10.68
N LEU A 74 36.89 -2.27 -10.38
CA LEU A 74 37.30 -2.95 -9.15
C LEU A 74 37.22 -2.08 -7.91
N THR A 75 37.42 -0.77 -8.07
CA THR A 75 37.31 0.16 -6.94
C THR A 75 36.78 1.45 -7.51
N GLY A 76 36.09 2.25 -6.69
CA GLY A 76 35.56 3.52 -7.14
C GLY A 76 34.60 4.15 -6.16
N MET A 77 34.06 5.31 -6.54
CA MET A 77 33.11 6.09 -5.74
C MET A 77 32.03 6.58 -6.67
N TRP A 78 30.78 6.54 -6.23
CA TRP A 78 29.69 6.95 -7.10
C TRP A 78 28.42 7.25 -6.26
N ASP A 79 27.49 8.04 -6.80
CA ASP A 79 26.22 8.16 -6.12
C ASP A 79 25.15 7.41 -6.92
N THR A 80 25.53 6.85 -8.05
CA THR A 80 24.55 6.16 -8.88
C THR A 80 25.26 5.06 -9.61
N LEU A 81 24.70 3.85 -9.60
CA LEU A 81 25.38 2.71 -10.19
C LEU A 81 24.44 2.03 -11.16
N ILE A 82 24.94 1.75 -12.37
CA ILE A 82 24.10 1.30 -13.46
C ILE A 82 24.47 -0.10 -13.94
N GLU A 83 23.52 -1.00 -13.80
CA GLU A 83 23.70 -2.37 -14.23
C GLU A 83 23.02 -2.50 -15.59
N ARG A 84 23.67 -3.26 -16.49
CA ARG A 84 23.20 -3.50 -17.86
C ARG A 84 22.80 -4.97 -18.10
N GLU A 85 21.99 -5.20 -19.14
CA GLU A 85 21.51 -6.53 -19.52
C GLU A 85 22.60 -7.55 -19.90
N ASN A 86 23.63 -7.13 -20.60
CA ASN A 86 24.63 -8.12 -20.98
C ASN A 86 25.71 -8.38 -19.90
N ALA A 87 25.39 -8.12 -18.62
CA ALA A 87 26.41 -8.10 -17.57
C ALA A 87 27.00 -9.48 -17.21
N ILE A 88 28.32 -9.55 -17.14
CA ILE A 88 28.97 -10.81 -16.83
C ILE A 88 29.39 -10.80 -15.36
N ALA A 89 28.99 -11.81 -14.59
CA ALA A 89 29.54 -11.98 -13.26
C ALA A 89 30.58 -13.10 -13.26
N TYR A 90 30.34 -14.16 -14.01
CA TYR A 90 31.21 -15.32 -13.91
C TYR A 90 31.83 -15.63 -15.24
N CYS A 91 33.13 -15.81 -15.20
CA CYS A 91 33.85 -16.32 -16.34
C CYS A 91 34.00 -17.82 -16.12
N TYR A 92 34.61 -18.25 -15.03
CA TYR A 92 34.54 -19.67 -14.70
C TYR A 92 33.19 -19.94 -14.09
N PRO A 93 32.41 -20.88 -14.68
CA PRO A 93 31.00 -21.06 -14.28
C PRO A 93 30.84 -21.30 -12.77
N GLY A 94 29.72 -20.86 -12.24
CA GLY A 94 29.53 -20.94 -10.81
C GLY A 94 28.30 -20.15 -10.40
N ALA A 95 28.13 -20.04 -9.10
CA ALA A 95 26.98 -19.41 -8.50
C ALA A 95 27.38 -18.75 -7.17
N THR A 96 26.57 -17.83 -6.70
CA THR A 96 26.82 -17.18 -5.45
C THR A 96 25.66 -17.38 -4.51
N VAL A 97 25.96 -17.68 -3.25
CA VAL A 97 24.91 -17.84 -2.28
C VAL A 97 24.43 -16.44 -1.88
N ASN A 98 23.11 -16.31 -1.78
CA ASN A 98 22.43 -15.05 -1.50
C ASN A 98 22.79 -13.99 -2.51
N VAL A 99 22.74 -14.35 -3.79
CA VAL A 99 23.28 -13.47 -4.79
C VAL A 99 22.48 -12.16 -4.89
N GLU A 100 21.18 -12.23 -4.67
CA GLU A 100 20.36 -11.05 -4.87
C GLU A 100 20.50 -10.05 -3.75
N ALA A 101 20.63 -10.55 -2.54
CA ALA A 101 20.94 -9.69 -1.41
C ALA A 101 22.25 -8.95 -1.67
N LEU A 102 23.29 -9.69 -2.05
CA LEU A 102 24.62 -9.13 -2.27
C LEU A 102 24.57 -8.10 -3.38
N ARG A 103 23.90 -8.44 -4.48
CA ARG A 103 23.78 -7.52 -5.61
C ARG A 103 23.10 -6.23 -5.15
N GLN A 104 22.01 -6.36 -4.39
CA GLN A 104 21.34 -5.19 -3.85
C GLN A 104 22.27 -4.35 -2.98
N LYS A 105 23.01 -4.95 -2.06
CA LYS A 105 23.99 -4.20 -1.27
C LYS A 105 25.03 -3.45 -2.11
N ILE A 106 25.51 -4.07 -3.19
CA ILE A 106 26.45 -3.37 -4.06
C ILE A 106 25.74 -2.21 -4.75
N MET A 107 24.55 -2.46 -5.30
CA MET A 107 23.78 -1.41 -5.98
C MET A 107 23.23 -0.29 -5.09
N GLU A 108 23.27 -0.45 -3.77
CA GLU A 108 22.97 0.66 -2.84
C GLU A 108 24.22 1.37 -2.32
N SER A 109 25.40 0.85 -2.67
CA SER A 109 26.64 1.44 -2.21
C SER A 109 26.96 2.76 -2.88
N GLY A 110 27.97 3.45 -2.36
CA GLY A 110 28.45 4.68 -2.97
C GLY A 110 29.90 4.54 -3.39
N GLY A 111 30.33 3.30 -3.47
CA GLY A 111 31.68 3.00 -3.87
C GLY A 111 32.19 1.75 -3.22
N ILE A 112 33.34 1.28 -3.71
CA ILE A 112 34.04 0.10 -3.21
C ILE A 112 35.50 0.44 -3.00
N ASN A 113 36.08 -0.01 -1.90
CA ASN A 113 37.55 -0.04 -1.82
C ASN A 113 38.03 -1.47 -1.71
N LYS A 114 39.32 -1.70 -1.97
CA LYS A 114 39.86 -3.04 -1.88
C LYS A 114 41.02 -3.07 -0.91
N ILE A 115 41.23 -4.19 -0.22
CA ILE A 115 42.31 -4.37 0.77
C ILE A 115 42.90 -5.77 0.66
N SER A 116 44.22 -5.89 0.57
CA SER A 116 44.83 -7.22 0.50
C SER A 116 44.51 -8.03 1.72
N THR A 117 44.31 -9.33 1.54
CA THR A 117 44.23 -10.23 2.68
C THR A 117 45.64 -10.50 3.26
N GLY A 118 46.68 -10.33 2.45
CA GLY A 118 48.03 -10.66 2.87
C GLY A 118 48.33 -12.15 2.98
N PHE A 119 47.45 -13.00 2.45
CA PHE A 119 47.62 -14.44 2.50
C PHE A 119 48.85 -14.86 1.71
N THR A 120 49.56 -15.86 2.23
CA THR A 120 50.79 -16.36 1.64
C THR A 120 50.79 -17.86 1.79
N TYR A 121 51.42 -18.54 0.84
CA TYR A 121 51.27 -19.97 0.76
C TYR A 121 52.60 -20.64 0.58
N GLY A 122 52.77 -21.76 1.28
CA GLY A 122 54.02 -22.48 1.29
C GLY A 122 54.24 -23.08 -0.07
N SER A 123 55.40 -23.68 -0.21
CA SER A 123 55.88 -24.15 -1.49
C SER A 123 55.04 -25.29 -2.02
N SER A 124 54.29 -25.95 -1.16
CA SER A 124 53.52 -27.10 -1.63
C SER A 124 52.41 -26.64 -2.57
N ILE A 125 51.99 -25.39 -2.38
CA ILE A 125 50.82 -24.81 -3.01
C ILE A 125 51.21 -23.95 -4.22
N ASN A 126 50.48 -24.15 -5.33
CA ASN A 126 50.51 -23.22 -6.48
C ASN A 126 49.31 -22.24 -6.43
N SER A 127 49.58 -20.96 -6.20
CA SER A 127 48.54 -19.91 -6.15
C SER A 127 48.08 -19.52 -7.51
N ALA A 128 48.87 -19.81 -8.51
CA ALA A 128 48.71 -19.17 -9.81
C ALA A 128 47.81 -19.93 -10.81
N GLY A 129 46.88 -20.74 -10.32
CA GLY A 129 45.98 -21.44 -11.20
C GLY A 129 45.20 -20.48 -12.10
N THR A 130 45.19 -20.74 -13.40
CA THR A 130 44.47 -19.93 -14.39
C THR A 130 43.55 -20.83 -15.16
N THR A 131 42.64 -20.26 -15.92
CA THR A 131 41.73 -21.09 -16.71
C THR A 131 41.40 -20.44 -18.04
N ARG A 132 41.08 -21.24 -19.02
CA ARG A 132 40.78 -20.73 -20.33
C ARG A 132 39.49 -19.92 -20.30
N ALA A 133 38.74 -20.05 -19.21
CA ALA A 133 37.42 -19.41 -19.13
C ALA A 133 37.46 -17.95 -18.68
N CYS A 134 38.56 -17.51 -18.04
CA CYS A 134 38.83 -16.09 -17.76
C CYS A 134 40.04 -15.64 -18.57
N MET A 135 39.84 -14.79 -19.58
CA MET A 135 40.88 -14.38 -20.51
C MET A 135 41.37 -12.95 -20.31
N ARG A 136 42.63 -12.61 -20.41
CA ARG A 136 42.88 -11.28 -19.91
C ARG A 136 43.77 -10.39 -20.70
N ASN A 137 44.78 -10.94 -21.31
CA ASN A 137 45.54 -10.17 -22.26
C ASN A 137 45.86 -11.15 -23.34
N GLY A 138 44.86 -11.91 -23.72
CA GLY A 138 45.04 -12.98 -24.65
C GLY A 138 45.35 -14.24 -23.93
N GLY A 139 45.68 -14.14 -22.66
CA GLY A 139 46.10 -15.30 -21.92
C GLY A 139 45.15 -15.80 -20.90
N ASN A 140 45.28 -17.06 -20.56
CA ASN A 140 44.49 -17.59 -19.47
C ASN A 140 44.71 -16.85 -18.18
N SER A 141 43.63 -16.51 -17.48
CA SER A 141 43.76 -15.78 -16.23
C SER A 141 42.80 -16.36 -15.17
N PHE A 142 42.46 -15.54 -14.19
CA PHE A 142 41.53 -15.96 -13.17
C PHE A 142 40.96 -14.73 -12.53
N TYR A 143 39.91 -14.91 -11.72
CA TYR A 143 39.33 -13.82 -10.96
C TYR A 143 40.42 -13.00 -10.27
N ALA A 144 40.34 -11.68 -10.38
CA ALA A 144 41.44 -10.83 -9.95
C ALA A 144 41.60 -10.69 -8.43
N GLU A 145 40.55 -10.93 -7.67
CA GLU A 145 40.59 -10.78 -6.22
C GLU A 145 40.64 -12.10 -5.49
N LEU A 146 40.71 -13.18 -6.25
CA LEU A 146 40.76 -14.51 -5.69
C LEU A 146 41.96 -15.26 -6.25
N LYS A 147 42.29 -16.39 -5.64
CA LYS A 147 43.40 -17.18 -6.12
C LYS A 147 42.97 -18.65 -6.10
N TRP A 148 43.16 -19.33 -7.23
CA TRP A 148 42.88 -20.75 -7.29
C TRP A 148 44.09 -21.55 -6.75
N LEU A 149 43.94 -22.11 -5.56
CA LEU A 149 45.02 -22.79 -4.91
C LEU A 149 45.03 -24.26 -5.33
N VAL A 150 46.13 -24.77 -5.85
CA VAL A 150 46.19 -26.21 -6.07
C VAL A 150 47.56 -26.77 -5.61
N SER A 151 47.70 -28.09 -5.67
CA SER A 151 48.98 -28.74 -5.36
C SER A 151 50.00 -28.41 -6.43
N LYS A 152 51.17 -27.90 -6.04
CA LYS A 152 52.19 -27.63 -7.02
C LYS A 152 52.54 -28.87 -7.85
N SER A 153 52.73 -30.02 -7.18
CA SER A 153 52.88 -31.30 -7.87
C SER A 153 51.52 -31.89 -8.19
N LYS A 154 51.38 -32.48 -9.37
CA LYS A 154 50.08 -32.82 -9.93
C LYS A 154 49.23 -33.81 -9.09
N GLY A 155 49.78 -34.85 -8.51
CA GLY A 155 48.85 -35.71 -7.78
C GLY A 155 48.83 -35.59 -6.29
N GLN A 156 49.69 -34.74 -5.73
CA GLN A 156 49.90 -34.72 -4.28
C GLN A 156 48.79 -34.10 -3.46
N ASN A 157 48.60 -34.66 -2.27
CA ASN A 157 47.70 -34.06 -1.32
C ASN A 157 48.05 -32.63 -1.01
N PHE A 158 47.11 -31.76 -1.30
CA PHE A 158 47.13 -30.39 -0.86
C PHE A 158 47.35 -30.37 0.64
N PRO A 159 48.20 -29.45 1.12
CA PRO A 159 48.50 -29.43 2.55
C PRO A 159 47.40 -28.75 3.37
N GLN A 160 47.28 -29.20 4.61
CA GLN A 160 46.41 -28.56 5.55
C GLN A 160 46.95 -27.16 5.78
N THR A 161 46.10 -26.16 5.56
CA THR A 161 46.54 -24.77 5.47
C THR A 161 45.62 -23.89 6.30
N THR A 162 46.19 -22.87 6.94
CA THR A 162 45.37 -21.92 7.68
C THR A 162 45.77 -20.50 7.28
N ASN A 163 44.78 -19.63 7.07
CA ASN A 163 45.01 -18.22 6.71
C ASN A 163 44.00 -17.41 7.44
N THR A 164 44.42 -16.29 7.98
CA THR A 164 43.50 -15.48 8.73
C THR A 164 43.54 -14.08 8.20
N TYR A 165 42.36 -13.49 8.00
CA TYR A 165 42.32 -12.12 7.58
C TYR A 165 41.83 -11.29 8.73
N ARG A 166 42.61 -10.26 9.03
CA ARG A 166 42.31 -9.41 10.17
C ARG A 166 41.83 -8.05 9.65
N ASN A 167 40.66 -7.64 10.13
CA ASN A 167 40.10 -6.36 9.79
C ASN A 167 40.53 -5.30 10.80
N THR A 168 41.56 -4.54 10.45
CA THR A 168 42.09 -3.51 11.32
C THR A 168 41.57 -2.10 11.03
N ASP A 169 40.54 -2.03 10.21
CA ASP A 169 39.87 -0.77 9.83
C ASP A 169 38.80 -0.34 10.86
N THR A 170 38.14 0.79 10.64
CA THR A 170 37.11 1.23 11.57
C THR A 170 35.74 0.74 11.10
N ALA A 171 35.64 0.38 9.82
CA ALA A 171 34.37 -0.06 9.26
C ALA A 171 34.39 -1.54 8.93
N GLU A 172 33.23 -2.12 8.65
CA GLU A 172 33.11 -3.54 8.29
C GLU A 172 33.57 -3.78 6.86
N HIS A 173 34.14 -4.95 6.63
CA HIS A 173 34.59 -5.33 5.29
C HIS A 173 33.79 -6.50 4.77
N LEU A 174 33.89 -6.75 3.49
CA LEU A 174 33.09 -7.79 2.88
C LEU A 174 34.01 -8.74 2.15
N ILE A 175 34.00 -10.00 2.58
CA ILE A 175 35.01 -10.96 2.12
C ILE A 175 34.33 -12.06 1.30
N MET A 176 34.86 -12.32 0.12
CA MET A 176 34.32 -13.38 -0.74
C MET A 176 35.35 -14.48 -0.98
N TRP A 177 34.89 -15.72 -0.96
CA TRP A 177 35.74 -16.83 -1.31
C TRP A 177 34.91 -17.77 -2.16
N GLY A 178 35.56 -18.75 -2.76
CA GLY A 178 34.86 -19.72 -3.58
C GLY A 178 35.22 -21.12 -3.14
N ILE A 179 34.38 -22.08 -3.53
CA ILE A 179 34.64 -23.48 -3.31
C ILE A 179 34.60 -24.21 -4.66
N HIS A 180 35.63 -24.95 -5.01
CA HIS A 180 35.67 -25.54 -6.32
C HIS A 180 35.00 -26.90 -6.28
N HIS A 181 34.07 -27.15 -7.19
CA HIS A 181 33.48 -28.48 -7.31
C HIS A 181 33.88 -29.08 -8.67
N PRO A 182 34.85 -30.01 -8.64
CA PRO A 182 35.35 -30.63 -9.88
C PRO A 182 34.30 -31.48 -10.58
N SER A 183 34.46 -31.66 -11.88
CA SER A 183 33.52 -32.46 -12.62
C SER A 183 33.92 -33.92 -12.67
N SER A 184 35.12 -34.27 -12.19
CA SER A 184 35.54 -35.67 -12.26
C SER A 184 36.53 -36.08 -11.18
N THR A 185 36.62 -37.37 -10.91
CA THR A 185 37.52 -37.83 -9.88
C THR A 185 38.97 -37.58 -10.29
N GLN A 186 39.25 -37.74 -11.59
CA GLN A 186 40.56 -37.40 -12.08
C GLN A 186 40.88 -35.90 -11.93
N GLU A 187 39.92 -35.02 -12.24
CA GLU A 187 40.12 -33.57 -12.12
C GLU A 187 40.38 -33.27 -10.63
N LYS A 188 39.60 -33.89 -9.75
CA LYS A 188 39.84 -33.66 -8.33
C LYS A 188 41.19 -34.16 -7.84
N ASN A 189 41.54 -35.39 -8.22
CA ASN A 189 42.77 -35.98 -7.73
C ASN A 189 43.96 -35.15 -8.14
N ASP A 190 43.96 -34.74 -9.40
CA ASP A 190 45.01 -33.93 -9.92
C ASP A 190 45.17 -32.58 -9.18
N LEU A 191 44.10 -31.92 -8.81
CA LEU A 191 44.23 -30.60 -8.23
C LEU A 191 44.63 -30.65 -6.77
N TYR A 192 44.08 -31.61 -6.03
CA TYR A 192 44.18 -31.58 -4.57
C TYR A 192 44.65 -32.90 -3.92
N GLY A 193 44.76 -33.96 -4.73
CA GLY A 193 45.07 -35.28 -4.22
C GLY A 193 43.85 -36.17 -3.94
N THR A 194 44.10 -37.35 -3.38
CA THR A 194 43.04 -38.32 -3.20
C THR A 194 42.43 -38.19 -1.80
N GLN A 195 43.02 -37.35 -0.99
CA GLN A 195 42.59 -37.16 0.37
C GLN A 195 41.16 -36.59 0.46
N SER A 196 40.73 -36.37 1.69
CA SER A 196 39.36 -36.00 1.93
C SER A 196 39.23 -34.51 2.23
N LEU A 197 38.67 -33.77 1.28
CA LEU A 197 38.71 -32.31 1.29
C LEU A 197 37.68 -31.65 2.18
N SER A 198 38.00 -30.48 2.67
CA SER A 198 37.20 -29.78 3.66
C SER A 198 37.71 -28.36 3.89
N ILE A 199 36.78 -27.42 4.04
CA ILE A 199 37.13 -26.03 4.25
C ILE A 199 36.27 -25.43 5.34
N SER A 200 36.87 -24.94 6.44
CA SER A 200 36.04 -24.21 7.39
C SER A 200 36.38 -22.75 7.39
N VAL A 201 35.39 -21.95 7.73
CA VAL A 201 35.56 -20.53 7.72
C VAL A 201 34.89 -20.09 8.98
N GLY A 202 35.62 -19.37 9.82
CA GLY A 202 35.06 -18.92 11.06
C GLY A 202 35.54 -17.56 11.44
N SER A 203 34.66 -16.79 12.05
CA SER A 203 34.95 -15.47 12.56
C SER A 203 34.08 -15.31 13.78
N SER A 204 34.04 -14.12 14.37
CA SER A 204 33.19 -13.89 15.53
C SER A 204 31.71 -14.15 15.26
N THR A 205 31.29 -13.85 14.03
CA THR A 205 29.90 -13.70 13.70
C THR A 205 29.51 -14.62 12.55
N TYR A 206 30.48 -15.42 12.07
CA TYR A 206 30.22 -16.35 10.97
C TYR A 206 30.89 -17.69 11.21
N ARG A 207 30.23 -18.77 10.81
CA ARG A 207 30.84 -20.08 10.90
C ARG A 207 30.19 -21.05 9.93
N ASN A 208 31.01 -21.86 9.28
CA ASN A 208 30.52 -22.68 8.19
C ASN A 208 31.57 -23.67 7.74
N ASN A 209 31.11 -24.77 7.16
CA ASN A 209 31.99 -25.77 6.59
C ASN A 209 31.55 -26.03 5.16
N PHE A 210 32.52 -26.30 4.30
CA PHE A 210 32.29 -26.60 2.90
C PHE A 210 33.10 -27.84 2.51
N VAL A 211 32.51 -28.71 1.67
CA VAL A 211 33.20 -29.86 1.10
C VAL A 211 33.06 -29.89 -0.44
N PRO A 212 34.17 -29.79 -1.18
CA PRO A 212 34.10 -29.99 -2.63
C PRO A 212 33.38 -31.27 -3.04
N VAL A 213 32.48 -31.19 -4.02
CA VAL A 213 31.81 -32.39 -4.49
C VAL A 213 32.03 -32.64 -5.99
N VAL A 214 32.55 -33.82 -6.30
CA VAL A 214 32.71 -34.23 -7.69
C VAL A 214 31.35 -34.67 -8.28
N GLY A 215 30.99 -34.10 -9.41
CA GLY A 215 29.78 -34.48 -10.10
C GLY A 215 29.97 -34.12 -11.56
N ALA A 216 29.35 -34.89 -12.45
CA ALA A 216 29.47 -34.64 -13.87
C ALA A 216 28.40 -33.62 -14.32
N ARG A 217 28.72 -32.80 -15.30
CA ARG A 217 27.90 -31.64 -15.56
C ARG A 217 28.04 -31.14 -16.97
N PRO A 218 27.04 -30.41 -17.47
CA PRO A 218 27.29 -29.82 -18.79
C PRO A 218 28.37 -28.73 -18.75
N GLN A 219 28.93 -28.42 -19.92
CA GLN A 219 29.95 -27.42 -19.98
C GLN A 219 29.30 -26.07 -20.14
N VAL A 220 29.82 -25.11 -19.39
CA VAL A 220 29.46 -23.71 -19.47
C VAL A 220 30.78 -22.97 -19.62
N ASN A 221 30.88 -22.10 -20.65
CA ASN A 221 32.16 -21.51 -21.07
C ASN A 221 33.24 -22.60 -21.25
N GLY A 222 32.83 -23.73 -21.81
CA GLY A 222 33.76 -24.81 -22.07
C GLY A 222 34.23 -25.51 -20.80
N GLN A 223 33.64 -25.13 -19.67
CA GLN A 223 34.06 -25.69 -18.39
C GLN A 223 32.98 -26.44 -17.65
N SER A 224 33.38 -27.56 -17.08
CA SER A 224 32.43 -28.50 -16.55
C SER A 224 32.40 -28.45 -15.03
N GLY A 225 33.50 -28.03 -14.40
CA GLY A 225 33.50 -27.76 -12.98
C GLY A 225 32.69 -26.52 -12.70
N ARG A 226 32.49 -26.22 -11.42
CA ARG A 226 31.84 -25.00 -10.99
C ARG A 226 32.60 -24.47 -9.78
N ILE A 227 32.37 -23.20 -9.48
CA ILE A 227 32.87 -22.57 -8.26
C ILE A 227 31.72 -21.86 -7.57
N ASP A 228 31.26 -22.37 -6.44
CA ASP A 228 30.20 -21.67 -5.72
C ASP A 228 30.86 -20.62 -4.82
N PHE A 229 30.32 -19.39 -4.83
CA PHE A 229 30.92 -18.29 -4.10
C PHE A 229 30.15 -18.03 -2.79
N HIS A 230 30.86 -17.61 -1.76
CA HIS A 230 30.27 -17.32 -0.46
C HIS A 230 30.84 -16.01 0.05
N TRP A 231 30.05 -15.31 0.86
CA TRP A 231 30.50 -14.04 1.34
C TRP A 231 30.02 -13.81 2.74
N THR A 232 30.63 -12.86 3.43
CA THR A 232 30.15 -12.48 4.77
C THR A 232 30.77 -11.14 5.10
N LEU A 233 30.21 -10.45 6.08
CA LEU A 233 30.75 -9.16 6.53
C LEU A 233 31.64 -9.34 7.74
N VAL A 234 32.90 -8.93 7.62
CA VAL A 234 33.85 -8.97 8.72
C VAL A 234 33.86 -7.64 9.47
N GLN A 235 33.47 -7.65 10.73
CA GLN A 235 33.38 -6.43 11.55
C GLN A 235 34.73 -5.78 11.87
N PRO A 236 34.71 -4.48 12.24
CA PRO A 236 35.96 -3.84 12.64
C PRO A 236 36.56 -4.58 13.83
N GLY A 237 37.85 -4.87 13.78
CA GLY A 237 38.54 -5.49 14.89
C GLY A 237 38.36 -6.99 14.98
N ASP A 238 37.64 -7.54 14.01
CA ASP A 238 37.37 -8.96 14.02
C ASP A 238 38.23 -9.70 13.00
N ASN A 239 38.40 -11.01 13.17
CA ASN A 239 39.22 -11.83 12.29
C ASN A 239 38.48 -13.02 11.73
N ILE A 240 38.78 -13.40 10.48
CA ILE A 240 38.16 -14.57 9.90
C ILE A 240 39.23 -15.55 9.45
N THR A 241 39.07 -16.82 9.79
CA THR A 241 40.11 -17.81 9.58
C THR A 241 39.65 -18.89 8.62
N PHE A 242 40.50 -19.22 7.65
CA PHE A 242 40.21 -20.23 6.67
C PHE A 242 41.05 -21.47 6.92
N SER A 243 40.39 -22.57 7.27
CA SER A 243 41.09 -23.86 7.44
C SER A 243 40.76 -24.76 6.29
N HIS A 244 41.77 -25.16 5.54
CA HIS A 244 41.42 -25.82 4.31
C HIS A 244 42.46 -26.78 3.80
N ASN A 245 41.93 -27.69 3.01
CA ASN A 245 42.52 -28.93 2.55
C ASN A 245 42.70 -29.05 1.05
N GLY A 246 42.29 -27.99 0.34
CA GLY A 246 42.19 -28.03 -1.12
C GLY A 246 40.74 -27.86 -1.54
N GLY A 247 40.47 -27.00 -2.52
CA GLY A 247 39.10 -26.66 -2.84
C GLY A 247 38.73 -25.20 -2.61
N LEU A 248 39.39 -24.55 -1.65
CA LEU A 248 39.17 -23.14 -1.37
C LEU A 248 39.63 -22.27 -2.51
N ILE A 249 38.75 -21.41 -2.99
CA ILE A 249 39.20 -20.34 -3.85
C ILE A 249 39.37 -19.12 -2.94
N ALA A 250 40.62 -18.72 -2.71
CA ALA A 250 40.96 -17.85 -1.58
C ALA A 250 40.91 -16.36 -1.91
N PRO A 251 40.45 -15.54 -0.96
CA PRO A 251 40.52 -14.11 -1.30
C PRO A 251 41.96 -13.55 -1.20
N SER A 252 42.41 -12.84 -2.23
CA SER A 252 43.66 -12.08 -2.10
C SER A 252 43.33 -10.62 -1.82
N ARG A 253 42.11 -10.19 -2.16
CA ARG A 253 41.65 -8.91 -1.66
C ARG A 253 40.23 -9.01 -1.16
N VAL A 254 39.90 -8.11 -0.23
CA VAL A 254 38.54 -8.01 0.32
C VAL A 254 37.95 -6.67 -0.09
N SER A 255 36.65 -6.49 0.14
CA SER A 255 35.97 -5.27 -0.27
C SER A 255 35.43 -4.42 0.89
N LYS A 256 35.22 -3.16 0.62
CA LYS A 256 34.63 -2.29 1.59
C LYS A 256 33.68 -1.46 0.80
N LEU A 257 32.39 -1.67 1.05
CA LEU A 257 31.36 -0.84 0.47
C LEU A 257 31.30 0.47 1.24
N ILE A 258 31.19 1.57 0.50
CA ILE A 258 31.26 2.88 1.10
C ILE A 258 30.09 3.72 0.70
N GLY A 259 29.46 4.33 1.67
CA GLY A 259 28.44 5.32 1.41
C GLY A 259 27.15 4.76 0.81
N ARG A 260 26.42 5.63 0.14
CA ARG A 260 25.09 5.36 -0.34
C ARG A 260 25.00 5.83 -1.77
N GLY A 261 24.39 5.02 -2.62
CA GLY A 261 24.09 5.41 -3.99
C GLY A 261 22.77 4.82 -4.45
N LEU A 262 22.28 5.30 -5.59
CA LEU A 262 21.06 4.81 -6.19
C LEU A 262 21.41 3.85 -7.30
N GLY A 263 20.95 2.61 -7.20
CA GLY A 263 21.29 1.58 -8.19
C GLY A 263 20.28 1.59 -9.29
N ILE A 264 20.73 1.45 -10.54
CA ILE A 264 19.81 1.53 -11.68
C ILE A 264 20.01 0.38 -12.68
N GLN A 265 18.95 -0.35 -13.04
CA GLN A 265 19.02 -1.31 -14.16
C GLN A 265 18.40 -0.72 -15.42
N SER A 266 19.21 -0.50 -16.46
CA SER A 266 18.72 0.17 -17.68
C SER A 266 19.27 -0.27 -19.04
N ASP A 267 18.39 -0.25 -20.04
CA ASP A 267 18.66 -0.25 -21.50
C ASP A 267 19.26 1.06 -22.05
N ALA A 268 18.84 2.20 -21.50
CA ALA A 268 19.15 3.50 -22.09
C ALA A 268 20.60 3.97 -22.04
N PRO A 269 21.05 4.64 -23.09
CA PRO A 269 22.37 5.27 -23.11
C PRO A 269 22.43 6.47 -22.18
N ILE A 270 23.63 6.76 -21.74
CA ILE A 270 23.90 7.83 -20.80
C ILE A 270 23.95 9.15 -21.55
N ASP A 271 23.40 10.17 -20.90
CA ASP A 271 23.42 11.54 -21.37
C ASP A 271 23.85 12.38 -20.18
N ASN A 272 25.10 12.84 -20.23
CA ASN A 272 25.70 13.52 -19.09
C ASN A 272 25.47 15.00 -19.12
N ASN A 273 24.69 15.43 -20.10
CA ASN A 273 24.39 16.84 -20.21
C ASN A 273 22.91 17.12 -19.85
N CYS A 274 22.26 16.09 -19.32
CA CYS A 274 20.85 16.08 -18.92
C CYS A 274 20.65 15.79 -17.43
N GLU A 275 19.74 16.50 -16.77
CA GLU A 275 19.49 16.27 -15.33
C GLU A 275 18.19 15.55 -15.07
N SER A 276 18.16 14.66 -14.09
CA SER A 276 16.96 13.92 -13.73
C SER A 276 17.06 13.37 -12.34
N LYS A 277 15.93 12.86 -11.85
CA LYS A 277 15.74 12.41 -10.48
C LYS A 277 14.94 11.09 -10.50
N CYS A 278 14.47 10.72 -11.69
CA CYS A 278 13.58 9.57 -11.88
C CYS A 278 13.97 8.68 -13.05
N PHE A 279 14.12 7.39 -12.80
CA PHE A 279 14.69 6.48 -13.82
C PHE A 279 13.97 5.14 -13.91
N TRP A 280 14.13 4.48 -15.02
CA TRP A 280 13.57 3.19 -15.26
C TRP A 280 14.37 2.54 -16.34
N ARG A 281 14.00 1.38 -16.80
CA ARG A 281 14.70 0.60 -17.78
C ARG A 281 14.87 1.30 -19.08
N GLY A 282 13.94 2.16 -19.40
CA GLY A 282 13.91 2.81 -20.67
C GLY A 282 14.52 4.16 -20.73
N GLY A 283 14.91 4.66 -19.60
CA GLY A 283 15.55 5.92 -19.52
C GLY A 283 15.21 6.76 -18.33
N SER A 284 14.76 7.97 -18.57
CA SER A 284 14.55 8.92 -17.53
C SER A 284 13.20 9.51 -17.62
N ILE A 285 12.75 10.05 -16.54
CA ILE A 285 11.52 10.85 -16.58
C ILE A 285 11.61 12.23 -15.94
N ASN A 286 11.43 13.29 -16.73
CA ASN A 286 11.46 14.67 -16.19
C ASN A 286 10.12 15.35 -16.39
N THR A 287 9.32 15.49 -15.34
CA THR A 287 7.98 16.04 -15.50
C THR A 287 7.46 16.77 -14.27
N ARG A 288 6.58 17.72 -14.49
CA ARG A 288 5.95 18.42 -13.39
C ARG A 288 4.68 17.68 -12.92
N LEU A 289 4.15 16.81 -13.79
CA LEU A 289 2.90 16.05 -13.55
C LEU A 289 3.01 15.07 -12.39
N PRO A 290 1.93 14.93 -11.60
CA PRO A 290 1.93 14.02 -10.44
C PRO A 290 1.88 12.53 -10.82
N PHE A 291 1.43 12.19 -12.04
CA PHE A 291 1.23 10.80 -12.43
C PHE A 291 1.94 10.45 -13.74
N GLN A 292 2.05 9.16 -13.98
CA GLN A 292 2.85 8.68 -15.10
C GLN A 292 2.37 7.29 -15.56
N ASN A 293 2.48 7.00 -16.86
CA ASN A 293 2.05 5.70 -17.39
C ASN A 293 3.10 5.01 -18.27
N LEU A 294 4.37 5.39 -18.13
CA LEU A 294 5.43 4.75 -18.89
C LEU A 294 5.92 3.43 -18.34
N SER A 295 5.97 3.34 -17.01
CA SER A 295 6.54 2.21 -16.32
C SER A 295 6.03 2.04 -14.92
N PRO A 296 5.65 0.81 -14.59
CA PRO A 296 5.32 0.58 -13.18
C PRO A 296 6.58 0.30 -12.32
N ARG A 297 7.73 0.04 -12.93
CA ARG A 297 8.97 -0.12 -12.16
C ARG A 297 9.88 1.09 -12.35
N THR A 298 9.79 2.06 -11.45
CA THR A 298 10.71 3.18 -11.49
C THR A 298 11.50 3.24 -10.23
N VAL A 299 12.50 4.09 -10.24
CA VAL A 299 13.54 4.14 -9.24
C VAL A 299 13.87 5.61 -9.04
N GLY A 300 14.07 6.06 -7.81
CA GLY A 300 14.39 7.46 -7.59
C GLY A 300 13.24 8.29 -7.04
N GLN A 301 13.12 9.55 -7.48
CA GLN A 301 11.99 10.42 -7.08
C GLN A 301 11.03 10.64 -8.24
N CYS A 302 9.95 9.88 -8.23
CA CYS A 302 9.12 9.70 -9.41
C CYS A 302 7.67 10.06 -9.21
N PRO A 303 7.02 10.49 -10.29
CA PRO A 303 5.56 10.57 -10.25
C PRO A 303 5.02 9.18 -10.09
N LYS A 304 3.78 9.06 -9.60
CA LYS A 304 3.20 7.75 -9.33
C LYS A 304 2.59 7.13 -10.58
N TYR A 305 2.79 5.82 -10.71
CA TYR A 305 2.31 5.08 -11.86
C TYR A 305 0.79 4.81 -11.82
N VAL A 306 0.08 5.28 -12.83
CA VAL A 306 -1.35 5.00 -12.94
C VAL A 306 -1.71 4.18 -14.17
N ASN A 307 -2.70 3.32 -14.05
CA ASN A 307 -3.19 2.56 -15.19
C ASN A 307 -4.10 3.32 -16.18
N ARG A 308 -3.77 4.56 -16.52
CA ARG A 308 -4.59 5.29 -17.48
C ARG A 308 -3.76 5.89 -18.60
N ARG A 309 -4.40 6.13 -19.74
CA ARG A 309 -3.72 6.68 -20.89
C ARG A 309 -3.69 8.19 -20.74
N SER A 310 -4.74 8.70 -20.12
CA SER A 310 -4.93 10.13 -20.01
C SER A 310 -5.90 10.51 -18.89
N LEU A 311 -5.66 11.63 -18.22
CA LEU A 311 -6.59 12.16 -17.23
C LEU A 311 -6.60 13.68 -17.32
N MET A 312 -7.52 14.20 -18.12
CA MET A 312 -7.50 15.62 -18.44
C MET A 312 -8.07 16.44 -17.32
N LEU A 313 -7.36 17.51 -16.95
CA LEU A 313 -7.78 18.38 -15.85
C LEU A 313 -8.31 19.69 -16.42
N ALA A 314 -9.57 20.02 -16.14
CA ALA A 314 -10.15 21.24 -16.68
C ALA A 314 -9.46 22.49 -16.18
N THR A 315 -9.15 23.39 -17.08
CA THR A 315 -8.60 24.69 -16.70
C THR A 315 -9.40 25.77 -17.39
N GLY A 316 -10.68 25.50 -17.61
CA GLY A 316 -11.60 26.46 -18.19
C GLY A 316 -13.00 26.18 -17.70
N MET A 317 -13.99 26.92 -18.21
CA MET A 317 -15.38 26.73 -17.79
C MET A 317 -16.09 25.78 -18.76
N ARG A 318 -17.35 25.44 -18.47
CA ARG A 318 -18.20 24.75 -19.44
C ARG A 318 -18.20 25.50 -20.77
N ASN A 319 -18.01 24.76 -21.86
CA ASN A 319 -18.00 25.37 -23.18
C ASN A 319 -19.38 25.18 -23.79
N VAL A 320 -20.04 26.33 -24.00
CA VAL A 320 -21.38 26.42 -24.54
C VAL A 320 -21.30 27.25 -25.79
N PRO A 321 -21.24 26.59 -26.95
CA PRO A 321 -20.95 27.37 -28.16
C PRO A 321 -22.21 28.02 -28.67
N GLU A 322 -22.06 29.03 -29.53
CA GLU A 322 -23.18 29.90 -29.90
C GLU A 322 -24.32 29.19 -30.64
N LEU B 1 -23.95 24.05 -8.55
CA LEU B 1 -24.11 24.89 -9.75
C LEU B 1 -24.91 26.16 -9.44
N PHE B 2 -24.58 27.21 -10.18
CA PHE B 2 -25.27 28.47 -10.09
C PHE B 2 -26.01 28.57 -11.42
N GLY B 3 -27.17 29.20 -11.48
CA GLY B 3 -27.99 29.02 -12.67
C GLY B 3 -27.45 29.64 -13.96
N ALA B 4 -26.20 30.11 -13.95
CA ALA B 4 -25.76 31.00 -14.99
C ALA B 4 -25.20 30.31 -16.24
N ILE B 5 -23.99 29.80 -16.17
CA ILE B 5 -23.28 29.46 -17.41
C ILE B 5 -23.97 28.40 -18.30
N ALA B 6 -24.32 27.25 -17.76
CA ALA B 6 -25.09 26.33 -18.61
C ALA B 6 -26.55 26.45 -18.25
N GLY B 7 -26.95 27.66 -17.89
CA GLY B 7 -28.30 27.91 -17.43
C GLY B 7 -28.98 29.07 -18.13
N PHE B 8 -29.14 30.18 -17.43
CA PHE B 8 -29.99 31.23 -17.94
C PHE B 8 -29.26 32.10 -18.97
N LEU B 9 -27.93 32.11 -18.92
CA LEU B 9 -27.15 32.60 -20.05
C LEU B 9 -27.27 31.56 -21.17
N GLU B 10 -27.80 31.94 -22.33
CA GLU B 10 -28.17 30.95 -23.35
C GLU B 10 -26.97 30.23 -23.90
N ASN B 11 -25.91 31.00 -24.16
CA ASN B 11 -24.68 30.44 -24.66
C ASN B 11 -23.48 31.36 -24.37
N GLY B 12 -22.31 30.94 -24.81
CA GLY B 12 -21.11 31.73 -24.64
C GLY B 12 -20.83 32.57 -25.85
N TRP B 13 -20.00 33.57 -25.67
CA TRP B 13 -19.57 34.44 -26.76
C TRP B 13 -18.20 34.05 -27.35
N GLU B 14 -18.21 33.43 -28.53
CA GLU B 14 -16.95 33.04 -29.18
C GLU B 14 -16.09 34.22 -29.56
N GLY B 15 -16.68 35.42 -29.60
CA GLY B 15 -15.99 36.61 -30.03
C GLY B 15 -15.22 37.29 -28.92
N MET B 16 -15.60 37.00 -27.68
CA MET B 16 -14.92 37.63 -26.56
C MET B 16 -13.59 36.95 -26.29
N VAL B 17 -12.50 37.56 -26.72
CA VAL B 17 -11.21 36.86 -26.65
C VAL B 17 -10.16 37.71 -25.93
N ASP B 18 -10.61 38.56 -25.02
CA ASP B 18 -9.69 39.18 -24.06
C ASP B 18 -10.04 38.69 -22.67
N GLY B 19 -11.31 38.41 -22.43
CA GLY B 19 -11.76 38.02 -21.11
C GLY B 19 -12.36 36.63 -21.00
N TRP B 20 -12.71 36.27 -19.76
CA TRP B 20 -13.56 35.12 -19.44
C TRP B 20 -15.01 35.57 -19.27
N TYR B 21 -15.15 36.76 -18.71
CA TYR B 21 -16.45 37.39 -18.46
C TYR B 21 -16.48 38.81 -19.05
N GLY B 22 -17.65 39.21 -19.55
CA GLY B 22 -17.74 40.52 -20.17
C GLY B 22 -19.13 41.12 -20.27
N PHE B 23 -19.13 42.35 -20.77
CA PHE B 23 -20.34 43.05 -21.14
C PHE B 23 -20.47 43.22 -22.64
N ARG B 24 -21.71 43.12 -23.12
CA ARG B 24 -22.10 43.69 -24.39
C ARG B 24 -23.12 44.79 -24.05
N HIS B 25 -23.11 45.90 -24.80
CA HIS B 25 -24.15 46.91 -24.62
C HIS B 25 -24.78 47.32 -25.94
N GLN B 26 -25.94 47.97 -25.84
CA GLN B 26 -26.58 48.61 -27.00
C GLN B 26 -27.28 49.88 -26.54
N ASN B 27 -26.64 51.03 -26.72
CA ASN B 27 -27.34 52.28 -26.54
C ASN B 27 -27.59 52.87 -27.93
N ALA B 28 -27.93 54.15 -27.99
CA ALA B 28 -28.42 54.73 -29.23
C ALA B 28 -27.27 55.04 -30.15
N GLN B 29 -26.09 55.17 -29.56
CA GLN B 29 -24.92 55.55 -30.33
C GLN B 29 -24.07 54.33 -30.75
N GLY B 30 -24.61 53.11 -30.61
CA GLY B 30 -23.95 51.93 -31.12
C GLY B 30 -23.98 50.67 -30.24
N THR B 31 -23.41 49.58 -30.75
CA THR B 31 -23.23 48.34 -30.00
C THR B 31 -21.75 48.03 -29.79
N GLY B 32 -21.38 47.77 -28.55
CA GLY B 32 -20.00 47.44 -28.22
C GLY B 32 -19.75 46.30 -27.22
N GLN B 33 -18.51 45.82 -27.18
CA GLN B 33 -18.15 44.72 -26.29
C GLN B 33 -17.03 45.12 -25.35
N ALA B 34 -16.94 44.45 -24.20
CA ALA B 34 -15.85 44.70 -23.25
C ALA B 34 -15.75 43.57 -22.22
N ALA B 35 -14.53 43.27 -21.81
CA ALA B 35 -14.27 42.19 -20.86
C ALA B 35 -14.02 42.72 -19.46
N ASP B 36 -14.37 41.93 -18.45
CA ASP B 36 -14.17 42.37 -17.07
C ASP B 36 -12.96 41.75 -16.42
N TYR B 37 -11.91 42.54 -16.24
CA TYR B 37 -10.66 42.03 -15.69
C TYR B 37 -10.80 41.44 -14.29
N LYS B 38 -11.57 42.08 -13.41
CA LYS B 38 -11.62 41.64 -12.01
C LYS B 38 -12.05 40.19 -11.89
N SER B 39 -13.26 39.91 -12.38
CA SER B 39 -13.86 38.60 -12.16
C SER B 39 -13.14 37.50 -12.95
N THR B 40 -12.60 37.83 -14.12
CA THR B 40 -11.91 36.76 -14.85
C THR B 40 -10.64 36.39 -14.11
N GLN B 41 -9.94 37.41 -13.59
CA GLN B 41 -8.72 37.19 -12.87
C GLN B 41 -8.98 36.42 -11.58
N ALA B 42 -10.17 36.62 -11.00
CA ALA B 42 -10.58 35.85 -9.83
C ALA B 42 -10.58 34.38 -10.16
N ALA B 43 -11.13 34.03 -11.31
CA ALA B 43 -11.28 32.64 -11.69
C ALA B 43 -9.93 32.04 -12.13
N ILE B 44 -9.10 32.84 -12.77
CA ILE B 44 -7.82 32.35 -13.23
C ILE B 44 -6.85 32.11 -12.04
N ASP B 45 -6.95 32.91 -10.98
CA ASP B 45 -6.11 32.72 -9.80
C ASP B 45 -6.45 31.41 -9.14
N GLN B 46 -7.72 31.06 -9.21
CA GLN B 46 -8.16 29.80 -8.67
C GLN B 46 -7.77 28.61 -9.54
N ILE B 47 -7.54 28.84 -10.83
CA ILE B 47 -7.12 27.75 -11.71
C ILE B 47 -5.63 27.49 -11.45
N THR B 48 -4.80 28.52 -11.60
CA THR B 48 -3.36 28.40 -11.37
C THR B 48 -3.07 27.94 -9.94
N GLY B 49 -3.99 28.21 -9.01
CA GLY B 49 -3.89 27.69 -7.66
C GLY B 49 -4.04 26.18 -7.58
N LYS B 50 -4.98 25.63 -8.35
CA LYS B 50 -5.12 24.18 -8.46
C LYS B 50 -3.88 23.57 -9.08
N LEU B 51 -3.40 24.21 -10.14
CA LEU B 51 -2.32 23.67 -10.93
C LEU B 51 -1.08 23.63 -10.10
N ASN B 52 -0.82 24.74 -9.43
CA ASN B 52 0.19 24.77 -8.38
C ASN B 52 0.08 23.59 -7.45
N ARG B 53 -1.08 23.33 -6.87
CA ARG B 53 -1.23 22.19 -5.96
C ARG B 53 -0.84 20.88 -6.66
N LEU B 54 -1.25 20.74 -7.90
CA LEU B 54 -1.03 19.54 -8.70
C LEU B 54 0.46 19.25 -8.98
N VAL B 55 1.21 20.28 -9.33
CA VAL B 55 2.64 20.08 -9.57
C VAL B 55 3.45 20.37 -8.31
N GLU B 56 2.83 20.99 -7.31
CA GLU B 56 3.57 21.43 -6.12
C GLU B 56 3.66 20.22 -5.22
N LYS B 57 4.31 19.19 -5.75
CA LYS B 57 4.47 17.93 -5.05
C LYS B 57 5.96 17.63 -4.99
N THR B 58 6.40 17.29 -3.77
CA THR B 58 7.76 16.83 -3.52
C THR B 58 7.75 15.33 -3.16
N ASN B 59 8.78 14.64 -3.64
CA ASN B 59 8.75 13.19 -3.68
C ASN B 59 9.74 12.46 -2.77
N THR B 60 9.31 11.29 -2.31
CA THR B 60 10.15 10.31 -1.63
C THR B 60 11.04 9.54 -2.61
N GLU B 61 12.23 9.18 -2.19
CA GLU B 61 13.11 8.44 -3.05
C GLU B 61 12.87 6.93 -2.93
N PHE B 62 12.69 6.25 -4.05
CA PHE B 62 12.51 4.79 -4.02
C PHE B 62 13.64 4.04 -4.71
N GLU B 63 13.98 2.90 -4.15
CA GLU B 63 14.99 2.03 -4.70
C GLU B 63 14.32 0.85 -5.37
N SER B 64 15.07 0.12 -6.17
CA SER B 64 14.54 -1.07 -6.82
C SER B 64 14.29 -2.25 -5.87
N ILE B 65 13.15 -2.91 -6.02
CA ILE B 65 12.97 -4.17 -5.31
C ILE B 65 12.71 -5.31 -6.29
N GLU B 66 12.89 -5.05 -7.57
CA GLU B 66 12.57 -6.03 -8.60
C GLU B 66 13.70 -6.12 -9.63
N SER B 67 14.34 -7.26 -9.81
CA SER B 67 15.42 -7.28 -10.78
C SER B 67 14.90 -7.29 -12.20
N GLU B 68 15.31 -6.29 -12.96
CA GLU B 68 15.10 -6.26 -14.40
C GLU B 68 15.76 -7.41 -15.16
N PHE B 69 16.90 -7.88 -14.67
CA PHE B 69 17.85 -8.59 -15.50
C PHE B 69 18.17 -9.99 -14.94
N SER B 70 17.50 -10.37 -13.87
CA SER B 70 17.81 -11.67 -13.29
C SER B 70 16.55 -12.22 -12.66
N GLU B 71 16.54 -13.51 -12.37
CA GLU B 71 15.33 -14.15 -11.87
C GLU B 71 15.19 -13.90 -10.36
N ILE B 72 13.99 -13.56 -9.92
CA ILE B 72 13.75 -13.36 -8.50
C ILE B 72 13.02 -14.59 -7.93
N GLU B 73 13.23 -14.90 -6.65
CA GLU B 73 12.55 -16.06 -6.07
C GLU B 73 11.00 -15.95 -6.17
N HIS B 74 10.37 -17.06 -6.54
CA HIS B 74 8.97 -17.04 -6.93
C HIS B 74 8.00 -16.42 -5.91
N GLN B 75 8.12 -16.83 -4.66
CA GLN B 75 7.17 -16.38 -3.64
C GLN B 75 7.35 -14.88 -3.33
N ILE B 76 8.58 -14.46 -3.09
CA ILE B 76 8.84 -13.04 -2.80
C ILE B 76 8.45 -12.17 -4.01
N GLY B 77 8.58 -12.71 -5.22
CA GLY B 77 8.22 -12.02 -6.45
C GLY B 77 6.73 -11.85 -6.54
N ASN B 78 6.02 -12.88 -6.07
CA ASN B 78 4.56 -12.81 -6.01
C ASN B 78 4.05 -11.79 -4.99
N VAL B 79 4.71 -11.71 -3.84
CA VAL B 79 4.38 -10.70 -2.85
C VAL B 79 4.59 -9.28 -3.38
N ILE B 80 5.75 -9.08 -3.99
CA ILE B 80 6.07 -7.81 -4.59
C ILE B 80 5.06 -7.43 -5.67
N ASN B 81 4.66 -8.37 -6.52
CA ASN B 81 3.67 -8.09 -7.55
C ASN B 81 2.30 -7.73 -6.94
N TRP B 82 1.94 -8.40 -5.85
CA TRP B 82 0.65 -8.12 -5.25
C TRP B 82 0.65 -6.72 -4.65
N THR B 83 1.68 -6.43 -3.88
CA THR B 83 1.83 -5.12 -3.29
C THR B 83 1.84 -4.02 -4.37
N LYS B 84 2.70 -4.18 -5.37
CA LYS B 84 2.87 -3.18 -6.40
C LYS B 84 1.60 -2.91 -7.17
N ASP B 85 0.87 -3.94 -7.54
CA ASP B 85 -0.39 -3.74 -8.22
C ASP B 85 -1.38 -3.08 -7.28
N SER B 86 -1.32 -3.44 -6.00
CA SER B 86 -2.31 -2.96 -5.06
C SER B 86 -2.11 -1.48 -4.81
N ILE B 87 -0.86 -1.03 -4.90
CA ILE B 87 -0.52 0.38 -4.74
C ILE B 87 -1.00 1.12 -5.98
N THR B 88 -0.91 0.47 -7.12
CA THR B 88 -1.24 1.10 -8.38
C THR B 88 -2.75 1.30 -8.52
N ASP B 89 -3.52 0.31 -8.08
CA ASP B 89 -4.97 0.44 -8.03
C ASP B 89 -5.36 1.66 -7.16
N ILE B 90 -4.69 1.78 -6.01
CA ILE B 90 -4.93 2.91 -5.12
C ILE B 90 -4.57 4.22 -5.80
N TRP B 91 -3.43 4.28 -6.48
CA TRP B 91 -3.08 5.53 -7.17
C TRP B 91 -3.98 5.79 -8.36
N THR B 92 -4.34 4.77 -9.13
CA THR B 92 -5.16 5.01 -10.30
C THR B 92 -6.53 5.50 -9.89
N TYR B 93 -7.04 4.90 -8.84
CA TYR B 93 -8.29 5.33 -8.27
C TYR B 93 -8.18 6.76 -7.74
N GLN B 94 -7.06 7.05 -7.08
CA GLN B 94 -6.84 8.38 -6.52
C GLN B 94 -6.75 9.48 -7.57
N ALA B 95 -6.10 9.19 -8.68
CA ALA B 95 -5.95 10.14 -9.74
C ALA B 95 -7.29 10.43 -10.42
N GLU B 96 -8.07 9.37 -10.65
CA GLU B 96 -9.40 9.50 -11.26
C GLU B 96 -10.26 10.36 -10.36
N LEU B 97 -10.18 10.10 -9.06
CA LEU B 97 -11.02 10.81 -8.11
C LEU B 97 -10.57 12.25 -8.09
N LEU B 98 -9.26 12.45 -8.07
CA LEU B 98 -8.70 13.78 -8.01
C LEU B 98 -9.26 14.63 -9.16
N VAL B 99 -9.17 14.09 -10.37
CA VAL B 99 -9.51 14.88 -11.54
C VAL B 99 -11.03 15.12 -11.65
N ALA B 100 -11.82 14.11 -11.29
CA ALA B 100 -13.27 14.21 -11.41
C ALA B 100 -13.81 15.17 -10.38
N MET B 101 -13.21 15.14 -9.20
CA MET B 101 -13.61 15.99 -8.10
C MET B 101 -13.18 17.44 -8.34
N GLU B 102 -12.04 17.61 -8.99
CA GLU B 102 -11.48 18.92 -9.14
C GLU B 102 -12.02 19.61 -10.38
N ASN B 103 -12.39 18.83 -11.39
CA ASN B 103 -13.12 19.35 -12.53
C ASN B 103 -14.53 19.79 -12.17
N GLN B 104 -15.18 19.08 -11.25
CA GLN B 104 -16.50 19.50 -10.81
C GLN B 104 -16.43 20.85 -10.16
N HIS B 105 -15.50 21.01 -9.23
CA HIS B 105 -15.40 22.25 -8.48
C HIS B 105 -15.00 23.41 -9.41
N THR B 106 -14.15 23.13 -10.41
CA THR B 106 -13.71 24.14 -11.37
C THR B 106 -14.86 24.69 -12.25
N ILE B 107 -15.63 23.79 -12.84
CA ILE B 107 -16.77 24.16 -13.64
C ILE B 107 -17.76 25.04 -12.86
N ASP B 108 -18.05 24.64 -11.63
CA ASP B 108 -18.97 25.37 -10.76
C ASP B 108 -18.41 26.69 -10.20
N MET B 109 -17.11 26.75 -10.00
CA MET B 109 -16.45 27.96 -9.52
C MET B 109 -16.50 29.04 -10.59
N ALA B 110 -16.25 28.64 -11.84
CA ALA B 110 -16.34 29.56 -12.97
C ALA B 110 -17.73 30.16 -13.05
N ASP B 111 -18.72 29.30 -12.80
CA ASP B 111 -20.14 29.65 -12.79
C ASP B 111 -20.42 30.65 -11.67
N SER B 112 -19.82 30.44 -10.49
CA SER B 112 -20.06 31.34 -9.38
C SER B 112 -19.45 32.71 -9.67
N GLU B 113 -18.31 32.78 -10.33
CA GLU B 113 -17.73 34.10 -10.64
C GLU B 113 -18.54 34.81 -11.75
N MET B 114 -19.18 34.03 -12.61
CA MET B 114 -20.10 34.56 -13.60
C MET B 114 -21.33 35.19 -12.92
N LEU B 115 -21.93 34.46 -11.99
CA LEU B 115 -23.05 34.95 -11.25
C LEU B 115 -22.66 36.14 -10.37
N ASN B 116 -21.52 36.06 -9.70
CA ASN B 116 -21.15 37.13 -8.79
C ASN B 116 -20.98 38.47 -9.48
N LEU B 117 -20.67 38.42 -10.78
CA LEU B 117 -20.57 39.63 -11.58
C LEU B 117 -21.99 40.11 -11.91
N TYR B 118 -22.85 39.21 -12.37
CA TYR B 118 -24.22 39.55 -12.64
C TYR B 118 -24.90 40.19 -11.43
N GLU B 119 -24.74 39.59 -10.24
CA GLU B 119 -25.34 40.15 -9.02
C GLU B 119 -24.80 41.54 -8.69
N ARG B 120 -23.50 41.74 -8.86
CA ARG B 120 -22.91 43.05 -8.58
C ARG B 120 -23.53 44.13 -9.43
N VAL B 121 -23.67 43.86 -10.72
CA VAL B 121 -24.23 44.84 -11.63
C VAL B 121 -25.68 45.10 -11.27
N ARG B 122 -26.40 44.02 -11.00
CA ARG B 122 -27.80 44.17 -10.65
C ARG B 122 -28.01 45.03 -9.42
N LYS B 123 -27.18 44.85 -8.41
CA LYS B 123 -27.36 45.61 -7.15
C LYS B 123 -26.93 47.05 -7.38
N GLN B 124 -26.06 47.21 -8.35
CA GLN B 124 -25.52 48.51 -8.72
C GLN B 124 -26.57 49.35 -9.45
N LEU B 125 -27.26 48.76 -10.41
CA LEU B 125 -28.25 49.49 -11.18
C LEU B 125 -29.46 49.86 -10.32
N ARG B 126 -29.68 49.09 -9.26
CA ARG B 126 -30.76 49.37 -8.30
C ARG B 126 -32.13 49.46 -8.99
N GLN B 127 -32.89 50.52 -8.73
CA GLN B 127 -34.24 50.65 -9.24
C GLN B 127 -34.28 51.14 -10.66
N ASN B 128 -33.10 51.49 -11.17
CA ASN B 128 -32.99 52.01 -12.54
C ASN B 128 -33.09 51.00 -13.69
N ALA B 129 -33.14 49.71 -13.39
CA ALA B 129 -33.13 48.69 -14.44
C ALA B 129 -33.92 47.44 -14.09
N GLU B 130 -34.27 46.67 -15.11
CA GLU B 130 -34.96 45.40 -14.90
C GLU B 130 -34.33 44.31 -15.75
N GLU B 131 -34.43 43.08 -15.29
CA GLU B 131 -33.86 41.98 -16.03
C GLU B 131 -34.89 41.06 -16.63
N ASP B 132 -34.80 40.92 -17.94
CA ASP B 132 -35.38 39.86 -18.74
C ASP B 132 -35.15 38.45 -18.26
N GLY B 133 -33.91 38.05 -18.19
CA GLY B 133 -33.59 36.75 -17.69
C GLY B 133 -32.76 35.94 -18.65
N LYS B 134 -32.02 36.60 -19.49
CA LYS B 134 -31.05 35.95 -20.32
C LYS B 134 -29.72 36.57 -19.95
N GLY B 135 -29.66 37.23 -18.81
CA GLY B 135 -28.40 37.84 -18.42
C GLY B 135 -28.28 39.30 -18.79
N CYS B 136 -29.37 39.84 -19.32
CA CYS B 136 -29.39 41.24 -19.73
C CYS B 136 -30.11 42.13 -18.74
N PHE B 137 -29.70 43.39 -18.72
CA PHE B 137 -30.43 44.40 -17.97
C PHE B 137 -31.05 45.43 -18.91
N GLU B 138 -32.37 45.45 -18.97
CA GLU B 138 -33.07 46.53 -19.67
C GLU B 138 -33.02 47.76 -18.78
N ILE B 139 -32.29 48.77 -19.23
CA ILE B 139 -32.15 50.04 -18.52
C ILE B 139 -33.20 51.07 -18.94
N TYR B 140 -33.76 51.78 -17.96
CA TYR B 140 -34.87 52.70 -18.23
C TYR B 140 -34.42 54.14 -18.17
N HIS B 141 -33.28 54.42 -18.78
CA HIS B 141 -32.84 55.79 -18.99
C HIS B 141 -31.74 55.81 -20.04
N ALA B 142 -31.37 56.99 -20.51
CA ALA B 142 -30.38 57.09 -21.57
C ALA B 142 -28.96 56.82 -21.04
N CYS B 143 -28.43 55.66 -21.38
CA CYS B 143 -27.11 55.38 -20.87
C CYS B 143 -26.05 55.66 -21.93
N ASP B 144 -25.33 56.73 -21.69
CA ASP B 144 -24.18 57.17 -22.47
C ASP B 144 -23.06 56.10 -22.59
N ASP B 145 -22.16 56.29 -23.55
CA ASP B 145 -20.98 55.44 -23.68
C ASP B 145 -20.14 55.64 -22.41
N SER B 146 -20.12 56.86 -21.90
CA SER B 146 -19.35 57.13 -20.67
C SER B 146 -20.16 56.69 -19.44
N CYS B 147 -21.47 56.56 -19.61
CA CYS B 147 -22.31 56.00 -18.55
C CYS B 147 -22.14 54.48 -18.47
N MET B 148 -22.13 53.83 -19.64
CA MET B 148 -21.86 52.40 -19.73
C MET B 148 -20.53 52.06 -19.06
N GLU B 149 -19.50 52.82 -19.39
CA GLU B 149 -18.19 52.56 -18.82
C GLU B 149 -18.24 52.74 -17.32
N SER B 150 -19.15 53.59 -16.87
CA SER B 150 -19.37 53.85 -15.46
C SER B 150 -19.93 52.66 -14.69
N ILE B 151 -20.76 51.89 -15.39
CA ILE B 151 -21.32 50.67 -14.83
C ILE B 151 -20.23 49.62 -14.74
N ARG B 152 -19.38 49.55 -15.76
CA ARG B 152 -18.26 48.63 -15.73
C ARG B 152 -17.20 49.08 -14.74
N ASN B 153 -17.06 50.40 -14.55
CA ASN B 153 -16.10 50.98 -13.61
C ASN B 153 -16.42 50.64 -12.14
N ASN B 154 -17.67 50.27 -11.92
CA ASN B 154 -18.34 50.37 -10.62
C ASN B 154 -18.55 51.81 -10.16
N THR B 155 -18.26 52.78 -11.05
CA THR B 155 -18.48 54.21 -10.78
C THR B 155 -19.96 54.57 -10.59
N TYR B 156 -20.81 53.95 -11.41
CA TYR B 156 -22.22 54.31 -11.58
C TYR B 156 -22.94 54.76 -10.31
N ASP B 157 -23.46 55.99 -10.37
CA ASP B 157 -24.29 56.53 -9.29
C ASP B 157 -25.76 56.38 -9.66
N HIS B 158 -26.42 55.44 -9.00
CA HIS B 158 -27.78 55.12 -9.35
C HIS B 158 -28.73 56.27 -9.06
N SER B 159 -28.39 57.09 -8.08
CA SER B 159 -29.26 58.19 -7.68
C SER B 159 -29.32 59.25 -8.80
N GLN B 160 -28.22 59.43 -9.52
CA GLN B 160 -28.13 60.40 -10.62
C GLN B 160 -29.20 60.23 -11.73
N TYR B 161 -29.63 59.00 -11.98
CA TYR B 161 -30.57 58.73 -13.08
C TYR B 161 -31.91 58.23 -12.57
N ARG B 162 -32.01 58.09 -11.26
CA ARG B 162 -33.10 57.34 -10.66
C ARG B 162 -34.48 57.80 -11.13
N GLU B 163 -34.73 59.10 -11.03
CA GLU B 163 -36.06 59.65 -11.27
C GLU B 163 -36.49 59.52 -12.73
N GLU B 164 -35.56 59.76 -13.65
CA GLU B 164 -35.85 59.54 -15.07
C GLU B 164 -36.22 58.09 -15.32
N ALA B 165 -35.49 57.18 -14.66
CA ALA B 165 -35.70 55.75 -14.81
C ALA B 165 -36.98 55.30 -14.13
N LEU B 166 -37.18 55.71 -12.89
CA LEU B 166 -38.44 55.40 -12.20
C LEU B 166 -39.67 55.89 -12.97
N LEU B 167 -39.54 57.04 -13.62
CA LEU B 167 -40.62 57.60 -14.42
C LEU B 167 -40.86 56.69 -15.61
N ASN B 168 -39.79 56.44 -16.37
CA ASN B 168 -39.84 55.55 -17.53
C ASN B 168 -40.37 54.13 -17.23
N ARG B 169 -40.03 53.60 -16.06
CA ARG B 169 -40.45 52.26 -15.64
C ARG B 169 -41.95 52.13 -15.37
N LEU B 170 -42.48 53.12 -14.63
CA LEU B 170 -43.86 53.11 -14.19
C LEU B 170 -44.86 53.39 -15.30
N ASN B 171 -44.43 53.98 -16.41
CA ASN B 171 -45.29 54.08 -17.61
C ASN B 171 -44.67 53.51 -18.90
N ASP C 5 -54.25 35.29 -5.76
CA ASP C 5 -53.59 34.62 -6.89
C ASP C 5 -52.10 34.40 -6.66
N LYS C 6 -51.68 33.14 -6.60
CA LYS C 6 -50.27 32.86 -6.36
C LYS C 6 -49.78 31.52 -6.94
N ILE C 7 -48.46 31.42 -7.10
CA ILE C 7 -47.83 30.20 -7.56
C ILE C 7 -46.66 29.82 -6.63
N CYS C 8 -46.61 28.55 -6.25
CA CYS C 8 -45.62 28.08 -5.30
C CYS C 8 -44.71 27.00 -5.88
N LEU C 9 -43.46 27.02 -5.41
CA LEU C 9 -42.43 26.09 -5.86
C LEU C 9 -42.03 25.16 -4.72
N GLY C 10 -41.91 23.87 -5.05
CA GLY C 10 -41.61 22.85 -4.04
C GLY C 10 -41.01 21.55 -4.57
N HIS C 11 -40.43 20.78 -3.65
CA HIS C 11 -39.79 19.48 -3.92
C HIS C 11 -40.50 18.33 -3.28
N HIS C 12 -40.31 17.12 -3.80
CA HIS C 12 -40.98 16.01 -3.17
C HIS C 12 -40.32 15.64 -1.85
N ALA C 13 -40.95 14.68 -1.21
CA ALA C 13 -40.48 14.08 0.01
C ALA C 13 -41.16 12.72 0.12
N VAL C 14 -40.65 11.87 1.00
CA VAL C 14 -41.22 10.55 1.21
C VAL C 14 -41.34 10.26 2.71
N ALA C 15 -42.25 9.37 3.07
CA ALA C 15 -42.57 9.11 4.48
C ALA C 15 -41.43 8.39 5.17
N ASN C 16 -40.98 7.28 4.56
CA ASN C 16 -39.87 6.50 5.10
C ASN C 16 -38.56 6.75 4.33
N GLY C 17 -37.79 7.71 4.83
CA GLY C 17 -36.50 8.05 4.26
C GLY C 17 -35.38 7.16 4.74
N THR C 18 -34.18 7.32 4.17
CA THR C 18 -32.99 6.57 4.60
C THR C 18 -31.83 7.50 4.96
N ILE C 19 -31.03 7.06 5.94
CA ILE C 19 -29.95 7.87 6.50
C ILE C 19 -28.63 7.60 5.79
N VAL C 20 -27.90 8.67 5.49
CA VAL C 20 -26.56 8.57 4.94
C VAL C 20 -25.62 9.45 5.76
N LYS C 21 -24.32 9.35 5.50
CA LYS C 21 -23.35 10.24 6.15
C LYS C 21 -22.80 11.23 5.15
N THR C 22 -22.53 12.43 5.63
CA THR C 22 -21.88 13.44 4.81
C THR C 22 -20.64 13.92 5.55
N LEU C 23 -19.98 14.91 4.99
CA LEU C 23 -18.76 15.43 5.57
C LEU C 23 -19.05 16.11 6.90
N THR C 24 -20.24 16.70 6.99
CA THR C 24 -20.62 17.52 8.13
C THR C 24 -21.64 16.92 9.09
N ASN C 25 -22.31 15.85 8.69
CA ASN C 25 -23.37 15.26 9.49
C ASN C 25 -23.42 13.77 9.28
N GLU C 26 -23.41 12.98 10.34
CA GLU C 26 -23.35 11.54 10.14
C GLU C 26 -24.71 10.89 10.23
N GLN C 27 -25.71 11.73 10.50
CA GLN C 27 -27.10 11.32 10.58
C GLN C 27 -27.96 12.22 9.68
N GLU C 28 -27.93 11.96 8.38
CA GLU C 28 -28.59 12.84 7.44
C GLU C 28 -29.70 12.12 6.68
N GLU C 29 -30.93 12.64 6.77
CA GLU C 29 -32.05 11.98 6.13
C GLU C 29 -32.20 12.42 4.67
N VAL C 30 -32.34 11.43 3.80
CA VAL C 30 -32.34 11.66 2.37
C VAL C 30 -33.52 10.86 1.76
N THR C 31 -33.95 11.14 0.53
CA THR C 31 -35.14 10.48 0.02
C THR C 31 -34.88 9.04 -0.44
N ASN C 32 -33.65 8.79 -0.83
CA ASN C 32 -33.21 7.48 -1.28
C ASN C 32 -31.69 7.32 -1.12
N ALA C 33 -31.23 6.08 -1.19
CA ALA C 33 -29.82 5.77 -1.04
C ALA C 33 -29.65 4.38 -1.58
N THR C 34 -28.39 4.00 -1.82
CA THR C 34 -28.06 2.66 -2.31
C THR C 34 -26.71 2.21 -1.74
N GLU C 35 -26.57 0.89 -1.54
CA GLU C 35 -25.34 0.35 -0.93
C GLU C 35 -24.14 0.48 -1.86
N THR C 36 -22.95 0.62 -1.28
CA THR C 36 -21.76 0.69 -2.12
C THR C 36 -20.84 -0.48 -1.76
N VAL C 37 -21.23 -1.23 -0.71
CA VAL C 37 -20.45 -2.35 -0.20
C VAL C 37 -21.24 -3.65 -0.19
N GLU C 38 -20.80 -4.61 -1.02
CA GLU C 38 -21.36 -5.96 -1.06
C GLU C 38 -21.22 -6.67 0.24
N SER C 39 -22.30 -7.31 0.69
CA SER C 39 -22.26 -8.06 1.93
C SER C 39 -22.58 -9.55 1.74
N THR C 40 -23.13 -9.91 0.59
CA THR C 40 -23.53 -11.29 0.32
C THR C 40 -22.84 -11.99 -0.85
N GLY C 41 -22.26 -13.11 -0.56
CA GLY C 41 -21.45 -13.77 -1.53
C GLY C 41 -22.22 -14.98 -1.86
N ILE C 42 -21.73 -15.68 -2.83
CA ILE C 42 -22.27 -16.93 -3.18
C ILE C 42 -21.40 -17.95 -2.55
N ASN C 43 -21.94 -18.72 -1.66
CA ASN C 43 -21.08 -19.74 -1.06
C ASN C 43 -20.98 -21.00 -1.91
N ARG C 44 -20.47 -20.82 -3.13
CA ARG C 44 -20.26 -21.91 -4.06
C ARG C 44 -19.17 -21.46 -5.00
N LEU C 45 -18.54 -22.37 -5.73
CA LEU C 45 -17.55 -21.93 -6.69
C LEU C 45 -18.17 -21.92 -8.06
N CYS C 46 -18.46 -20.71 -8.54
CA CYS C 46 -19.13 -20.51 -9.79
C CYS C 46 -18.16 -20.69 -10.96
N MET C 47 -18.18 -21.90 -11.55
CA MET C 47 -17.21 -22.30 -12.55
C MET C 47 -17.72 -22.24 -13.99
N LYS C 48 -18.87 -21.60 -14.20
CA LYS C 48 -19.41 -21.51 -15.54
C LYS C 48 -18.47 -20.72 -16.46
N GLY C 49 -18.28 -21.24 -17.68
CA GLY C 49 -17.41 -20.63 -18.66
C GLY C 49 -15.98 -21.07 -18.51
N ARG C 50 -15.64 -21.61 -17.34
CA ARG C 50 -14.28 -21.95 -16.99
C ARG C 50 -13.97 -23.42 -17.17
N LYS C 51 -12.95 -23.72 -17.95
CA LYS C 51 -12.43 -25.09 -17.99
C LYS C 51 -11.56 -25.27 -16.78
N HIS C 52 -12.12 -25.96 -15.79
CA HIS C 52 -11.52 -26.09 -14.49
C HIS C 52 -11.20 -27.51 -14.12
N LYS C 53 -10.42 -27.62 -13.03
CA LYS C 53 -10.03 -28.90 -12.49
C LYS C 53 -10.18 -28.84 -10.99
N ASP C 54 -11.06 -29.67 -10.45
CA ASP C 54 -11.18 -29.79 -9.00
C ASP C 54 -10.26 -30.89 -8.55
N LEU C 55 -9.24 -30.53 -7.78
CA LEU C 55 -8.21 -31.51 -7.39
C LEU C 55 -8.72 -32.46 -6.32
N GLY C 56 -9.88 -32.18 -5.74
CA GLY C 56 -10.34 -32.93 -4.59
C GLY C 56 -9.22 -33.08 -3.58
N ASN C 57 -8.91 -34.32 -3.21
CA ASN C 57 -7.92 -34.56 -2.16
C ASN C 57 -6.52 -34.77 -2.70
N CYS C 58 -6.29 -34.38 -3.94
CA CYS C 58 -4.96 -34.32 -4.48
C CYS C 58 -4.31 -32.95 -4.23
N HIS C 59 -3.17 -32.93 -3.53
CA HIS C 59 -2.39 -31.70 -3.38
C HIS C 59 -1.66 -31.38 -4.67
N PRO C 60 -1.55 -30.09 -5.05
CA PRO C 60 -0.78 -29.71 -6.24
C PRO C 60 0.59 -30.40 -6.37
N ILE C 61 1.41 -30.43 -5.33
CA ILE C 61 2.73 -31.07 -5.48
C ILE C 61 2.59 -32.53 -5.92
N GLY C 62 1.52 -33.17 -5.47
CA GLY C 62 1.25 -34.57 -5.77
C GLY C 62 1.01 -34.82 -7.23
N MET C 63 0.54 -33.82 -7.96
CA MET C 63 0.44 -33.95 -9.40
C MET C 63 1.81 -34.18 -10.03
N LEU C 64 2.87 -33.66 -9.42
CA LEU C 64 4.18 -33.69 -10.08
C LEU C 64 4.91 -35.00 -9.84
N ILE C 65 4.89 -35.48 -8.60
CA ILE C 65 5.52 -36.71 -8.20
C ILE C 65 4.64 -37.96 -8.38
N GLY C 66 3.40 -37.76 -8.79
CA GLY C 66 2.47 -38.86 -8.91
C GLY C 66 2.05 -39.65 -7.67
N THR C 67 1.63 -38.92 -6.65
CA THR C 67 0.94 -39.51 -5.53
C THR C 67 -0.34 -40.16 -6.01
N PRO C 68 -0.71 -41.33 -5.45
CA PRO C 68 -1.90 -42.01 -5.97
C PRO C 68 -3.17 -41.18 -5.84
N ALA C 69 -3.36 -40.41 -4.76
CA ALA C 69 -4.53 -39.51 -4.68
C ALA C 69 -4.66 -38.64 -5.96
N CYS C 70 -3.55 -38.46 -6.68
CA CYS C 70 -3.51 -37.63 -7.87
C CYS C 70 -3.49 -38.38 -9.16
N ASP C 71 -3.84 -39.67 -9.14
CA ASP C 71 -3.70 -40.46 -10.38
C ASP C 71 -4.53 -39.90 -11.53
N LEU C 72 -5.71 -39.35 -11.25
CA LEU C 72 -6.50 -38.69 -12.31
C LEU C 72 -6.13 -37.23 -12.58
N HIS C 73 -5.01 -36.78 -12.00
CA HIS C 73 -4.57 -35.40 -12.12
C HIS C 73 -3.09 -35.29 -12.48
N LEU C 74 -2.62 -36.17 -13.35
CA LEU C 74 -1.21 -36.18 -13.69
C LEU C 74 -0.90 -35.34 -14.91
N THR C 75 -1.90 -35.16 -15.78
CA THR C 75 -1.81 -34.30 -16.96
C THR C 75 -3.14 -33.55 -17.11
N GLY C 76 -3.16 -32.58 -18.02
CA GLY C 76 -4.39 -31.87 -18.24
C GLY C 76 -4.16 -30.44 -18.64
N MET C 77 -5.25 -29.80 -19.06
CA MET C 77 -5.28 -28.39 -19.38
C MET C 77 -6.41 -27.80 -18.59
N TRP C 78 -6.26 -26.56 -18.17
CA TRP C 78 -7.28 -25.97 -17.35
C TRP C 78 -6.99 -24.51 -17.29
N ASP C 79 -8.03 -23.71 -16.99
CA ASP C 79 -7.80 -22.29 -16.81
C ASP C 79 -8.05 -21.93 -15.35
N THR C 80 -8.63 -22.86 -14.60
CA THR C 80 -8.81 -22.69 -13.16
C THR C 80 -8.48 -23.97 -12.42
N LEU C 81 -7.63 -23.86 -11.41
CA LEU C 81 -7.19 -25.01 -10.64
C LEU C 81 -7.63 -24.80 -9.21
N ILE C 82 -8.36 -25.79 -8.66
CA ILE C 82 -8.97 -25.69 -7.32
C ILE C 82 -8.34 -26.63 -6.32
N GLU C 83 -7.85 -26.07 -5.22
CA GLU C 83 -7.16 -26.86 -4.19
C GLU C 83 -8.01 -26.99 -2.94
N ARG C 84 -8.10 -28.19 -2.38
CA ARG C 84 -8.99 -28.41 -1.24
C ARG C 84 -8.17 -28.59 0.01
N GLU C 85 -8.80 -28.42 1.17
CA GLU C 85 -8.07 -28.26 2.42
C GLU C 85 -7.19 -29.41 2.93
N ASN C 86 -7.60 -30.66 2.84
CA ASN C 86 -6.68 -31.63 3.43
C ASN C 86 -6.00 -32.49 2.35
N ALA C 87 -5.63 -31.84 1.26
CA ALA C 87 -5.16 -32.51 0.07
C ALA C 87 -3.86 -33.24 0.36
N ILE C 88 -3.70 -34.42 -0.24
CA ILE C 88 -2.54 -35.25 0.04
C ILE C 88 -1.40 -35.03 -0.95
N ALA C 89 -0.22 -34.80 -0.41
CA ALA C 89 0.92 -34.61 -1.27
C ALA C 89 1.83 -35.82 -1.13
N TYR C 90 1.94 -36.34 0.08
CA TYR C 90 2.86 -37.42 0.35
C TYR C 90 2.12 -38.60 0.86
N CYS C 91 2.38 -39.73 0.24
CA CYS C 91 2.01 -41.00 0.83
C CYS C 91 3.18 -41.46 1.72
N TYR C 92 4.33 -41.72 1.13
CA TYR C 92 5.57 -41.85 1.90
C TYR C 92 6.00 -40.50 2.49
N PRO C 93 6.19 -40.42 3.82
CA PRO C 93 6.39 -39.12 4.47
C PRO C 93 7.66 -38.41 3.99
N GLY C 94 7.57 -37.10 3.92
CA GLY C 94 8.72 -36.29 3.64
C GLY C 94 8.32 -34.84 3.58
N ALA C 95 9.15 -34.04 2.92
CA ALA C 95 8.89 -32.63 2.73
C ALA C 95 9.54 -32.27 1.42
N THR C 96 9.19 -31.11 0.90
CA THR C 96 9.77 -30.56 -0.32
C THR C 96 10.51 -29.28 0.02
N VAL C 97 11.63 -29.03 -0.62
CA VAL C 97 12.30 -27.76 -0.39
C VAL C 97 11.64 -26.72 -1.27
N ASN C 98 11.46 -25.52 -0.72
CA ASN C 98 10.69 -24.48 -1.38
C ASN C 98 9.33 -24.96 -1.86
N VAL C 99 8.62 -25.66 -0.97
CA VAL C 99 7.31 -26.21 -1.32
C VAL C 99 6.33 -25.11 -1.74
N GLU C 100 6.32 -23.99 -1.02
CA GLU C 100 5.34 -22.95 -1.33
C GLU C 100 5.54 -22.27 -2.70
N ALA C 101 6.77 -21.89 -3.04
CA ALA C 101 7.03 -21.43 -4.39
C ALA C 101 6.60 -22.46 -5.42
N LEU C 102 6.82 -23.74 -5.15
CA LEU C 102 6.41 -24.80 -6.09
C LEU C 102 4.88 -24.91 -6.20
N ARG C 103 4.19 -24.84 -5.08
CA ARG C 103 2.72 -24.92 -5.07
C ARG C 103 2.14 -23.77 -5.89
N GLN C 104 2.77 -22.60 -5.80
CA GLN C 104 2.25 -21.41 -6.47
C GLN C 104 2.47 -21.44 -7.97
N LYS C 105 3.64 -21.89 -8.41
CA LYS C 105 3.87 -22.16 -9.82
C LYS C 105 2.75 -23.05 -10.35
N ILE C 106 2.54 -24.20 -9.70
CA ILE C 106 1.54 -25.15 -10.18
C ILE C 106 0.18 -24.49 -10.22
N MET C 107 -0.14 -23.77 -9.15
CA MET C 107 -1.44 -23.13 -9.04
C MET C 107 -1.60 -21.94 -9.99
N GLU C 108 -0.50 -21.47 -10.59
CA GLU C 108 -0.59 -20.44 -11.62
C GLU C 108 -0.62 -20.99 -13.03
N SER C 109 -0.46 -22.30 -13.18
CA SER C 109 -0.35 -22.92 -14.49
C SER C 109 -1.70 -23.09 -15.20
N GLY C 110 -1.63 -23.37 -16.50
CA GLY C 110 -2.81 -23.63 -17.30
C GLY C 110 -2.87 -25.08 -17.73
N GLY C 111 -1.96 -25.89 -17.19
CA GLY C 111 -1.90 -27.30 -17.48
C GLY C 111 -0.57 -27.94 -17.11
N ILE C 112 -0.49 -29.25 -17.31
CA ILE C 112 0.72 -30.04 -17.07
C ILE C 112 0.82 -31.11 -18.15
N ASN C 113 1.98 -31.19 -18.81
CA ASN C 113 2.35 -32.37 -19.63
C ASN C 113 3.41 -33.18 -18.89
N LYS C 114 3.51 -34.44 -19.22
CA LYS C 114 4.55 -35.24 -18.63
C LYS C 114 5.46 -35.78 -19.73
N ILE C 115 6.77 -35.63 -19.57
CA ILE C 115 7.74 -36.15 -20.53
C ILE C 115 8.61 -37.17 -19.85
N SER C 116 8.85 -38.29 -20.50
CA SER C 116 9.61 -39.37 -19.89
C SER C 116 11.09 -39.02 -19.84
N THR C 117 11.79 -39.42 -18.79
CA THR C 117 13.22 -39.13 -18.71
C THR C 117 14.03 -40.16 -19.52
N GLY C 118 13.47 -41.36 -19.65
CA GLY C 118 14.11 -42.45 -20.34
C GLY C 118 15.25 -43.04 -19.53
N PHE C 119 15.26 -42.73 -18.23
CA PHE C 119 16.29 -43.27 -17.35
C PHE C 119 16.22 -44.78 -17.33
N THR C 120 17.37 -45.40 -17.27
CA THR C 120 17.46 -46.85 -17.44
C THR C 120 18.62 -47.34 -16.53
N TYR C 121 18.44 -48.49 -15.87
CA TYR C 121 19.34 -48.89 -14.79
C TYR C 121 19.91 -50.27 -15.00
N GLY C 122 21.16 -50.46 -14.56
CA GLY C 122 21.80 -51.76 -14.59
C GLY C 122 21.13 -52.82 -13.72
N SER C 123 21.47 -54.08 -13.96
CA SER C 123 20.76 -55.20 -13.35
C SER C 123 21.10 -55.41 -11.88
N SER C 124 22.08 -54.67 -11.36
CA SER C 124 22.39 -54.73 -9.92
C SER C 124 21.41 -53.84 -9.15
N ILE C 125 20.67 -53.03 -9.89
CA ILE C 125 19.65 -52.13 -9.33
C ILE C 125 18.23 -52.67 -9.50
N ASN C 126 17.49 -52.67 -8.41
CA ASN C 126 16.07 -52.84 -8.44
C ASN C 126 15.34 -51.49 -8.47
N SER C 127 14.62 -51.21 -9.57
CA SER C 127 13.91 -49.93 -9.73
C SER C 127 12.55 -49.92 -9.11
N ALA C 128 12.03 -51.11 -8.83
CA ALA C 128 10.60 -51.26 -8.55
C ALA C 128 10.35 -51.29 -7.04
N GLY C 129 11.17 -50.59 -6.28
CA GLY C 129 10.94 -50.55 -4.85
C GLY C 129 9.55 -50.03 -4.60
N THR C 130 8.80 -50.70 -3.73
CA THR C 130 7.50 -50.20 -3.28
C THR C 130 7.41 -50.13 -1.76
N THR C 131 6.28 -49.64 -1.26
CA THR C 131 6.12 -49.36 0.15
C THR C 131 4.64 -49.42 0.60
N ARG C 132 4.36 -49.97 1.78
CA ARG C 132 3.03 -49.91 2.40
C ARG C 132 2.41 -48.51 2.40
N ALA C 133 3.20 -47.47 2.15
CA ALA C 133 2.63 -46.13 2.33
C ALA C 133 1.95 -45.58 1.04
N CYS C 134 2.40 -45.99 -0.13
CA CYS C 134 1.68 -45.73 -1.38
C CYS C 134 0.90 -46.94 -1.82
N MET C 135 -0.40 -46.85 -1.74
CA MET C 135 -1.23 -47.97 -2.11
C MET C 135 -1.88 -47.76 -3.48
N ARG C 136 -1.95 -48.80 -4.29
CA ARG C 136 -2.81 -48.84 -5.47
C ARG C 136 -3.45 -50.22 -5.53
N ASN C 137 -4.72 -50.28 -5.89
CA ASN C 137 -5.52 -51.51 -5.73
C ASN C 137 -5.37 -52.12 -4.34
N GLY C 138 -5.09 -51.30 -3.34
CA GLY C 138 -4.94 -51.83 -2.01
C GLY C 138 -3.72 -52.69 -1.83
N GLY C 139 -2.67 -52.42 -2.61
CA GLY C 139 -1.40 -53.11 -2.43
C GLY C 139 -0.27 -52.13 -2.63
N ASN C 140 0.93 -52.52 -2.19
CA ASN C 140 2.09 -51.62 -2.18
C ASN C 140 2.45 -51.08 -3.53
N SER C 141 2.66 -49.77 -3.57
CA SER C 141 3.00 -49.05 -4.78
C SER C 141 4.13 -48.02 -4.47
N PHE C 142 4.29 -47.02 -5.34
CA PHE C 142 5.20 -45.92 -5.09
C PHE C 142 4.79 -44.75 -5.98
N TYR C 143 5.35 -43.57 -5.74
CA TYR C 143 5.04 -42.39 -6.56
C TYR C 143 5.19 -42.73 -8.04
N ALA C 144 4.14 -42.42 -8.80
CA ALA C 144 4.08 -42.80 -10.23
C ALA C 144 5.16 -42.13 -11.11
N GLU C 145 5.64 -40.95 -10.74
CA GLU C 145 6.57 -40.29 -11.65
C GLU C 145 8.00 -40.50 -11.22
N LEU C 146 8.18 -41.26 -10.14
CA LEU C 146 9.48 -41.46 -9.53
C LEU C 146 9.76 -42.95 -9.42
N LYS C 147 11.01 -43.28 -9.11
CA LYS C 147 11.31 -44.66 -8.86
C LYS C 147 12.25 -44.85 -7.67
N TRP C 148 11.88 -45.76 -6.77
CA TRP C 148 12.73 -46.05 -5.60
C TRP C 148 13.78 -47.05 -6.00
N LEU C 149 14.99 -46.56 -6.22
CA LEU C 149 16.09 -47.42 -6.60
C LEU C 149 16.70 -48.06 -5.36
N VAL C 150 16.91 -49.38 -5.40
CA VAL C 150 17.63 -50.07 -4.32
C VAL C 150 18.50 -51.20 -4.89
N SER C 151 19.47 -51.67 -4.10
CA SER C 151 20.30 -52.82 -4.46
C SER C 151 19.44 -54.06 -4.66
N LYS C 152 19.46 -54.66 -5.86
CA LYS C 152 18.67 -55.86 -6.10
C LYS C 152 19.04 -57.00 -5.16
N SER C 153 20.32 -57.05 -4.81
CA SER C 153 20.84 -57.98 -3.81
C SER C 153 20.93 -57.30 -2.44
N LYS C 154 19.99 -57.62 -1.57
CA LYS C 154 19.89 -57.02 -0.24
C LYS C 154 21.23 -56.92 0.44
N GLY C 155 21.55 -55.75 0.99
CA GLY C 155 22.82 -55.58 1.64
C GLY C 155 24.01 -55.18 0.77
N GLN C 156 23.92 -55.34 -0.56
CA GLN C 156 25.09 -55.08 -1.42
C GLN C 156 25.31 -53.59 -1.74
N ASN C 157 26.50 -53.20 -2.17
CA ASN C 157 26.74 -51.80 -2.45
C ASN C 157 26.07 -51.38 -3.74
N PHE C 158 25.21 -50.37 -3.65
CA PHE C 158 24.54 -49.77 -4.80
C PHE C 158 25.57 -49.27 -5.78
N PRO C 159 25.48 -49.70 -7.05
CA PRO C 159 26.52 -49.31 -8.00
C PRO C 159 26.57 -47.80 -8.20
N GLN C 160 27.77 -47.26 -8.34
CA GLN C 160 27.95 -45.89 -8.76
C GLN C 160 27.24 -45.71 -10.08
N THR C 161 26.29 -44.78 -10.11
CA THR C 161 25.34 -44.65 -11.23
C THR C 161 25.23 -43.23 -11.73
N THR C 162 25.09 -43.07 -13.03
CA THR C 162 24.84 -41.75 -13.61
C THR C 162 23.65 -41.75 -14.61
N ASN C 163 22.79 -40.72 -14.52
CA ASN C 163 21.61 -40.57 -15.38
C ASN C 163 21.45 -39.15 -15.87
N THR C 164 21.25 -38.94 -17.16
CA THR C 164 21.17 -37.57 -17.66
C THR C 164 19.86 -37.32 -18.38
N TYR C 165 19.08 -36.42 -17.82
CA TYR C 165 17.89 -35.98 -18.53
C TYR C 165 18.22 -34.85 -19.54
N ARG C 166 17.85 -35.05 -20.80
CA ARG C 166 18.11 -34.03 -21.80
C ARG C 166 16.79 -33.43 -22.24
N ASN C 167 16.70 -32.10 -22.13
CA ASN C 167 15.52 -31.37 -22.57
C ASN C 167 15.68 -30.98 -24.04
N THR C 168 14.97 -31.69 -24.91
CA THR C 168 15.07 -31.45 -26.34
C THR C 168 13.85 -30.67 -26.80
N ASP C 169 13.10 -30.17 -25.82
CA ASP C 169 11.88 -29.46 -26.12
C ASP C 169 12.22 -28.00 -26.36
N THR C 170 11.21 -27.16 -26.53
CA THR C 170 11.45 -25.75 -26.78
C THR C 170 10.97 -24.92 -25.60
N ALA C 171 10.77 -25.57 -24.46
CA ALA C 171 10.30 -24.86 -23.27
C ALA C 171 10.85 -25.57 -22.04
N GLU C 172 10.98 -24.82 -20.95
CA GLU C 172 11.57 -25.39 -19.74
C GLU C 172 10.73 -26.53 -19.15
N HIS C 173 11.41 -27.49 -18.55
CA HIS C 173 10.73 -28.59 -17.90
C HIS C 173 10.99 -28.51 -16.40
N LEU C 174 10.09 -29.09 -15.62
CA LEU C 174 10.25 -29.09 -14.19
C LEU C 174 10.65 -30.48 -13.75
N ILE C 175 11.83 -30.62 -13.17
CA ILE C 175 12.23 -31.95 -12.77
C ILE C 175 12.19 -32.05 -11.23
N MET C 176 11.63 -33.16 -10.73
CA MET C 176 11.62 -33.47 -9.30
C MET C 176 12.33 -34.77 -9.01
N TRP C 177 12.98 -34.83 -7.86
CA TRP C 177 13.57 -36.04 -7.36
C TRP C 177 13.51 -36.02 -5.85
N GLY C 178 13.81 -37.17 -5.25
CA GLY C 178 13.76 -37.32 -3.82
C GLY C 178 15.10 -37.79 -3.32
N ILE C 179 15.36 -37.56 -2.05
CA ILE C 179 16.49 -38.12 -1.37
C ILE C 179 15.95 -38.96 -0.22
N HIS C 180 16.32 -40.25 -0.14
CA HIS C 180 15.77 -41.06 0.95
C HIS C 180 16.61 -41.01 2.23
N HIS C 181 15.96 -40.64 3.33
CA HIS C 181 16.61 -40.65 4.64
C HIS C 181 16.07 -41.75 5.51
N PRO C 182 16.80 -42.87 5.60
CA PRO C 182 16.36 -44.07 6.33
C PRO C 182 16.22 -43.81 7.82
N SER C 183 15.54 -44.69 8.53
CA SER C 183 15.32 -44.44 9.95
C SER C 183 16.31 -45.21 10.83
N SER C 184 16.91 -46.26 10.26
CA SER C 184 17.88 -47.07 10.98
C SER C 184 19.09 -47.33 10.11
N THR C 185 20.20 -47.63 10.77
CA THR C 185 21.41 -48.07 10.09
C THR C 185 21.23 -49.38 9.30
N GLN C 186 20.43 -50.32 9.83
CA GLN C 186 20.15 -51.59 9.15
C GLN C 186 19.36 -51.42 7.86
N GLU C 187 18.30 -50.62 7.91
CA GLU C 187 17.51 -50.30 6.71
C GLU C 187 18.42 -49.73 5.62
N LYS C 188 19.21 -48.74 5.99
CA LYS C 188 20.16 -48.11 5.08
C LYS C 188 21.08 -49.15 4.41
N ASN C 189 21.70 -50.01 5.22
CA ASN C 189 22.60 -51.05 4.70
C ASN C 189 21.92 -52.04 3.75
N ASP C 190 20.73 -52.51 4.16
CA ASP C 190 19.89 -53.38 3.35
C ASP C 190 19.66 -52.82 1.95
N LEU C 191 19.28 -51.55 1.87
CA LEU C 191 18.87 -50.94 0.61
C LEU C 191 20.01 -50.53 -0.30
N TYR C 192 21.08 -49.97 0.27
CA TYR C 192 22.12 -49.34 -0.55
C TYR C 192 23.57 -49.79 -0.24
N GLY C 193 23.75 -50.46 0.89
CA GLY C 193 25.07 -50.93 1.27
C GLY C 193 25.73 -50.06 2.31
N THR C 194 26.97 -50.40 2.66
CA THR C 194 27.62 -49.80 3.82
C THR C 194 28.48 -48.59 3.44
N GLN C 195 28.64 -48.36 2.14
CA GLN C 195 29.47 -47.26 1.62
C GLN C 195 28.89 -45.92 2.02
N SER C 196 29.68 -44.85 1.95
CA SER C 196 29.13 -43.51 2.12
C SER C 196 28.21 -43.18 0.95
N LEU C 197 26.98 -42.79 1.27
CA LEU C 197 26.03 -42.35 0.24
C LEU C 197 26.22 -40.89 -0.12
N SER C 198 26.01 -40.59 -1.40
CA SER C 198 26.21 -39.26 -1.95
C SER C 198 25.45 -39.14 -3.28
N ILE C 199 24.70 -38.05 -3.42
CA ILE C 199 23.94 -37.80 -4.64
C ILE C 199 24.22 -36.40 -5.12
N SER C 200 24.79 -36.29 -6.31
CA SER C 200 24.99 -34.96 -6.87
C SER C 200 24.11 -34.78 -8.09
N VAL C 201 23.69 -33.54 -8.29
CA VAL C 201 22.79 -33.17 -9.38
C VAL C 201 23.30 -31.87 -9.97
N GLY C 202 23.63 -31.85 -11.26
CA GLY C 202 24.09 -30.62 -11.91
C GLY C 202 23.59 -30.39 -13.33
N SER C 203 23.14 -29.19 -13.64
CA SER C 203 22.83 -28.80 -15.01
C SER C 203 23.72 -27.63 -15.40
N SER C 204 23.30 -26.83 -16.38
CA SER C 204 24.08 -25.65 -16.69
C SER C 204 23.79 -24.54 -15.69
N THR C 205 22.63 -24.62 -15.01
CA THR C 205 22.20 -23.54 -14.14
C THR C 205 21.87 -24.01 -12.75
N TYR C 206 22.17 -25.26 -12.44
CA TYR C 206 21.83 -25.81 -11.14
C TYR C 206 22.88 -26.76 -10.58
N ARG C 207 23.19 -26.68 -9.28
CA ARG C 207 24.18 -27.59 -8.71
C ARG C 207 23.92 -27.90 -7.25
N ASN C 208 23.89 -29.18 -6.91
CA ASN C 208 23.64 -29.53 -5.53
C ASN C 208 24.12 -30.91 -5.16
N ASN C 209 24.51 -31.09 -3.92
CA ASN C 209 24.88 -32.43 -3.51
C ASN C 209 23.98 -32.80 -2.34
N PHE C 210 23.83 -34.08 -2.09
CA PHE C 210 22.84 -34.52 -1.13
C PHE C 210 23.38 -35.77 -0.48
N VAL C 211 23.18 -35.84 0.83
CA VAL C 211 23.62 -36.98 1.60
C VAL C 211 22.51 -37.59 2.45
N PRO C 212 22.10 -38.82 2.12
CA PRO C 212 21.14 -39.53 2.97
C PRO C 212 21.61 -39.63 4.44
N VAL C 213 20.66 -39.42 5.35
CA VAL C 213 20.96 -39.36 6.76
C VAL C 213 20.09 -40.30 7.55
N VAL C 214 20.70 -41.12 8.39
CA VAL C 214 19.96 -42.04 9.24
C VAL C 214 19.54 -41.36 10.55
N GLY C 215 18.28 -41.50 10.93
CA GLY C 215 17.87 -40.94 12.21
C GLY C 215 16.56 -41.57 12.63
N ALA C 216 16.40 -41.72 13.93
CA ALA C 216 15.16 -42.28 14.47
C ALA C 216 14.08 -41.19 14.53
N ARG C 217 12.89 -41.49 14.03
CA ARG C 217 11.77 -40.52 14.02
C ARG C 217 10.45 -41.20 14.28
N PRO C 218 9.41 -40.43 14.64
CA PRO C 218 8.04 -40.98 14.77
C PRO C 218 7.58 -41.60 13.47
N GLN C 219 6.58 -42.46 13.52
CA GLN C 219 6.06 -43.06 12.29
C GLN C 219 5.03 -42.12 11.73
N VAL C 220 5.05 -41.96 10.41
CA VAL C 220 4.04 -41.17 9.72
C VAL C 220 3.57 -42.01 8.54
N ASN C 221 2.25 -42.29 8.50
CA ASN C 221 1.72 -43.34 7.64
C ASN C 221 2.53 -44.62 7.85
N GLY C 222 2.76 -44.97 9.10
CA GLY C 222 3.45 -46.20 9.43
C GLY C 222 4.89 -46.22 8.99
N GLN C 223 5.49 -45.06 8.76
CA GLN C 223 6.86 -45.09 8.27
C GLN C 223 7.74 -44.09 9.02
N SER C 224 8.93 -44.53 9.43
CA SER C 224 9.92 -43.67 10.11
C SER C 224 10.94 -43.03 9.22
N GLY C 225 11.24 -43.66 8.08
CA GLY C 225 12.00 -43.01 7.03
C GLY C 225 11.27 -41.79 6.46
N ARG C 226 11.98 -41.08 5.57
CA ARG C 226 11.50 -39.82 4.97
C ARG C 226 12.10 -39.70 3.58
N ILE C 227 11.30 -39.22 2.64
CA ILE C 227 11.85 -38.80 1.37
C ILE C 227 11.75 -37.30 1.32
N ASP C 228 12.88 -36.62 1.16
CA ASP C 228 12.77 -35.20 0.96
C ASP C 228 12.86 -34.94 -0.54
N PHE C 229 11.98 -34.10 -1.06
CA PHE C 229 12.01 -33.82 -2.49
C PHE C 229 12.68 -32.51 -2.83
N HIS C 230 13.28 -32.49 -4.01
CA HIS C 230 13.86 -31.28 -4.54
C HIS C 230 13.41 -31.06 -5.95
N TRP C 231 13.48 -29.83 -6.43
CA TRP C 231 13.07 -29.57 -7.79
C TRP C 231 13.90 -28.45 -8.38
N THR C 232 13.91 -28.37 -9.71
CA THR C 232 14.60 -27.31 -10.43
C THR C 232 14.02 -27.25 -11.84
N LEU C 233 14.20 -26.09 -12.47
CA LEU C 233 13.80 -25.88 -13.85
C LEU C 233 14.94 -26.16 -14.81
N VAL C 234 14.66 -26.92 -15.85
CA VAL C 234 15.65 -27.30 -16.86
C VAL C 234 15.34 -26.62 -18.20
N GLN C 235 16.16 -25.65 -18.60
CA GLN C 235 15.88 -24.85 -19.81
C GLN C 235 16.05 -25.70 -21.06
N PRO C 236 15.44 -25.26 -22.18
CA PRO C 236 15.49 -25.98 -23.45
C PRO C 236 16.91 -26.21 -23.93
N GLY C 237 17.18 -27.39 -24.45
CA GLY C 237 18.50 -27.71 -24.95
C GLY C 237 19.55 -27.91 -23.87
N ASP C 238 19.15 -27.77 -22.60
CA ASP C 238 20.06 -28.03 -21.50
C ASP C 238 19.88 -29.47 -21.03
N ASN C 239 20.92 -30.03 -20.41
CA ASN C 239 20.88 -31.39 -19.89
C ASN C 239 21.09 -31.32 -18.36
N ILE C 240 20.51 -32.25 -17.61
CA ILE C 240 20.72 -32.33 -16.16
C ILE C 240 21.16 -33.76 -15.82
N THR C 241 22.16 -33.88 -14.94
CA THR C 241 22.82 -35.17 -14.71
C THR C 241 22.83 -35.52 -13.23
N PHE C 242 22.44 -36.75 -12.95
CA PHE C 242 22.38 -37.28 -11.60
C PHE C 242 23.52 -38.26 -11.38
N SER C 243 24.39 -37.96 -10.42
CA SER C 243 25.45 -38.90 -10.03
C SER C 243 25.14 -39.43 -8.65
N HIS C 244 25.03 -40.74 -8.51
CA HIS C 244 24.52 -41.32 -7.29
C HIS C 244 24.98 -42.75 -7.03
N ASN C 245 24.81 -43.20 -5.77
CA ASN C 245 25.26 -44.54 -5.36
C ASN C 245 24.37 -45.06 -4.25
N GLY C 246 23.16 -44.53 -4.20
CA GLY C 246 22.19 -45.01 -3.23
C GLY C 246 21.52 -43.87 -2.52
N GLY C 247 20.19 -43.86 -2.53
CA GLY C 247 19.48 -42.78 -1.91
C GLY C 247 18.66 -41.96 -2.89
N LEU C 248 19.11 -41.88 -4.14
CA LEU C 248 18.36 -41.13 -5.14
C LEU C 248 17.01 -41.79 -5.37
N ILE C 249 15.94 -41.01 -5.20
CA ILE C 249 14.62 -41.39 -5.68
C ILE C 249 14.45 -40.71 -7.05
N ALA C 250 14.53 -41.50 -8.12
CA ALA C 250 14.74 -40.95 -9.48
C ALA C 250 13.48 -40.63 -10.26
N PRO C 251 13.51 -39.50 -10.98
CA PRO C 251 12.39 -39.17 -11.87
C PRO C 251 12.29 -40.17 -13.04
N SER C 252 11.10 -40.71 -13.29
CA SER C 252 10.91 -41.46 -14.53
C SER C 252 10.16 -40.58 -15.51
N ARG C 253 9.48 -39.58 -14.97
CA ARG C 253 8.85 -38.58 -15.83
C ARG C 253 9.13 -37.20 -15.27
N VAL C 254 9.06 -36.22 -16.15
CA VAL C 254 9.30 -34.83 -15.87
C VAL C 254 8.05 -34.09 -16.28
N SER C 255 7.79 -32.93 -15.67
CA SER C 255 6.58 -32.17 -15.96
C SER C 255 6.89 -30.93 -16.80
N LYS C 256 5.88 -30.45 -17.52
CA LYS C 256 6.01 -29.16 -18.16
C LYS C 256 4.77 -28.33 -17.79
N LEU C 257 4.94 -27.24 -17.03
CA LEU C 257 3.79 -26.39 -16.73
C LEU C 257 3.48 -25.54 -17.96
N ILE C 258 2.22 -25.58 -18.36
CA ILE C 258 1.79 -24.99 -19.61
C ILE C 258 0.83 -23.82 -19.44
N GLY C 259 1.18 -22.66 -19.97
CA GLY C 259 0.24 -21.56 -19.96
C GLY C 259 -0.02 -21.03 -18.57
N ARG C 260 -1.17 -20.38 -18.40
CA ARG C 260 -1.52 -19.61 -17.21
C ARG C 260 -2.93 -19.94 -16.77
N GLY C 261 -3.17 -20.03 -15.47
CA GLY C 261 -4.52 -20.22 -14.96
C GLY C 261 -4.68 -19.59 -13.60
N LEU C 262 -5.91 -19.50 -13.12
CA LEU C 262 -6.17 -18.99 -11.78
C LEU C 262 -6.25 -20.09 -10.72
N GLY C 263 -5.63 -19.86 -9.57
CA GLY C 263 -5.59 -20.86 -8.53
C GLY C 263 -6.48 -20.46 -7.38
N ILE C 264 -7.37 -21.37 -6.99
CA ILE C 264 -8.35 -21.17 -5.93
C ILE C 264 -8.15 -22.15 -4.81
N GLN C 265 -8.12 -21.66 -3.58
CA GLN C 265 -8.17 -22.54 -2.43
C GLN C 265 -9.49 -22.32 -1.75
N SER C 266 -10.25 -23.39 -1.59
CA SER C 266 -11.63 -23.31 -1.13
C SER C 266 -12.18 -24.70 -0.92
N ASP C 267 -13.18 -24.85 -0.05
CA ASP C 267 -13.85 -26.15 0.03
C ASP C 267 -15.31 -25.98 -0.36
N ALA C 268 -15.66 -24.79 -0.84
CA ALA C 268 -16.99 -24.55 -1.33
C ALA C 268 -17.26 -25.48 -2.49
N PRO C 269 -18.48 -26.03 -2.57
CA PRO C 269 -18.80 -26.90 -3.70
C PRO C 269 -18.83 -26.14 -5.03
N ILE C 270 -18.42 -26.83 -6.10
CA ILE C 270 -18.49 -26.30 -7.45
C ILE C 270 -19.91 -26.23 -7.98
N ASP C 271 -20.28 -25.05 -8.48
CA ASP C 271 -21.52 -24.79 -9.21
C ASP C 271 -21.17 -24.41 -10.61
N ASN C 272 -21.64 -25.18 -11.58
CA ASN C 272 -21.17 -25.07 -12.94
C ASN C 272 -22.11 -24.25 -13.80
N ASN C 273 -23.11 -23.68 -13.12
CA ASN C 273 -24.16 -22.90 -13.76
C ASN C 273 -23.99 -21.38 -13.62
N CYS C 274 -23.51 -20.87 -12.48
CA CYS C 274 -23.21 -19.42 -12.39
C CYS C 274 -21.74 -19.10 -12.76
N GLU C 275 -21.49 -17.89 -13.27
CA GLU C 275 -20.13 -17.52 -13.61
C GLU C 275 -19.64 -16.46 -12.63
N SER C 276 -18.34 -16.22 -12.61
CA SER C 276 -17.77 -15.29 -11.64
C SER C 276 -16.32 -15.03 -11.97
N LYS C 277 -15.80 -13.99 -11.36
CA LYS C 277 -14.46 -13.53 -11.66
C LYS C 277 -13.69 -13.31 -10.36
N CYS C 278 -14.40 -13.43 -9.25
CA CYS C 278 -13.83 -13.17 -7.93
C CYS C 278 -14.04 -14.35 -7.00
N PHE C 279 -12.99 -14.80 -6.33
CA PHE C 279 -13.15 -15.93 -5.44
C PHE C 279 -12.40 -15.77 -4.15
N TRP C 280 -12.85 -16.51 -3.16
CA TRP C 280 -12.16 -16.58 -1.91
C TRP C 280 -12.46 -17.93 -1.30
N ARG C 281 -12.16 -18.18 -0.06
CA ARG C 281 -12.36 -19.49 0.50
C ARG C 281 -13.80 -19.97 0.58
N GLY C 282 -14.71 -19.06 0.89
CA GLY C 282 -16.06 -19.43 1.16
C GLY C 282 -16.93 -19.26 -0.04
N GLY C 283 -16.31 -19.25 -1.19
CA GLY C 283 -16.99 -19.25 -2.42
C GLY C 283 -16.58 -18.20 -3.40
N SER C 284 -17.61 -17.58 -3.85
CA SER C 284 -17.64 -16.61 -4.98
C SER C 284 -18.30 -15.30 -4.60
N ILE C 285 -17.87 -14.25 -5.29
CA ILE C 285 -18.44 -12.92 -5.16
C ILE C 285 -18.81 -12.40 -6.53
N ASN C 286 -20.05 -11.96 -6.69
CA ASN C 286 -20.46 -11.43 -7.98
C ASN C 286 -21.15 -10.10 -7.73
N THR C 287 -20.51 -9.01 -8.10
CA THR C 287 -21.14 -7.72 -7.90
C THR C 287 -20.59 -6.61 -8.76
N ARG C 288 -21.50 -5.70 -9.04
CA ARG C 288 -21.21 -4.43 -9.66
C ARG C 288 -20.55 -3.40 -8.70
N LEU C 289 -20.84 -3.51 -7.40
CA LEU C 289 -20.29 -2.60 -6.36
C LEU C 289 -18.76 -2.63 -6.18
N PRO C 290 -18.13 -1.46 -5.90
CA PRO C 290 -16.65 -1.48 -5.91
C PRO C 290 -16.01 -1.91 -4.59
N PHE C 291 -16.81 -2.08 -3.55
CA PHE C 291 -16.30 -2.53 -2.25
C PHE C 291 -17.05 -3.79 -1.80
N GLN C 292 -16.42 -4.61 -0.98
CA GLN C 292 -17.09 -5.79 -0.45
C GLN C 292 -16.55 -5.99 0.92
N ASN C 293 -17.33 -6.61 1.80
CA ASN C 293 -16.84 -6.85 3.15
C ASN C 293 -16.92 -8.32 3.51
N LEU C 294 -16.91 -9.16 2.49
CA LEU C 294 -17.01 -10.59 2.72
C LEU C 294 -15.69 -11.17 3.20
N SER C 295 -14.59 -10.69 2.63
CA SER C 295 -13.27 -11.27 2.91
C SER C 295 -12.07 -10.42 2.49
N PRO C 296 -11.10 -10.28 3.39
CA PRO C 296 -9.85 -9.58 3.08
C PRO C 296 -8.93 -10.39 2.16
N ARG C 297 -9.15 -11.68 2.02
CA ARG C 297 -8.29 -12.48 1.16
C ARG C 297 -9.06 -13.05 -0.02
N THR C 298 -8.99 -12.38 -1.15
CA THR C 298 -9.72 -12.82 -2.32
C THR C 298 -8.77 -13.16 -3.45
N VAL C 299 -9.31 -13.48 -4.60
CA VAL C 299 -8.48 -13.90 -5.71
C VAL C 299 -9.22 -13.68 -7.02
N GLY C 300 -8.50 -13.22 -8.03
CA GLY C 300 -9.15 -12.86 -9.28
C GLY C 300 -9.50 -11.39 -9.38
N GLN C 301 -10.55 -11.07 -10.13
CA GLN C 301 -10.94 -9.67 -10.30
C GLN C 301 -12.03 -9.25 -9.30
N CYS C 302 -11.59 -8.76 -8.16
CA CYS C 302 -12.46 -8.58 -7.01
C CYS C 302 -12.73 -7.12 -6.68
N PRO C 303 -13.87 -6.84 -6.06
CA PRO C 303 -14.00 -5.53 -5.43
C PRO C 303 -13.05 -5.40 -4.23
N LYS C 304 -12.72 -4.17 -3.87
CA LYS C 304 -11.83 -3.93 -2.75
C LYS C 304 -12.53 -4.19 -1.42
N TYR C 305 -11.83 -4.90 -0.54
CA TYR C 305 -12.33 -5.23 0.77
C TYR C 305 -12.30 -4.00 1.70
N VAL C 306 -13.40 -3.72 2.39
CA VAL C 306 -13.38 -2.67 3.41
C VAL C 306 -14.01 -3.17 4.73
N ASN C 307 -13.38 -2.85 5.86
CA ASN C 307 -13.91 -3.18 7.19
C ASN C 307 -15.15 -2.35 7.58
N ARG C 308 -16.23 -2.47 6.84
CA ARG C 308 -17.43 -1.70 7.14
C ARG C 308 -18.67 -2.46 6.71
N ARG C 309 -19.67 -2.53 7.60
CA ARG C 309 -20.88 -3.28 7.32
C ARG C 309 -21.63 -2.67 6.14
N SER C 310 -21.64 -1.35 6.08
CA SER C 310 -22.50 -0.66 5.15
C SER C 310 -22.06 0.75 4.83
N LEU C 311 -22.19 1.13 3.57
CA LEU C 311 -21.90 2.50 3.18
C LEU C 311 -22.91 3.00 2.17
N MET C 312 -23.74 3.95 2.59
CA MET C 312 -24.88 4.34 1.77
C MET C 312 -24.63 5.59 0.93
N LEU C 313 -24.90 5.45 -0.36
CA LEU C 313 -24.72 6.53 -1.30
C LEU C 313 -26.06 7.18 -1.55
N ALA C 314 -26.15 8.43 -1.15
CA ALA C 314 -27.38 9.21 -1.30
C ALA C 314 -27.70 9.26 -2.77
N THR C 315 -28.93 8.92 -3.09
CA THR C 315 -29.30 8.89 -4.48
C THR C 315 -30.49 9.82 -4.67
N GLY C 316 -30.67 10.70 -3.68
CA GLY C 316 -31.74 11.68 -3.67
C GLY C 316 -31.48 12.86 -2.73
N MET C 317 -32.40 13.82 -2.73
CA MET C 317 -32.24 15.08 -1.98
C MET C 317 -32.53 14.90 -0.49
N ARG C 318 -32.22 15.92 0.30
CA ARG C 318 -32.55 15.94 1.72
C ARG C 318 -34.05 15.69 1.90
N ASN C 319 -34.43 14.69 2.67
CA ASN C 319 -35.83 14.44 2.90
C ASN C 319 -36.32 15.31 4.05
N VAL C 320 -37.30 16.16 3.77
CA VAL C 320 -37.83 17.08 4.78
C VAL C 320 -39.33 17.01 4.86
N PRO C 321 -39.85 16.10 5.71
CA PRO C 321 -41.30 15.93 5.85
C PRO C 321 -41.94 17.08 6.62
N GLU C 322 -43.27 17.14 6.63
CA GLU C 322 -43.98 18.25 7.28
C GLU C 322 -44.14 18.09 8.81
N LEU C 323 -44.31 19.21 9.50
CA LEU C 323 -44.44 19.19 10.97
C LEU C 323 -45.86 18.90 11.45
N LEU D 1 -24.38 24.90 0.23
CA LEU D 1 -25.82 25.04 0.48
C LEU D 1 -26.44 26.30 -0.16
N PHE D 2 -27.53 26.04 -0.86
CA PHE D 2 -28.32 27.04 -1.52
C PHE D 2 -29.56 27.11 -0.63
N GLY D 3 -30.25 28.24 -0.63
CA GLY D 3 -31.22 28.46 0.42
C GLY D 3 -32.45 27.57 0.43
N ALA D 4 -32.79 26.99 -0.71
CA ALA D 4 -34.13 26.43 -0.90
C ALA D 4 -34.53 25.19 -0.09
N ILE D 5 -33.78 24.08 -0.18
CA ILE D 5 -34.27 22.81 0.35
C ILE D 5 -33.73 22.66 1.74
N ALA D 6 -34.65 22.44 2.68
CA ALA D 6 -34.37 22.46 4.13
C ALA D 6 -33.98 23.91 4.54
N GLY D 7 -34.33 24.87 3.70
CA GLY D 7 -34.06 26.28 3.96
C GLY D 7 -35.32 27.13 3.94
N PHE D 8 -35.48 27.97 2.91
CA PHE D 8 -36.60 28.93 2.94
C PHE D 8 -37.90 28.26 2.49
N LEU D 9 -37.76 27.10 1.87
CA LEU D 9 -38.88 26.19 1.67
C LEU D 9 -39.02 25.39 2.96
N GLU D 10 -40.21 25.29 3.51
CA GLU D 10 -40.32 24.79 4.86
C GLU D 10 -40.41 23.26 4.97
N ASN D 11 -40.91 22.61 3.92
CA ASN D 11 -41.01 21.16 3.88
C ASN D 11 -41.32 20.64 2.48
N GLY D 12 -41.30 19.32 2.34
CA GLY D 12 -41.54 18.70 1.05
C GLY D 12 -42.97 18.25 0.84
N TRP D 13 -43.27 17.89 -0.39
CA TRP D 13 -44.62 17.52 -0.82
C TRP D 13 -44.69 16.04 -1.13
N GLU D 14 -45.31 15.25 -0.27
CA GLU D 14 -45.48 13.84 -0.57
C GLU D 14 -46.53 13.64 -1.66
N GLY D 15 -47.32 14.67 -1.91
CA GLY D 15 -48.35 14.56 -2.93
C GLY D 15 -47.75 14.55 -4.32
N MET D 16 -46.47 14.92 -4.42
CA MET D 16 -45.79 14.97 -5.72
C MET D 16 -45.14 13.62 -5.96
N VAL D 17 -45.54 12.97 -7.05
CA VAL D 17 -45.19 11.56 -7.21
C VAL D 17 -44.46 11.27 -8.50
N ASP D 18 -44.51 12.20 -9.44
CA ASP D 18 -43.64 12.04 -10.59
C ASP D 18 -43.01 13.36 -10.97
N GLY D 19 -42.16 13.82 -10.06
CA GLY D 19 -41.30 14.95 -10.29
C GLY D 19 -40.52 15.12 -9.01
N TRP D 20 -39.28 15.60 -9.11
CA TRP D 20 -38.50 15.96 -7.93
C TRP D 20 -38.87 17.36 -7.49
N TYR D 21 -39.22 18.17 -8.48
CA TYR D 21 -39.55 19.56 -8.25
C TYR D 21 -40.85 19.97 -8.95
N GLY D 22 -41.56 20.91 -8.34
CA GLY D 22 -42.83 21.29 -8.91
C GLY D 22 -43.51 22.56 -8.43
N PHE D 23 -44.75 22.68 -8.87
CA PHE D 23 -45.55 23.87 -8.67
C PHE D 23 -46.85 23.57 -7.94
N ARG D 24 -47.23 24.47 -7.04
CA ARG D 24 -48.62 24.55 -6.60
C ARG D 24 -49.13 25.97 -6.91
N HIS D 25 -50.37 26.09 -7.33
CA HIS D 25 -50.92 27.41 -7.62
C HIS D 25 -52.30 27.57 -7.00
N GLN D 26 -52.67 28.82 -6.69
CA GLN D 26 -54.03 29.11 -6.28
C GLN D 26 -54.57 30.32 -7.07
N ASN D 27 -55.70 30.13 -7.74
CA ASN D 27 -56.40 31.22 -8.43
C ASN D 27 -57.92 31.06 -8.29
N ALA D 28 -58.68 31.92 -8.99
CA ALA D 28 -60.14 31.87 -8.99
C ALA D 28 -60.67 30.47 -9.33
N GLN D 29 -60.04 29.80 -10.29
CA GLN D 29 -60.49 28.50 -10.80
C GLN D 29 -60.21 27.33 -9.86
N GLY D 30 -59.51 27.60 -8.76
CA GLY D 30 -59.20 26.58 -7.78
C GLY D 30 -57.71 26.42 -7.55
N THR D 31 -57.29 25.19 -7.25
CA THR D 31 -55.86 24.85 -7.14
C THR D 31 -55.43 23.77 -8.10
N GLY D 32 -54.17 23.38 -7.95
CA GLY D 32 -53.60 22.31 -8.77
C GLY D 32 -52.16 22.02 -8.39
N GLN D 33 -51.61 20.97 -8.99
CA GLN D 33 -50.20 20.63 -8.78
C GLN D 33 -49.59 20.11 -10.06
N ALA D 34 -48.40 20.62 -10.38
CA ALA D 34 -47.68 20.17 -11.55
C ALA D 34 -46.20 19.88 -11.20
N ALA D 35 -45.68 18.75 -11.67
CA ALA D 35 -44.24 18.51 -11.54
C ALA D 35 -43.48 19.17 -12.68
N ASP D 36 -42.31 19.74 -12.40
CA ASP D 36 -41.49 20.26 -13.51
C ASP D 36 -40.53 19.17 -14.07
N TYR D 37 -40.60 18.93 -15.36
CA TYR D 37 -39.81 17.89 -15.99
C TYR D 37 -38.32 18.20 -16.04
N LYS D 38 -37.96 19.31 -16.68
CA LYS D 38 -36.56 19.56 -16.93
C LYS D 38 -35.71 19.64 -15.65
N SER D 39 -36.17 20.37 -14.64
CA SER D 39 -35.40 20.51 -13.41
C SER D 39 -35.18 19.18 -12.67
N THR D 40 -36.08 18.22 -12.83
CA THR D 40 -35.89 16.98 -12.08
C THR D 40 -35.08 15.97 -12.87
N GLN D 41 -35.12 16.09 -14.19
CA GLN D 41 -34.28 15.27 -15.03
C GLN D 41 -32.85 15.75 -14.88
N ALA D 42 -32.72 17.05 -14.65
CA ALA D 42 -31.43 17.65 -14.45
C ALA D 42 -30.78 17.08 -13.20
N ALA D 43 -31.56 16.82 -12.15
CA ALA D 43 -31.03 16.26 -10.93
C ALA D 43 -30.76 14.77 -11.10
N ILE D 44 -31.71 14.06 -11.71
CA ILE D 44 -31.66 12.60 -11.81
C ILE D 44 -30.49 12.15 -12.73
N ASP D 45 -30.20 12.97 -13.72
CA ASP D 45 -29.06 12.71 -14.59
C ASP D 45 -27.73 12.77 -13.85
N GLN D 46 -27.60 13.74 -12.97
CA GLN D 46 -26.39 13.84 -12.18
C GLN D 46 -26.28 12.68 -11.17
N ILE D 47 -27.41 12.22 -10.65
CA ILE D 47 -27.36 11.04 -9.77
C ILE D 47 -26.87 9.80 -10.51
N THR D 48 -27.48 9.50 -11.67
CA THR D 48 -27.10 8.28 -12.35
C THR D 48 -25.71 8.45 -12.92
N GLY D 49 -25.21 9.68 -12.91
CA GLY D 49 -23.84 9.95 -13.28
C GLY D 49 -22.88 9.47 -12.19
N LYS D 50 -23.23 9.69 -10.93
CA LYS D 50 -22.41 9.20 -9.84
C LYS D 50 -22.48 7.70 -9.75
N LEU D 51 -23.66 7.17 -10.02
CA LEU D 51 -23.86 5.73 -10.01
C LEU D 51 -23.02 5.02 -11.07
N ASN D 52 -22.89 5.64 -12.25
CA ASN D 52 -22.08 5.07 -13.30
C ASN D 52 -20.61 5.11 -13.02
N ARG D 53 -20.16 6.12 -12.29
CA ARG D 53 -18.74 6.19 -11.94
C ARG D 53 -18.47 5.12 -10.90
N LEU D 54 -19.49 4.89 -10.10
CA LEU D 54 -19.42 4.03 -8.96
C LEU D 54 -19.10 2.60 -9.38
N VAL D 55 -19.81 2.14 -10.38
CA VAL D 55 -19.77 0.75 -10.78
C VAL D 55 -18.73 0.37 -11.85
N GLU D 56 -17.98 1.38 -12.32
CA GLU D 56 -16.82 1.18 -13.18
C GLU D 56 -15.80 0.19 -12.57
N LYS D 57 -15.43 -0.84 -13.33
CA LYS D 57 -14.40 -1.80 -12.93
C LYS D 57 -13.10 -1.72 -13.75
N THR D 60 -8.40 -5.18 -12.05
CA THR D 60 -7.07 -5.79 -11.95
C THR D 60 -7.12 -7.19 -11.33
N GLU D 61 -6.44 -8.15 -11.94
CA GLU D 61 -6.55 -9.51 -11.44
C GLU D 61 -5.50 -9.78 -10.37
N PHE D 62 -5.91 -10.38 -9.25
CA PHE D 62 -4.97 -10.71 -8.17
C PHE D 62 -4.87 -12.21 -7.97
N GLU D 63 -3.67 -12.68 -7.61
CA GLU D 63 -3.49 -14.10 -7.30
C GLU D 63 -3.14 -14.30 -5.83
N SER D 64 -3.04 -15.54 -5.39
CA SER D 64 -2.94 -15.82 -3.95
C SER D 64 -1.50 -15.63 -3.54
N ILE D 65 -1.27 -14.99 -2.38
CA ILE D 65 0.09 -14.85 -1.87
C ILE D 65 0.17 -15.42 -0.45
N GLU D 66 -0.96 -15.60 0.23
CA GLU D 66 -0.91 -16.42 1.44
C GLU D 66 -1.80 -17.66 1.30
N SER D 67 -1.14 -18.83 1.28
CA SER D 67 -1.79 -20.13 1.37
C SER D 67 -2.84 -20.19 2.47
N GLU D 68 -3.99 -20.81 2.22
CA GLU D 68 -4.99 -20.94 3.27
C GLU D 68 -4.81 -22.23 4.09
N PHE D 69 -4.18 -23.24 3.49
CA PHE D 69 -4.29 -24.60 3.99
C PHE D 69 -2.96 -25.13 4.48
N SER D 70 -2.02 -24.23 4.76
CA SER D 70 -0.70 -24.70 5.12
C SER D 70 0.15 -23.64 5.78
N GLU D 71 1.28 -24.09 6.29
CA GLU D 71 2.25 -23.23 6.96
C GLU D 71 2.90 -22.26 5.99
N ILE D 72 2.82 -20.98 6.33
CA ILE D 72 3.58 -19.94 5.64
C ILE D 72 4.65 -19.38 6.58
N GLU D 73 5.87 -19.23 6.07
CA GLU D 73 6.99 -18.85 6.90
C GLU D 73 6.69 -17.59 7.71
N HIS D 74 7.08 -17.59 8.98
CA HIS D 74 6.60 -16.60 9.94
C HIS D 74 6.89 -15.15 9.60
N GLN D 75 8.15 -14.83 9.29
CA GLN D 75 8.51 -13.45 8.98
C GLN D 75 7.81 -12.94 7.72
N ILE D 76 7.69 -13.77 6.68
CA ILE D 76 7.07 -13.30 5.43
C ILE D 76 5.56 -13.10 5.67
N GLY D 77 4.98 -13.95 6.51
CA GLY D 77 3.56 -13.89 6.84
C GLY D 77 3.20 -12.65 7.63
N ASN D 78 4.09 -12.23 8.51
CA ASN D 78 3.92 -10.95 9.21
C ASN D 78 3.92 -9.80 8.20
N VAL D 79 4.78 -9.89 7.18
CA VAL D 79 4.90 -8.83 6.20
C VAL D 79 3.65 -8.73 5.33
N ILE D 80 3.08 -9.87 4.99
CA ILE D 80 1.87 -9.92 4.18
C ILE D 80 0.69 -9.37 4.97
N ASN D 81 0.57 -9.73 6.24
CA ASN D 81 -0.56 -9.26 7.04
C ASN D 81 -0.43 -7.77 7.25
N TRP D 82 0.79 -7.31 7.49
CA TRP D 82 1.03 -5.88 7.71
C TRP D 82 0.56 -5.07 6.51
N THR D 83 1.03 -5.50 5.34
CA THR D 83 0.74 -4.87 4.06
C THR D 83 -0.76 -4.91 3.73
N LYS D 84 -1.34 -6.11 3.74
CA LYS D 84 -2.77 -6.31 3.50
C LYS D 84 -3.69 -5.51 4.43
N ASP D 85 -3.36 -5.44 5.71
CA ASP D 85 -4.11 -4.61 6.63
C ASP D 85 -3.93 -3.12 6.31
N SER D 86 -2.74 -2.76 5.86
CA SER D 86 -2.46 -1.37 5.52
C SER D 86 -3.27 -0.94 4.28
N ILE D 87 -3.32 -1.83 3.31
CA ILE D 87 -4.14 -1.65 2.14
C ILE D 87 -5.61 -1.54 2.53
N THR D 88 -6.06 -2.33 3.50
CA THR D 88 -7.47 -2.31 3.87
C THR D 88 -7.79 -1.00 4.57
N ASP D 89 -6.85 -0.46 5.34
CA ASP D 89 -7.11 0.81 6.01
C ASP D 89 -7.27 1.90 4.95
N ILE D 90 -6.51 1.81 3.86
CA ILE D 90 -6.55 2.85 2.83
C ILE D 90 -7.87 2.77 2.07
N TRP D 91 -8.27 1.56 1.70
CA TRP D 91 -9.51 1.42 0.98
C TRP D 91 -10.67 1.83 1.87
N THR D 92 -10.63 1.43 3.14
CA THR D 92 -11.70 1.71 4.08
C THR D 92 -11.81 3.22 4.27
N TYR D 93 -10.68 3.92 4.33
CA TYR D 93 -10.67 5.37 4.40
C TYR D 93 -11.16 5.99 3.08
N GLN D 94 -10.71 5.47 1.95
CA GLN D 94 -11.16 5.97 0.66
C GLN D 94 -12.66 5.89 0.47
N ALA D 95 -13.23 4.78 0.90
CA ALA D 95 -14.64 4.51 0.70
C ALA D 95 -15.49 5.40 1.62
N GLU D 96 -15.08 5.55 2.86
CA GLU D 96 -15.76 6.42 3.78
C GLU D 96 -15.73 7.87 3.27
N LEU D 97 -14.63 8.22 2.61
CA LEU D 97 -14.47 9.58 2.15
C LEU D 97 -15.32 9.82 0.91
N LEU D 98 -15.16 8.94 -0.09
CA LEU D 98 -15.99 8.97 -1.28
C LEU D 98 -17.49 9.14 -0.99
N VAL D 99 -18.05 8.22 -0.23
CA VAL D 99 -19.45 8.29 0.07
C VAL D 99 -19.81 9.59 0.83
N ALA D 100 -18.99 9.98 1.80
CA ALA D 100 -19.30 11.20 2.56
C ALA D 100 -19.23 12.45 1.71
N MET D 101 -18.21 12.59 0.89
CA MET D 101 -18.08 13.76 0.06
C MET D 101 -19.12 13.73 -1.05
N GLU D 102 -19.40 12.56 -1.61
CA GLU D 102 -20.36 12.59 -2.70
C GLU D 102 -21.74 12.86 -2.14
N ASN D 103 -22.07 12.32 -0.98
CA ASN D 103 -23.37 12.58 -0.36
C ASN D 103 -23.64 14.07 -0.13
N GLN D 104 -22.66 14.76 0.43
CA GLN D 104 -22.73 16.19 0.57
C GLN D 104 -23.01 16.87 -0.77
N HIS D 105 -22.28 16.49 -1.81
CA HIS D 105 -22.45 17.16 -3.10
C HIS D 105 -23.83 16.87 -3.69
N THR D 106 -24.28 15.63 -3.54
CA THR D 106 -25.59 15.26 -4.05
C THR D 106 -26.69 16.13 -3.43
N ILE D 107 -26.67 16.21 -2.11
CA ILE D 107 -27.63 16.95 -1.34
C ILE D 107 -27.67 18.42 -1.74
N ASP D 108 -26.51 19.01 -1.95
CA ASP D 108 -26.44 20.42 -2.32
C ASP D 108 -26.73 20.70 -3.81
N MET D 109 -26.54 19.71 -4.66
CA MET D 109 -26.81 19.90 -6.07
C MET D 109 -28.34 19.93 -6.24
N ALA D 110 -29.01 18.96 -5.61
CA ALA D 110 -30.46 18.91 -5.47
C ALA D 110 -31.02 20.27 -5.06
N ASP D 111 -30.38 20.85 -4.03
CA ASP D 111 -30.66 22.17 -3.49
C ASP D 111 -30.58 23.25 -4.60
N SER D 112 -29.40 23.29 -5.22
CA SER D 112 -29.11 24.06 -6.42
C SER D 112 -30.20 23.94 -7.51
N GLU D 113 -30.72 22.75 -7.75
CA GLU D 113 -31.63 22.63 -8.86
C GLU D 113 -32.97 23.25 -8.47
N MET D 114 -33.30 23.18 -7.18
CA MET D 114 -34.54 23.76 -6.71
C MET D 114 -34.48 25.28 -6.80
N LEU D 115 -33.35 25.84 -6.39
CA LEU D 115 -33.15 27.27 -6.43
C LEU D 115 -33.22 27.80 -7.89
N ASN D 116 -32.57 27.14 -8.83
CA ASN D 116 -32.56 27.59 -10.23
C ASN D 116 -33.95 27.61 -10.87
N LEU D 117 -34.85 26.75 -10.42
CA LEU D 117 -36.20 26.75 -10.94
C LEU D 117 -36.91 28.03 -10.45
N TYR D 118 -36.92 28.14 -9.13
CA TYR D 118 -37.35 29.33 -8.44
C TYR D 118 -36.74 30.62 -8.99
N GLU D 119 -35.46 30.63 -9.32
CA GLU D 119 -34.90 31.85 -9.90
C GLU D 119 -35.41 32.08 -11.31
N ARG D 120 -35.62 31.00 -12.05
CA ARG D 120 -36.11 31.12 -13.43
C ARG D 120 -37.49 31.75 -13.45
N VAL D 121 -38.37 31.26 -12.60
CA VAL D 121 -39.73 31.78 -12.46
C VAL D 121 -39.76 33.24 -12.01
N ARG D 122 -38.99 33.52 -10.97
CA ARG D 122 -38.93 34.85 -10.39
C ARG D 122 -38.58 35.90 -11.46
N LYS D 123 -37.56 35.62 -12.26
CA LYS D 123 -37.10 36.54 -13.29
C LYS D 123 -38.08 36.60 -14.45
N GLN D 124 -38.91 35.55 -14.55
CA GLN D 124 -39.88 35.38 -15.60
C GLN D 124 -41.17 36.18 -15.27
N LEU D 125 -41.42 36.34 -13.98
CA LEU D 125 -42.56 37.11 -13.47
C LEU D 125 -42.18 38.57 -13.39
N ARG D 126 -40.88 38.83 -13.43
CA ARG D 126 -40.39 40.20 -13.48
C ARG D 126 -41.12 40.99 -12.43
N GLN D 127 -41.78 42.07 -12.84
CA GLN D 127 -42.39 42.99 -11.88
C GLN D 127 -43.83 42.65 -11.54
N ASN D 128 -44.41 41.66 -12.24
CA ASN D 128 -45.82 41.26 -12.03
C ASN D 128 -46.10 40.45 -10.76
N ALA D 129 -45.07 40.27 -9.93
CA ALA D 129 -45.19 39.44 -8.73
C ALA D 129 -44.16 39.81 -7.67
N GLU D 130 -44.38 39.29 -6.48
CA GLU D 130 -43.53 39.54 -5.35
C GLU D 130 -43.29 38.25 -4.60
N GLU D 131 -42.22 38.18 -3.84
CA GLU D 131 -41.94 37.02 -3.04
C GLU D 131 -42.42 37.07 -1.59
N ASP D 132 -43.08 36.00 -1.16
CA ASP D 132 -43.42 35.81 0.22
C ASP D 132 -42.32 35.23 1.09
N GLY D 133 -41.19 34.83 0.52
CA GLY D 133 -40.11 34.25 1.30
C GLY D 133 -40.30 32.81 1.77
N LYS D 134 -41.26 32.12 1.18
CA LYS D 134 -41.52 30.71 1.51
C LYS D 134 -41.54 29.89 0.22
N GLY D 135 -41.09 30.50 -0.87
CA GLY D 135 -41.08 29.84 -2.17
C GLY D 135 -42.35 30.03 -2.96
N CYS D 136 -43.16 31.01 -2.54
CA CYS D 136 -44.36 31.38 -3.27
C CYS D 136 -44.22 32.74 -3.95
N PHE D 137 -44.98 32.91 -5.02
CA PHE D 137 -45.06 34.20 -5.66
C PHE D 137 -46.50 34.71 -5.66
N GLU D 138 -46.73 35.80 -4.94
CA GLU D 138 -48.00 36.51 -4.99
C GLU D 138 -48.14 37.25 -6.31
N ILE D 139 -49.14 36.84 -7.09
CA ILE D 139 -49.33 37.38 -8.42
C ILE D 139 -50.37 38.50 -8.41
N TYR D 140 -49.92 39.70 -8.79
CA TYR D 140 -50.75 40.91 -8.76
C TYR D 140 -51.57 41.12 -10.04
N HIS D 141 -52.14 40.03 -10.55
CA HIS D 141 -53.21 40.12 -11.52
C HIS D 141 -54.00 38.83 -11.49
N ALA D 142 -54.95 38.70 -12.38
CA ALA D 142 -55.68 37.46 -12.50
C ALA D 142 -54.91 36.52 -13.41
N CYS D 143 -54.67 35.32 -12.93
CA CYS D 143 -53.95 34.33 -13.69
C CYS D 143 -54.76 33.06 -13.72
N ASP D 144 -55.52 32.88 -14.80
CA ASP D 144 -56.34 31.69 -14.93
C ASP D 144 -55.44 30.47 -15.15
N ASP D 145 -56.04 29.30 -15.22
CA ASP D 145 -55.26 28.08 -15.35
C ASP D 145 -54.37 28.12 -16.58
N SER D 146 -54.93 28.45 -17.73
CA SER D 146 -54.11 28.55 -18.95
C SER D 146 -52.91 29.51 -18.78
N CYS D 147 -52.99 30.41 -17.81
CA CYS D 147 -51.95 31.41 -17.64
C CYS D 147 -50.92 30.95 -16.62
N MET D 148 -51.39 30.25 -15.60
CA MET D 148 -50.52 29.53 -14.68
C MET D 148 -49.63 28.56 -15.46
N GLU D 149 -50.24 27.89 -16.42
CA GLU D 149 -49.53 26.94 -17.25
C GLU D 149 -48.42 27.58 -18.04
N SER D 150 -48.70 28.76 -18.58
CA SER D 150 -47.74 29.50 -19.39
C SER D 150 -46.50 29.81 -18.57
N ILE D 151 -46.67 29.92 -17.26
CA ILE D 151 -45.57 30.16 -16.35
C ILE D 151 -44.73 28.91 -16.24
N ARG D 152 -45.38 27.75 -16.12
CA ARG D 152 -44.65 26.49 -16.09
C ARG D 152 -44.00 26.14 -17.45
N ASN D 153 -44.40 26.85 -18.50
CA ASN D 153 -43.93 26.61 -19.85
C ASN D 153 -42.74 27.46 -20.24
N ASN D 154 -42.52 28.52 -19.47
CA ASN D 154 -41.64 29.60 -19.91
C ASN D 154 -42.17 30.34 -21.11
N THR D 155 -43.49 30.43 -21.24
CA THR D 155 -44.07 31.13 -22.39
C THR D 155 -44.87 32.36 -21.91
N TYR D 156 -44.83 32.60 -20.61
CA TYR D 156 -45.45 33.75 -19.97
C TYR D 156 -44.79 35.07 -20.39
N ASP D 157 -45.59 35.99 -20.92
CA ASP D 157 -45.13 37.32 -21.31
C ASP D 157 -45.50 38.35 -20.28
N HIS D 158 -44.53 38.80 -19.51
CA HIS D 158 -44.80 39.67 -18.37
C HIS D 158 -45.44 41.01 -18.78
N SER D 159 -45.13 41.48 -19.98
CA SER D 159 -45.59 42.79 -20.43
C SER D 159 -47.12 42.83 -20.62
N GLN D 160 -47.66 41.67 -21.01
CA GLN D 160 -49.10 41.43 -21.10
C GLN D 160 -49.81 41.96 -19.85
N TYR D 161 -49.31 41.60 -18.67
CA TYR D 161 -49.97 41.94 -17.42
C TYR D 161 -49.30 43.07 -16.62
N ARG D 162 -48.28 43.68 -17.18
CA ARG D 162 -47.46 44.58 -16.41
C ARG D 162 -48.24 45.77 -15.87
N GLU D 163 -48.94 46.48 -16.75
CA GLU D 163 -49.59 47.75 -16.38
C GLU D 163 -50.57 47.52 -15.23
N GLU D 164 -51.41 46.51 -15.39
CA GLU D 164 -52.38 46.15 -14.35
C GLU D 164 -51.68 45.78 -13.06
N ALA D 165 -50.55 45.10 -13.20
CA ALA D 165 -49.83 44.56 -12.06
C ALA D 165 -49.25 45.68 -11.22
N LEU D 166 -48.46 46.56 -11.85
CA LEU D 166 -47.80 47.67 -11.15
C LEU D 166 -48.79 48.54 -10.38
N LEU D 167 -49.95 48.80 -10.96
CA LEU D 167 -50.97 49.59 -10.26
C LEU D 167 -51.46 48.82 -9.01
N ASN D 168 -51.82 47.55 -9.19
CA ASN D 168 -52.18 46.66 -8.10
C ASN D 168 -51.09 46.54 -7.00
N ARG D 169 -49.87 46.91 -7.35
CA ARG D 169 -48.76 46.81 -6.43
C ARG D 169 -48.53 48.15 -5.70
N LEU D 170 -49.22 49.20 -6.14
CA LEU D 170 -48.90 50.53 -5.58
C LEU D 170 -49.98 51.13 -4.67
N ASN D 171 -51.20 50.63 -4.73
CA ASN D 171 -52.25 51.18 -3.86
C ASN D 171 -52.98 50.08 -3.09
N ASP E 5 -31.81 55.88 7.48
CA ASP E 5 -32.41 54.74 8.18
C ASP E 5 -32.09 53.39 7.50
N LYS E 6 -31.23 52.56 8.13
CA LYS E 6 -30.68 51.33 7.52
C LYS E 6 -30.55 50.11 8.47
N ILE E 7 -30.46 48.91 7.88
CA ILE E 7 -30.04 47.70 8.62
C ILE E 7 -28.95 47.00 7.84
N CYS E 8 -27.89 46.59 8.53
CA CYS E 8 -26.69 46.09 7.86
C CYS E 8 -26.26 44.69 8.35
N LEU E 9 -26.01 43.80 7.39
CA LEU E 9 -25.60 42.45 7.73
C LEU E 9 -24.10 42.34 7.63
N GLY E 10 -23.54 41.45 8.44
CA GLY E 10 -22.12 41.28 8.51
C GLY E 10 -21.70 40.03 9.26
N HIS E 11 -20.39 39.85 9.33
CA HIS E 11 -19.80 38.66 9.93
C HIS E 11 -18.65 39.08 10.82
N HIS E 12 -18.13 38.15 11.62
CA HIS E 12 -17.08 38.55 12.54
C HIS E 12 -15.72 38.40 11.87
N ALA E 13 -14.71 38.98 12.50
CA ALA E 13 -13.32 38.76 12.11
C ALA E 13 -12.52 38.73 13.40
N VAL E 14 -11.23 38.46 13.29
CA VAL E 14 -10.38 38.41 14.47
C VAL E 14 -9.10 39.14 14.14
N ALA E 15 -8.44 39.69 15.16
CA ALA E 15 -7.21 40.41 14.92
C ALA E 15 -6.20 39.45 14.28
N ASN E 16 -5.78 38.43 15.03
CA ASN E 16 -4.86 37.41 14.51
C ASN E 16 -5.54 36.19 13.84
N GLY E 17 -5.38 36.08 12.52
CA GLY E 17 -5.95 34.96 11.81
C GLY E 17 -4.96 33.82 11.58
N THR E 18 -5.47 32.69 11.10
CA THR E 18 -4.66 31.48 10.93
C THR E 18 -4.61 31.13 9.45
N ILE E 19 -3.42 30.87 8.92
CA ILE E 19 -3.33 30.53 7.50
C ILE E 19 -3.47 29.02 7.20
N VAL E 20 -4.41 28.69 6.31
CA VAL E 20 -4.62 27.31 5.85
C VAL E 20 -4.34 27.15 4.33
N LYS E 21 -4.39 25.90 3.86
CA LYS E 21 -4.29 25.56 2.43
C LYS E 21 -5.67 25.12 1.92
N THR E 22 -6.00 25.47 0.68
CA THR E 22 -7.20 24.94 0.03
C THR E 22 -6.86 24.35 -1.32
N LEU E 23 -7.89 23.96 -2.07
CA LEU E 23 -7.70 23.46 -3.43
C LEU E 23 -7.11 24.54 -4.31
N THR E 24 -7.60 25.77 -4.15
CA THR E 24 -7.21 26.88 -5.01
C THR E 24 -6.18 27.81 -4.38
N ASN E 25 -5.92 27.65 -3.08
CA ASN E 25 -5.17 28.67 -2.36
C ASN E 25 -4.37 28.13 -1.17
N GLU E 26 -3.06 28.06 -1.34
CA GLU E 26 -2.15 28.02 -0.19
C GLU E 26 -2.25 29.38 0.47
N GLN E 27 -1.80 29.51 1.70
CA GLN E 27 -1.77 30.85 2.32
C GLN E 27 -3.15 31.57 2.33
N GLU E 28 -4.20 30.89 2.79
CA GLU E 28 -5.53 31.47 2.91
C GLU E 28 -5.87 31.78 4.35
N GLU E 29 -6.01 33.06 4.69
CA GLU E 29 -6.24 33.41 6.08
C GLU E 29 -7.69 33.13 6.52
N VAL E 30 -7.82 32.62 7.74
CA VAL E 30 -9.09 32.12 8.27
C VAL E 30 -9.18 32.52 9.75
N THR E 31 -10.39 32.56 10.32
CA THR E 31 -10.53 33.03 11.69
C THR E 31 -10.15 31.98 12.73
N ASN E 32 -10.06 30.72 12.32
CA ASN E 32 -9.60 29.67 13.23
C ASN E 32 -9.23 28.39 12.49
N ALA E 33 -8.38 27.59 13.11
CA ALA E 33 -7.97 26.30 12.57
C ALA E 33 -7.46 25.38 13.69
N THR E 34 -7.51 24.07 13.46
CA THR E 34 -6.93 23.10 14.40
C THR E 34 -6.00 22.17 13.65
N GLU E 35 -4.90 21.78 14.30
CA GLU E 35 -3.90 20.89 13.73
C GLU E 35 -4.47 19.49 13.50
N THR E 36 -4.13 18.87 12.36
CA THR E 36 -4.59 17.51 12.12
C THR E 36 -3.47 16.49 12.28
N VAL E 37 -2.22 16.93 12.36
CA VAL E 37 -1.09 16.01 12.52
C VAL E 37 -0.43 16.13 13.90
N GLU E 38 -0.38 15.01 14.61
CA GLU E 38 0.19 15.02 15.94
C GLU E 38 1.70 14.99 15.89
N SER E 39 2.32 15.99 16.48
CA SER E 39 3.78 16.12 16.43
C SER E 39 4.45 15.98 17.78
N THR E 40 3.66 15.82 18.83
CA THR E 40 4.22 15.70 20.16
C THR E 40 3.88 14.36 20.76
N GLY E 41 4.90 13.70 21.28
CA GLY E 41 4.78 12.34 21.74
C GLY E 41 5.33 12.27 23.13
N ILE E 42 4.99 11.21 23.85
CA ILE E 42 5.44 11.08 25.22
C ILE E 42 6.71 10.24 25.30
N ASN E 43 7.73 10.79 25.95
CA ASN E 43 9.06 10.22 25.99
C ASN E 43 9.07 8.86 26.67
N ARG E 44 8.07 8.64 27.50
CA ARG E 44 7.85 7.38 28.24
C ARG E 44 7.00 6.30 27.55
N LEU E 45 7.05 5.05 28.07
CA LEU E 45 6.13 3.97 27.69
C LEU E 45 4.86 3.90 28.59
N CYS E 46 3.75 4.42 28.13
CA CYS E 46 2.53 4.48 28.94
C CYS E 46 1.84 3.14 29.16
N MET E 47 2.14 2.51 30.29
CA MET E 47 1.70 1.14 30.51
C MET E 47 0.42 0.96 31.37
N LYS E 48 -0.28 2.05 31.68
CA LYS E 48 -1.46 1.92 32.50
C LYS E 48 -2.53 1.05 31.86
N GLY E 49 -3.11 0.16 32.66
CA GLY E 49 -4.12 -0.77 32.19
C GLY E 49 -3.55 -1.91 31.37
N ARG E 50 -2.23 -2.02 31.36
CA ARG E 50 -1.56 -3.06 30.59
C ARG E 50 -0.70 -3.95 31.50
N LYS E 51 -0.98 -5.25 31.50
CA LYS E 51 -0.16 -6.19 32.24
C LYS E 51 1.10 -6.50 31.43
N HIS E 52 2.22 -5.93 31.85
CA HIS E 52 3.38 -5.96 30.98
C HIS E 52 4.66 -6.51 31.60
N LYS E 53 5.57 -6.95 30.73
CA LYS E 53 6.86 -7.40 31.15
C LYS E 53 7.93 -6.53 30.51
N ASP E 54 8.81 -5.98 31.34
CA ASP E 54 9.95 -5.26 30.83
C ASP E 54 11.17 -6.16 30.91
N LEU E 55 11.65 -6.61 29.76
CA LEU E 55 12.77 -7.55 29.70
C LEU E 55 14.13 -6.95 30.12
N GLY E 56 14.28 -5.64 30.11
CA GLY E 56 15.58 -5.05 30.37
C GLY E 56 16.68 -5.65 29.49
N ASN E 57 17.80 -5.99 30.10
CA ASN E 57 18.92 -6.45 29.31
C ASN E 57 18.82 -7.94 28.93
N CYS E 58 17.64 -8.52 29.13
CA CYS E 58 17.32 -9.86 28.68
C CYS E 58 16.76 -9.86 27.24
N HIS E 59 17.47 -10.50 26.29
CA HIS E 59 16.93 -10.70 24.94
C HIS E 59 15.84 -11.77 24.90
N PRO E 60 14.82 -11.58 24.06
CA PRO E 60 13.77 -12.59 23.97
C PRO E 60 14.24 -14.04 23.70
N ILE E 61 15.25 -14.22 22.89
CA ILE E 61 15.78 -15.55 22.64
C ILE E 61 16.27 -16.14 23.95
N GLY E 62 16.84 -15.28 24.79
CA GLY E 62 17.35 -15.67 26.10
C GLY E 62 16.32 -16.15 27.12
N MET E 63 15.06 -15.90 26.86
CA MET E 63 13.97 -16.43 27.69
C MET E 63 13.76 -17.90 27.45
N LEU E 64 13.96 -18.38 26.22
CA LEU E 64 13.73 -19.79 25.88
C LEU E 64 14.92 -20.62 26.34
N ILE E 65 16.07 -20.00 26.26
CA ILE E 65 17.32 -20.67 26.33
C ILE E 65 17.81 -20.61 27.79
N GLY E 66 17.49 -19.54 28.49
CA GLY E 66 17.83 -19.50 29.91
C GLY E 66 19.16 -18.81 30.12
N THR E 67 19.39 -17.77 29.36
CA THR E 67 20.56 -16.97 29.56
C THR E 67 20.44 -16.36 30.97
N PRO E 68 21.54 -16.31 31.73
CA PRO E 68 21.45 -15.80 33.10
C PRO E 68 20.87 -14.39 33.22
N ALA E 69 21.04 -13.53 32.22
CA ALA E 69 20.40 -12.20 32.25
C ALA E 69 18.88 -12.33 32.28
N CYS E 70 18.37 -13.48 31.85
CA CYS E 70 16.95 -13.72 31.72
C CYS E 70 16.31 -14.54 32.87
N ASP E 71 17.05 -14.75 33.96
CA ASP E 71 16.58 -15.64 35.04
C ASP E 71 15.23 -15.23 35.61
N LEU E 72 14.95 -13.95 35.60
CA LEU E 72 13.67 -13.49 36.14
C LEU E 72 12.61 -13.37 35.02
N HIS E 73 12.95 -13.93 33.86
CA HIS E 73 12.08 -13.87 32.68
C HIS E 73 11.91 -15.19 31.97
N LEU E 74 12.07 -16.28 32.69
CA LEU E 74 11.93 -17.62 32.11
C LEU E 74 10.48 -18.01 31.92
N THR E 75 9.59 -17.52 32.79
CA THR E 75 8.17 -17.78 32.63
C THR E 75 7.43 -16.50 32.99
N GLY E 76 6.15 -16.41 32.60
CA GLY E 76 5.35 -15.24 32.92
C GLY E 76 4.16 -15.03 32.00
N MET E 77 3.35 -14.01 32.27
CA MET E 77 2.20 -13.66 31.41
C MET E 77 2.14 -12.17 31.16
N TRP E 78 1.73 -11.76 29.97
CA TRP E 78 1.73 -10.35 29.64
C TRP E 78 0.77 -10.07 28.44
N ASP E 79 0.13 -8.90 28.48
CA ASP E 79 -0.21 -7.94 27.41
C ASP E 79 0.83 -7.56 26.41
N THR E 80 1.93 -7.09 26.98
CA THR E 80 2.90 -6.26 26.32
C THR E 80 4.30 -6.72 26.71
N LEU E 81 5.11 -7.08 25.72
CA LEU E 81 6.49 -7.51 25.99
C LEU E 81 7.40 -6.41 25.41
N ILE E 82 8.38 -5.98 26.21
CA ILE E 82 9.20 -4.82 25.87
C ILE E 82 10.66 -5.20 25.76
N GLU E 83 11.27 -4.92 24.61
CA GLU E 83 12.64 -5.30 24.37
C GLU E 83 13.54 -4.07 24.34
N ARG E 84 14.68 -4.12 25.00
CA ARG E 84 15.60 -2.99 25.12
C ARG E 84 16.77 -3.13 24.16
N GLU E 85 17.62 -2.11 24.05
CA GLU E 85 18.56 -2.07 22.94
C GLU E 85 19.72 -3.05 22.94
N ASN E 86 20.53 -3.14 23.98
CA ASN E 86 21.62 -4.13 23.79
C ASN E 86 21.44 -5.33 24.68
N ALA E 87 20.31 -5.99 24.51
CA ALA E 87 19.96 -7.13 25.35
C ALA E 87 20.74 -8.38 24.99
N ILE E 88 21.07 -9.14 26.02
CA ILE E 88 21.93 -10.30 25.89
C ILE E 88 21.12 -11.55 25.62
N ALA E 89 21.45 -12.21 24.51
CA ALA E 89 20.84 -13.47 24.17
C ALA E 89 21.72 -14.61 24.57
N TYR E 90 23.03 -14.44 24.41
CA TYR E 90 23.95 -15.57 24.53
C TYR E 90 25.03 -15.20 25.52
N CYS E 91 25.52 -16.19 26.24
CA CYS E 91 26.65 -15.96 27.11
C CYS E 91 27.85 -16.70 26.52
N TYR E 92 27.61 -17.92 26.09
CA TYR E 92 28.53 -18.68 25.28
C TYR E 92 28.22 -18.30 23.84
N PRO E 93 29.25 -17.91 23.07
CA PRO E 93 29.12 -17.36 21.72
C PRO E 93 28.38 -18.29 20.77
N GLY E 94 27.68 -17.75 19.79
CA GLY E 94 26.88 -18.59 18.92
C GLY E 94 25.73 -17.79 18.35
N ALA E 95 24.86 -18.49 17.64
CA ALA E 95 23.71 -17.82 17.04
C ALA E 95 22.61 -18.84 16.81
N THR E 96 21.50 -18.35 16.29
CA THR E 96 20.29 -19.12 16.12
C THR E 96 19.78 -19.03 14.69
N VAL E 97 19.47 -20.17 14.13
CA VAL E 97 18.92 -20.19 12.80
C VAL E 97 17.48 -19.66 12.87
N ASN E 98 17.10 -18.83 11.89
CA ASN E 98 15.77 -18.24 11.88
C ASN E 98 15.46 -17.44 13.12
N VAL E 99 16.42 -16.66 13.59
CA VAL E 99 16.26 -15.99 14.86
C VAL E 99 15.22 -14.90 14.80
N GLU E 100 15.09 -14.20 13.67
CA GLU E 100 14.16 -13.06 13.65
C GLU E 100 12.73 -13.56 13.64
N ALA E 101 12.46 -14.65 12.93
CA ALA E 101 11.15 -15.26 13.04
C ALA E 101 10.89 -15.72 14.48
N LEU E 102 11.91 -16.33 15.10
CA LEU E 102 11.78 -16.80 16.49
C LEU E 102 11.53 -15.61 17.42
N ARG E 103 12.34 -14.56 17.29
CA ARG E 103 12.11 -13.35 18.04
C ARG E 103 10.69 -12.79 17.84
N GLN E 104 10.21 -12.71 16.61
CA GLN E 104 8.85 -12.21 16.37
C GLN E 104 7.80 -13.03 17.12
N LYS E 105 7.90 -14.36 17.03
CA LYS E 105 6.98 -15.27 17.70
C LYS E 105 6.90 -14.98 19.20
N ILE E 106 8.04 -14.71 19.82
CA ILE E 106 8.04 -14.40 21.25
C ILE E 106 7.44 -13.01 21.54
N MET E 107 7.78 -12.01 20.73
CA MET E 107 7.18 -10.70 20.88
C MET E 107 5.69 -10.62 20.47
N GLU E 108 5.17 -11.63 19.77
CA GLU E 108 3.74 -11.72 19.49
C GLU E 108 2.98 -12.45 20.61
N SER E 109 3.72 -13.05 21.54
CA SER E 109 3.12 -13.88 22.58
C SER E 109 2.45 -13.12 23.73
N GLY E 110 1.71 -13.86 24.54
CA GLY E 110 1.10 -13.30 25.73
C GLY E 110 1.66 -13.95 26.98
N GLY E 111 2.63 -14.85 26.85
CA GLY E 111 3.29 -15.42 28.02
C GLY E 111 4.07 -16.68 27.70
N ILE E 112 4.95 -17.11 28.60
CA ILE E 112 5.68 -18.39 28.42
C ILE E 112 5.54 -19.28 29.64
N ASN E 113 5.21 -20.56 29.43
CA ASN E 113 5.40 -21.57 30.48
C ASN E 113 6.55 -22.49 30.08
N LYS E 114 7.17 -23.13 31.06
CA LYS E 114 8.21 -24.08 30.75
C LYS E 114 7.79 -25.48 31.20
N ILE E 115 8.16 -26.48 30.39
CA ILE E 115 7.80 -27.88 30.60
C ILE E 115 9.05 -28.76 30.57
N SER E 116 9.24 -29.52 31.63
CA SER E 116 10.41 -30.35 31.70
C SER E 116 10.35 -31.40 30.58
N THR E 117 11.52 -31.77 30.06
CA THR E 117 11.60 -32.78 29.04
C THR E 117 11.77 -34.18 29.65
N GLY E 118 12.06 -34.23 30.95
CA GLY E 118 12.32 -35.47 31.64
C GLY E 118 13.44 -36.27 31.03
N PHE E 119 14.34 -35.61 30.30
CA PHE E 119 15.45 -36.32 29.72
C PHE E 119 16.36 -36.77 30.83
N THR E 120 17.05 -37.87 30.59
CA THR E 120 17.78 -38.65 31.57
C THR E 120 19.00 -39.25 30.89
N TYR E 121 20.14 -39.26 31.55
CA TYR E 121 21.35 -39.67 30.85
C TYR E 121 22.05 -40.76 31.64
N GLY E 122 22.73 -41.64 30.90
CA GLY E 122 23.37 -42.79 31.50
C GLY E 122 24.56 -42.36 32.31
N SER E 123 25.22 -43.33 32.92
CA SER E 123 26.27 -43.02 33.88
C SER E 123 27.52 -42.52 33.16
N SER E 124 27.67 -42.91 31.89
CA SER E 124 28.84 -42.49 31.13
C SER E 124 28.78 -41.03 30.66
N ILE E 125 27.71 -40.31 31.04
CA ILE E 125 27.49 -38.92 30.62
C ILE E 125 27.45 -37.94 31.80
N ASN E 126 28.34 -36.95 31.78
CA ASN E 126 28.26 -35.85 32.71
C ASN E 126 27.39 -34.75 32.09
N SER E 127 26.28 -34.42 32.73
CA SER E 127 25.36 -33.47 32.14
C SER E 127 25.40 -32.12 32.87
N ALA E 128 26.27 -32.00 33.87
CA ALA E 128 26.39 -30.73 34.57
C ALA E 128 27.58 -29.93 34.04
N GLY E 129 27.73 -29.95 32.73
CA GLY E 129 28.76 -29.15 32.10
C GLY E 129 28.41 -27.70 32.23
N THR E 130 29.45 -26.90 32.52
CA THR E 130 29.33 -25.46 32.73
C THR E 130 30.50 -24.76 32.06
N THR E 131 30.49 -23.44 32.15
CA THR E 131 31.43 -22.61 31.43
C THR E 131 31.64 -21.24 32.08
N ARG E 132 32.86 -20.73 31.99
CA ARG E 132 33.21 -19.41 32.48
C ARG E 132 32.42 -18.29 31.78
N ALA E 133 31.83 -18.59 30.64
CA ALA E 133 31.12 -17.57 29.89
C ALA E 133 29.69 -17.36 30.39
N CYS E 134 29.18 -18.27 31.23
CA CYS E 134 27.85 -18.09 31.84
C CYS E 134 28.01 -18.00 33.33
N MET E 135 28.14 -16.78 33.84
CA MET E 135 28.32 -16.55 35.27
C MET E 135 26.98 -16.37 35.97
N ARG E 136 26.77 -17.13 37.05
CA ARG E 136 25.66 -16.85 37.98
C ARG E 136 26.30 -16.74 39.33
N ASN E 137 25.95 -15.68 40.03
CA ASN E 137 26.65 -15.34 41.24
C ASN E 137 28.15 -15.49 40.96
N GLY E 138 28.89 -16.17 41.80
CA GLY E 138 30.30 -16.16 41.47
C GLY E 138 30.75 -17.13 40.38
N GLY E 139 29.89 -18.07 40.02
CA GLY E 139 30.41 -19.33 39.49
C GLY E 139 30.05 -19.63 38.07
N ASN E 140 30.83 -20.52 37.47
CA ASN E 140 30.54 -21.09 36.15
C ASN E 140 29.15 -21.68 36.14
N SER E 141 28.45 -21.47 35.05
CA SER E 141 27.11 -21.94 34.92
C SER E 141 26.86 -22.32 33.47
N PHE E 142 25.60 -22.41 33.08
CA PHE E 142 25.23 -22.75 31.72
C PHE E 142 23.85 -22.21 31.46
N TYR E 143 23.35 -22.33 30.24
CA TYR E 143 21.96 -22.01 29.98
C TYR E 143 21.05 -22.81 30.91
N ALA E 144 20.11 -22.12 31.55
CA ALA E 144 19.25 -22.76 32.56
C ALA E 144 18.34 -23.82 31.96
N GLU E 145 17.93 -23.66 30.70
CA GLU E 145 16.97 -24.60 30.13
C GLU E 145 17.62 -25.66 29.25
N LEU E 146 18.95 -25.63 29.15
CA LEU E 146 19.69 -26.61 28.35
C LEU E 146 20.76 -27.32 29.16
N LYS E 147 21.38 -28.34 28.58
CA LYS E 147 22.38 -29.10 29.30
C LYS E 147 23.53 -29.50 28.37
N TRP E 148 24.74 -29.15 28.80
CA TRP E 148 25.92 -29.45 28.04
C TRP E 148 26.35 -30.86 28.40
N LEU E 149 26.00 -31.82 27.54
CA LEU E 149 26.35 -33.20 27.76
C LEU E 149 27.73 -33.48 27.25
N VAL E 150 28.56 -34.02 28.12
CA VAL E 150 29.92 -34.40 27.77
C VAL E 150 30.23 -35.76 28.38
N SER E 151 31.26 -36.42 27.84
CA SER E 151 31.73 -37.68 28.42
C SER E 151 32.22 -37.47 29.83
N LYS E 152 31.73 -38.31 30.74
CA LYS E 152 32.11 -38.24 32.13
C LYS E 152 33.63 -38.35 32.31
N SER E 153 34.23 -39.19 31.48
CA SER E 153 35.65 -39.40 31.54
C SER E 153 36.31 -38.85 30.30
N LYS E 154 37.09 -37.80 30.52
CA LYS E 154 37.77 -37.07 29.47
C LYS E 154 38.44 -37.94 28.40
N GLY E 155 38.06 -37.69 27.15
CA GLY E 155 38.67 -38.33 26.01
C GLY E 155 37.98 -39.60 25.57
N GLN E 156 37.07 -40.10 26.41
CA GLN E 156 36.34 -41.30 26.04
C GLN E 156 35.19 -40.99 25.10
N ASN E 157 34.87 -41.92 24.20
CA ASN E 157 33.77 -41.72 23.26
C ASN E 157 32.43 -41.63 23.98
N PHE E 158 31.76 -40.50 23.76
CA PHE E 158 30.39 -40.27 24.16
C PHE E 158 29.47 -41.34 23.63
N PRO E 159 28.65 -41.95 24.49
CA PRO E 159 27.82 -43.09 24.07
C PRO E 159 26.75 -42.68 23.09
N GLN E 160 26.43 -43.55 22.14
CA GLN E 160 25.26 -43.39 21.29
C GLN E 160 24.01 -43.28 22.17
N THR E 161 23.28 -42.16 22.05
CA THR E 161 22.25 -41.82 23.03
C THR E 161 20.97 -41.36 22.35
N THR E 162 19.82 -41.74 22.92
CA THR E 162 18.52 -41.41 22.37
C THR E 162 17.64 -40.80 23.46
N ASN E 163 17.09 -39.60 23.21
CA ASN E 163 16.09 -38.98 24.11
C ASN E 163 14.95 -38.45 23.30
N THR E 164 13.73 -38.71 23.75
CA THR E 164 12.54 -38.35 22.98
C THR E 164 11.59 -37.53 23.81
N TYR E 165 11.29 -36.32 23.34
CA TYR E 165 10.31 -35.50 24.05
C TYR E 165 8.91 -35.71 23.46
N ARG E 166 7.97 -36.08 24.32
CA ARG E 166 6.60 -36.29 23.88
C ARG E 166 5.72 -35.14 24.32
N ASN E 167 5.15 -34.40 23.36
CA ASN E 167 4.19 -33.36 23.71
C ASN E 167 2.86 -34.05 24.03
N THR E 168 2.50 -34.04 25.31
CA THR E 168 1.30 -34.73 25.75
C THR E 168 0.24 -33.70 26.05
N ASP E 169 0.53 -32.45 25.74
CA ASP E 169 -0.37 -31.32 25.96
C ASP E 169 -1.40 -31.12 24.80
N THR E 170 -2.31 -30.18 24.94
CA THR E 170 -3.22 -29.89 23.86
C THR E 170 -2.82 -28.59 23.17
N ALA E 171 -1.52 -28.37 22.99
CA ALA E 171 -1.03 -27.17 22.30
C ALA E 171 0.41 -27.36 21.90
N GLU E 172 0.86 -26.66 20.85
CA GLU E 172 2.22 -26.85 20.36
C GLU E 172 3.29 -26.32 21.34
N HIS E 173 4.34 -27.10 21.53
CA HIS E 173 5.50 -26.66 22.29
C HIS E 173 6.66 -26.27 21.39
N LEU E 174 7.46 -25.34 21.87
CA LEU E 174 8.61 -24.84 21.13
C LEU E 174 9.85 -25.40 21.82
N ILE E 175 10.63 -26.17 21.06
CA ILE E 175 11.80 -26.81 21.64
C ILE E 175 13.06 -26.25 20.99
N MET E 176 14.02 -25.87 21.83
CA MET E 176 15.33 -25.44 21.36
C MET E 176 16.39 -26.38 21.80
N TRP E 177 17.38 -26.59 20.94
CA TRP E 177 18.60 -27.31 21.32
C TRP E 177 19.81 -26.62 20.73
N GLY E 178 20.99 -27.01 21.15
CA GLY E 178 22.18 -26.40 20.62
C GLY E 178 23.09 -27.44 20.01
N ILE E 179 23.89 -27.03 19.04
CA ILE E 179 24.96 -27.90 18.60
C ILE E 179 26.27 -27.25 18.98
N HIS E 180 27.11 -27.98 19.69
CA HIS E 180 28.40 -27.44 20.05
C HIS E 180 29.44 -27.59 18.93
N HIS E 181 30.06 -26.48 18.53
CA HIS E 181 31.12 -26.50 17.54
C HIS E 181 32.45 -26.14 18.19
N PRO E 182 33.25 -27.15 18.49
CA PRO E 182 34.49 -26.96 19.27
C PRO E 182 35.55 -26.12 18.54
N SER E 183 36.38 -25.43 19.33
CA SER E 183 37.54 -24.65 18.85
C SER E 183 38.66 -25.49 18.26
N SER E 184 38.96 -26.60 18.92
CA SER E 184 40.09 -27.40 18.51
C SER E 184 39.72 -28.86 18.45
N THR E 185 40.47 -29.59 17.62
CA THR E 185 40.34 -31.03 17.55
C THR E 185 40.60 -31.63 18.93
N GLN E 186 41.43 -30.96 19.71
CA GLN E 186 41.69 -31.41 21.05
C GLN E 186 40.45 -31.28 21.94
N GLU E 187 39.78 -30.12 21.91
CA GLU E 187 38.61 -29.89 22.77
C GLU E 187 37.55 -30.95 22.46
N LYS E 188 37.32 -31.20 21.17
CA LYS E 188 36.38 -32.21 20.75
C LYS E 188 36.72 -33.56 21.36
N ASN E 189 37.95 -34.04 21.19
CA ASN E 189 38.32 -35.34 21.75
C ASN E 189 38.09 -35.42 23.26
N ASP E 190 38.44 -34.36 23.97
CA ASP E 190 38.28 -34.33 25.42
C ASP E 190 36.83 -34.58 25.86
N LEU E 191 35.85 -34.00 25.15
CA LEU E 191 34.45 -34.08 25.58
C LEU E 191 33.68 -35.21 24.95
N TYR E 192 33.98 -35.50 23.69
CA TYR E 192 33.14 -36.41 22.94
C TYR E 192 33.88 -37.68 22.50
N GLY E 193 35.19 -37.58 22.33
CA GLY E 193 35.99 -38.69 21.84
C GLY E 193 36.46 -38.50 20.41
N THR E 194 36.99 -39.56 19.79
CA THR E 194 37.57 -39.45 18.47
C THR E 194 36.64 -39.97 17.37
N GLN E 195 35.52 -40.57 17.78
CA GLN E 195 34.49 -41.02 16.85
C GLN E 195 33.98 -39.86 16.00
N SER E 196 33.39 -40.17 14.85
CA SER E 196 32.71 -39.11 14.10
C SER E 196 31.47 -38.76 14.88
N LEU E 197 31.18 -37.46 14.99
CA LEU E 197 30.06 -37.02 15.79
C LEU E 197 28.92 -36.80 14.86
N SER E 198 27.72 -37.13 15.33
CA SER E 198 26.52 -36.89 14.55
C SER E 198 25.32 -36.67 15.48
N ILE E 199 24.46 -35.73 15.12
CA ILE E 199 23.22 -35.49 15.87
C ILE E 199 22.05 -35.38 14.91
N SER E 200 21.09 -36.28 15.06
CA SER E 200 19.88 -36.16 14.27
C SER E 200 18.62 -35.87 15.12
N VAL E 201 17.73 -35.06 14.58
CA VAL E 201 16.53 -34.63 15.28
C VAL E 201 15.31 -34.78 14.36
N GLY E 202 14.29 -35.49 14.82
CA GLY E 202 13.21 -35.90 13.96
C GLY E 202 11.88 -36.03 14.67
N SER E 203 10.88 -35.28 14.22
CA SER E 203 9.50 -35.43 14.68
C SER E 203 8.68 -35.86 13.48
N SER E 204 7.36 -35.68 13.54
CA SER E 204 6.54 -35.96 12.38
C SER E 204 6.67 -34.86 11.35
N THR E 205 7.07 -33.67 11.78
CA THR E 205 7.05 -32.54 10.86
C THR E 205 8.40 -31.86 10.68
N TYR E 206 9.45 -32.42 11.30
CA TYR E 206 10.77 -31.85 11.23
C TYR E 206 11.81 -32.95 11.11
N ARG E 207 12.79 -32.80 10.24
CA ARG E 207 13.97 -33.68 10.34
C ARG E 207 15.21 -32.92 9.94
N ASN E 208 16.27 -33.16 10.67
CA ASN E 208 17.49 -32.48 10.36
C ASN E 208 18.63 -33.25 10.97
N ASN E 209 19.83 -32.92 10.54
CA ASN E 209 21.00 -33.61 11.03
C ASN E 209 22.09 -32.56 11.17
N PHE E 210 22.89 -32.74 12.21
CA PHE E 210 23.96 -31.81 12.53
C PHE E 210 25.25 -32.57 12.76
N VAL E 211 26.33 -31.97 12.31
CA VAL E 211 27.65 -32.49 12.53
C VAL E 211 28.49 -31.39 13.10
N PRO E 212 29.01 -31.59 14.32
CA PRO E 212 29.88 -30.61 14.96
C PRO E 212 31.12 -30.40 14.11
N VAL E 213 31.51 -29.14 13.89
CA VAL E 213 32.66 -28.86 13.05
C VAL E 213 33.74 -28.11 13.83
N VAL E 214 34.87 -28.79 13.97
CA VAL E 214 36.04 -28.22 14.58
C VAL E 214 36.66 -27.20 13.67
N GLY E 215 36.84 -25.99 14.17
CA GLY E 215 37.51 -24.97 13.39
C GLY E 215 38.17 -23.89 14.22
N ALA E 216 39.25 -23.31 13.70
CA ALA E 216 39.89 -22.21 14.37
C ALA E 216 39.03 -20.98 14.12
N ARG E 217 38.70 -20.28 15.21
CA ARG E 217 37.84 -19.11 15.19
C ARG E 217 38.32 -18.18 16.26
N PRO E 218 38.09 -16.88 16.09
CA PRO E 218 38.35 -15.89 17.14
C PRO E 218 37.57 -16.19 18.41
N GLN E 219 38.05 -15.68 19.54
CA GLN E 219 37.37 -15.89 20.81
C GLN E 219 36.34 -14.82 21.09
N VAL E 220 35.13 -15.24 21.44
CA VAL E 220 34.08 -14.35 21.86
C VAL E 220 33.74 -14.69 23.32
N ASN E 221 33.78 -13.68 24.20
CA ASN E 221 33.76 -13.93 25.66
C ASN E 221 34.78 -14.98 26.14
N GLY E 222 36.00 -14.92 25.61
CA GLY E 222 37.04 -15.84 25.98
C GLY E 222 36.84 -17.27 25.48
N GLN E 223 36.07 -17.43 24.40
CA GLN E 223 35.78 -18.77 23.91
C GLN E 223 35.87 -18.93 22.38
N SER E 224 36.70 -19.84 21.90
CA SER E 224 36.81 -20.02 20.44
C SER E 224 35.71 -20.97 19.90
N GLY E 225 35.19 -21.84 20.76
CA GLY E 225 34.10 -22.70 20.37
C GLY E 225 32.83 -21.92 20.15
N ARG E 226 31.83 -22.55 19.55
CA ARG E 226 30.51 -21.95 19.42
C ARG E 226 29.43 -22.94 19.76
N ILE E 227 28.27 -22.41 20.09
CA ILE E 227 27.06 -23.20 20.17
C ILE E 227 26.01 -22.59 19.28
N ASP E 228 25.60 -23.33 18.25
CA ASP E 228 24.52 -22.83 17.40
C ASP E 228 23.16 -23.41 17.82
N PHE E 229 22.14 -22.57 17.90
CA PHE E 229 20.83 -23.01 18.36
C PHE E 229 19.85 -23.25 17.23
N HIS E 230 19.02 -24.25 17.43
CA HIS E 230 18.03 -24.66 16.46
C HIS E 230 16.70 -24.80 17.20
N TRP E 231 15.59 -24.66 16.47
CA TRP E 231 14.29 -24.80 17.12
C TRP E 231 13.20 -25.29 16.19
N THR E 232 12.08 -25.70 16.77
CA THR E 232 10.94 -26.09 15.98
C THR E 232 9.74 -26.28 16.91
N LEU E 233 8.54 -26.11 16.36
CA LEU E 233 7.30 -26.29 17.07
C LEU E 233 6.91 -27.77 17.04
N VAL E 234 6.70 -28.37 18.21
CA VAL E 234 6.21 -29.73 18.32
C VAL E 234 4.71 -29.75 18.56
N GLN E 235 3.97 -30.39 17.65
CA GLN E 235 2.52 -30.40 17.73
C GLN E 235 2.07 -31.32 18.87
N PRO E 236 0.82 -31.15 19.34
CA PRO E 236 0.21 -32.05 20.34
C PRO E 236 0.17 -33.51 19.86
N GLY E 237 0.56 -34.42 20.74
CA GLY E 237 0.54 -35.83 20.40
C GLY E 237 1.72 -36.25 19.54
N ASP E 238 2.61 -35.31 19.23
CA ASP E 238 3.77 -35.69 18.47
C ASP E 238 5.00 -35.80 19.39
N ASN E 239 5.95 -36.58 18.94
CA ASN E 239 7.13 -36.91 19.70
C ASN E 239 8.26 -36.40 18.84
N ILE E 240 9.34 -35.94 19.48
CA ILE E 240 10.51 -35.55 18.73
C ILE E 240 11.71 -36.29 19.32
N THR E 241 12.53 -36.87 18.46
CA THR E 241 13.59 -37.75 18.91
C THR E 241 14.98 -37.19 18.61
N PHE E 242 15.84 -37.15 19.64
CA PHE E 242 17.21 -36.70 19.48
C PHE E 242 18.13 -37.91 19.48
N SER E 243 18.93 -38.06 18.42
CA SER E 243 19.90 -39.15 18.33
C SER E 243 21.29 -38.56 18.32
N HIS E 244 22.16 -38.96 19.25
CA HIS E 244 23.45 -38.27 19.28
C HIS E 244 24.69 -39.00 19.87
N ASN E 245 25.84 -38.50 19.42
CA ASN E 245 27.22 -38.92 19.68
C ASN E 245 28.04 -38.03 20.58
N GLY E 246 27.45 -36.92 21.00
CA GLY E 246 28.22 -35.87 21.62
C GLY E 246 28.15 -34.64 20.73
N GLY E 247 27.91 -33.49 21.34
CA GLY E 247 27.82 -32.24 20.62
C GLY E 247 26.45 -31.62 20.70
N LEU E 248 25.49 -32.42 21.12
CA LEU E 248 24.17 -31.93 21.39
C LEU E 248 24.15 -31.22 22.71
N ILE E 249 23.77 -29.96 22.65
CA ILE E 249 23.40 -29.22 23.85
C ILE E 249 21.89 -29.43 24.08
N ALA E 250 21.54 -30.35 24.97
CA ALA E 250 20.18 -30.88 25.07
C ALA E 250 19.25 -30.03 25.92
N PRO E 251 17.96 -29.96 25.53
CA PRO E 251 16.97 -29.18 26.29
C PRO E 251 16.52 -29.93 27.56
N SER E 252 16.48 -29.21 28.68
CA SER E 252 16.01 -29.79 29.93
C SER E 252 14.57 -29.32 30.11
N ARG E 253 14.22 -28.19 29.52
CA ARG E 253 12.83 -27.74 29.47
C ARG E 253 12.50 -27.22 28.05
N VAL E 254 11.24 -27.35 27.62
CA VAL E 254 10.77 -26.70 26.40
C VAL E 254 9.82 -25.57 26.76
N SER E 255 9.39 -24.81 25.76
CA SER E 255 8.51 -23.66 25.98
C SER E 255 7.11 -23.82 25.41
N LYS E 256 6.17 -23.12 26.00
CA LYS E 256 4.85 -23.02 25.45
C LYS E 256 4.56 -21.57 25.35
N LEU E 257 4.46 -21.04 24.13
CA LEU E 257 4.07 -19.63 23.95
C LEU E 257 2.59 -19.54 24.15
N ILE E 258 2.13 -18.55 24.91
CA ILE E 258 0.74 -18.57 25.30
C ILE E 258 0.05 -17.30 24.93
N GLY E 259 -1.08 -17.44 24.22
CA GLY E 259 -1.90 -16.30 23.85
C GLY E 259 -1.17 -15.28 22.98
N ARG E 260 -1.57 -14.02 23.12
CA ARG E 260 -1.11 -12.96 22.23
C ARG E 260 -0.95 -11.68 23.01
N GLY E 261 0.06 -10.92 22.63
CA GLY E 261 0.41 -9.70 23.32
C GLY E 261 1.14 -8.83 22.33
N LEU E 262 1.44 -7.61 22.75
CA LEU E 262 2.03 -6.62 21.86
C LEU E 262 3.52 -6.45 22.13
N GLY E 263 4.36 -6.72 21.15
CA GLY E 263 5.78 -6.57 21.39
C GLY E 263 6.24 -5.16 21.09
N ILE E 264 6.88 -4.53 22.07
CA ILE E 264 7.45 -3.18 21.91
C ILE E 264 8.96 -3.19 21.98
N GLN E 265 9.63 -2.55 21.03
CA GLN E 265 11.07 -2.34 21.11
C GLN E 265 11.24 -0.87 21.36
N SER E 266 11.77 -0.51 22.53
CA SER E 266 11.93 0.89 22.88
C SER E 266 13.01 1.06 23.92
N ASP E 267 13.57 2.26 24.02
CA ASP E 267 14.45 2.57 25.15
C ASP E 267 13.79 3.57 26.12
N ALA E 268 12.49 3.79 25.97
CA ALA E 268 11.74 4.66 26.89
C ALA E 268 11.50 4.00 28.26
N PRO E 269 11.57 4.81 29.34
CA PRO E 269 11.12 4.41 30.68
C PRO E 269 9.66 4.08 30.73
N ILE E 270 9.31 3.08 31.51
CA ILE E 270 7.93 2.74 31.76
C ILE E 270 7.26 3.85 32.56
N ASP E 271 5.96 4.03 32.38
CA ASP E 271 5.14 4.90 33.23
C ASP E 271 3.76 4.28 33.38
N ASN E 272 3.41 3.86 34.59
CA ASN E 272 2.16 3.17 34.83
C ASN E 272 0.93 4.06 35.07
N ASN E 273 1.12 5.37 35.08
CA ASN E 273 0.01 6.32 35.28
C ASN E 273 -0.66 6.67 33.96
N CYS E 274 0.19 7.01 33.01
CA CYS E 274 -0.17 7.32 31.63
C CYS E 274 -0.73 6.11 30.84
N GLU E 275 -1.82 6.32 30.11
CA GLU E 275 -2.43 5.22 29.34
C GLU E 275 -2.08 5.42 27.86
N SER E 276 -2.10 4.35 27.06
CA SER E 276 -1.79 4.47 25.63
C SER E 276 -2.03 3.19 24.86
N LYS E 277 -2.08 3.30 23.54
CA LYS E 277 -2.37 2.14 22.70
C LYS E 277 -1.41 2.12 21.52
N CYS E 278 -0.53 3.11 21.45
CA CYS E 278 0.40 3.27 20.33
C CYS E 278 1.84 3.58 20.76
N PHE E 279 2.76 2.81 20.23
CA PHE E 279 4.12 2.85 20.72
C PHE E 279 5.13 2.78 19.60
N TRP E 280 6.24 3.41 19.84
CA TRP E 280 7.37 3.43 18.97
C TRP E 280 8.59 3.47 19.83
N ARG E 281 9.74 3.56 19.20
CA ARG E 281 11.00 3.48 19.86
C ARG E 281 11.18 4.48 20.98
N GLY E 282 10.72 5.68 20.73
CA GLY E 282 10.91 6.79 21.63
C GLY E 282 9.80 7.03 22.59
N GLY E 283 8.78 6.20 22.51
CA GLY E 283 7.73 6.23 23.48
C GLY E 283 6.34 5.98 23.05
N SER E 284 5.47 6.85 23.47
CA SER E 284 4.08 6.63 23.32
C SER E 284 3.53 7.72 22.54
N ILE E 285 2.42 7.44 21.91
CA ILE E 285 1.65 8.40 21.15
C ILE E 285 0.17 8.32 21.53
N ASN E 286 -0.29 9.33 22.26
CA ASN E 286 -1.70 9.47 22.66
C ASN E 286 -2.33 10.69 22.01
N THR E 287 -3.19 10.47 21.04
CA THR E 287 -3.81 11.61 20.38
C THR E 287 -5.11 11.25 19.74
N ARG E 288 -5.99 12.22 19.69
CA ARG E 288 -7.22 12.18 18.91
C ARG E 288 -6.99 12.25 17.38
N LEU E 289 -5.95 12.99 16.98
CA LEU E 289 -5.70 13.31 15.58
C LEU E 289 -5.46 12.05 14.73
N PRO E 290 -5.92 12.07 13.48
CA PRO E 290 -5.80 10.87 12.66
C PRO E 290 -4.41 10.71 12.00
N PHE E 291 -3.53 11.72 12.13
CA PHE E 291 -2.20 11.69 11.54
C PHE E 291 -1.14 12.07 12.57
N GLN E 292 0.08 11.54 12.42
CA GLN E 292 1.21 11.90 13.27
C GLN E 292 2.43 12.00 12.42
N ASN E 293 3.43 12.75 12.86
CA ASN E 293 4.70 12.80 12.12
C ASN E 293 5.91 12.49 13.00
N LEU E 294 5.66 11.82 14.13
CA LEU E 294 6.71 11.47 15.08
C LEU E 294 7.58 10.33 14.60
N SER E 295 6.96 9.33 13.94
CA SER E 295 7.66 8.09 13.61
C SER E 295 6.94 7.27 12.54
N PRO E 296 7.67 6.80 11.54
CA PRO E 296 7.09 5.90 10.52
C PRO E 296 7.02 4.45 10.99
N ARG E 297 7.82 4.12 12.00
CA ARG E 297 7.83 2.80 12.60
C ARG E 297 7.12 2.84 13.93
N THR E 298 5.84 2.50 13.93
CA THR E 298 5.13 2.36 15.17
C THR E 298 4.54 0.97 15.25
N VAL E 299 3.92 0.65 16.38
CA VAL E 299 3.22 -0.61 16.64
C VAL E 299 2.04 -0.22 17.49
N GLY E 300 0.98 -1.04 17.44
CA GLY E 300 -0.25 -0.80 18.18
C GLY E 300 -1.40 -0.19 17.37
N GLN E 301 -2.27 0.58 18.03
CA GLN E 301 -3.37 1.24 17.36
C GLN E 301 -2.98 2.67 17.10
N CYS E 302 -2.39 2.90 15.94
CA CYS E 302 -1.70 4.15 15.70
C CYS E 302 -2.37 5.02 14.66
N PRO E 303 -2.21 6.32 14.81
CA PRO E 303 -2.55 7.25 13.73
C PRO E 303 -1.57 7.08 12.57
N LYS E 304 -2.00 7.38 11.36
CA LYS E 304 -1.19 7.19 10.16
C LYS E 304 -0.08 8.22 10.10
N TYR E 305 1.12 7.77 9.80
CA TYR E 305 2.27 8.65 9.72
C TYR E 305 2.28 9.41 8.39
N VAL E 306 2.42 10.73 8.45
CA VAL E 306 2.54 11.51 7.23
C VAL E 306 3.81 12.36 7.30
N ASN E 307 4.38 12.65 6.13
CA ASN E 307 5.57 13.48 6.09
C ASN E 307 5.42 14.95 6.54
N ARG E 308 4.26 15.56 6.33
CA ARG E 308 4.13 16.96 6.64
C ARG E 308 4.31 17.28 8.15
N ARG E 309 4.96 18.41 8.43
CA ARG E 309 5.05 18.96 9.78
C ARG E 309 3.69 19.40 10.34
N SER E 310 2.89 19.99 9.47
CA SER E 310 1.61 20.58 9.87
C SER E 310 0.51 20.47 8.79
N LEU E 311 -0.70 20.09 9.19
CA LEU E 311 -1.84 20.27 8.31
C LEU E 311 -2.97 20.93 9.08
N MET E 312 -3.11 22.24 8.92
CA MET E 312 -4.16 23.00 9.59
C MET E 312 -5.49 22.81 8.87
N LEU E 313 -6.52 22.52 9.66
CA LEU E 313 -7.88 22.34 9.19
C LEU E 313 -8.74 23.53 9.64
N ALA E 314 -9.29 24.27 8.67
CA ALA E 314 -10.07 25.46 9.00
C ALA E 314 -11.29 25.13 9.84
N THR E 315 -11.61 26.02 10.77
CA THR E 315 -12.72 25.91 11.71
C THR E 315 -13.43 27.26 11.82
N GLY E 316 -13.11 28.15 10.91
CA GLY E 316 -13.78 29.42 10.80
C GLY E 316 -13.86 29.87 9.36
N MET E 317 -14.39 31.07 9.14
CA MET E 317 -14.57 31.61 7.80
C MET E 317 -13.32 32.33 7.35
N ARG E 318 -13.36 32.88 6.14
CA ARG E 318 -12.27 33.74 5.70
C ARG E 318 -12.13 34.87 6.70
N ASN E 319 -10.90 35.24 7.00
CA ASN E 319 -10.63 36.37 7.89
C ASN E 319 -10.58 37.65 7.08
N VAL E 320 -11.56 38.53 7.29
CA VAL E 320 -11.55 39.78 6.56
C VAL E 320 -11.43 40.98 7.50
N PRO E 321 -10.19 41.44 7.71
CA PRO E 321 -9.90 42.55 8.61
C PRO E 321 -10.24 43.87 7.90
N GLU E 322 -10.68 44.89 8.65
CA GLU E 322 -11.13 46.12 8.02
C GLU E 322 -10.08 46.87 7.16
N LEU F 1 -17.82 29.73 -4.08
CA LEU F 1 -17.98 31.07 -3.53
C LEU F 1 -19.38 31.61 -3.81
N PHE F 2 -20.07 31.87 -2.72
CA PHE F 2 -21.29 32.61 -2.70
C PHE F 2 -20.78 34.03 -2.61
N GLY F 3 -21.61 35.05 -2.73
CA GLY F 3 -21.03 36.35 -2.99
C GLY F 3 -20.50 37.19 -1.84
N ALA F 4 -20.74 36.72 -0.61
CA ALA F 4 -20.69 37.59 0.57
C ALA F 4 -19.35 37.75 1.27
N ILE F 5 -18.93 36.74 2.03
CA ILE F 5 -17.68 36.85 2.76
C ILE F 5 -16.54 36.97 1.77
N ALA F 6 -15.72 37.99 2.00
CA ALA F 6 -14.69 38.47 1.07
C ALA F 6 -15.30 38.92 -0.27
N GLY F 7 -16.63 39.06 -0.31
CA GLY F 7 -17.34 39.48 -1.52
C GLY F 7 -17.91 40.91 -1.52
N PHE F 8 -19.23 41.06 -1.59
CA PHE F 8 -19.84 42.40 -1.49
C PHE F 8 -19.71 43.00 -0.07
N LEU F 9 -19.75 42.16 0.97
CA LEU F 9 -19.39 42.68 2.30
C LEU F 9 -17.90 43.00 2.26
N GLU F 10 -17.53 44.23 2.60
CA GLU F 10 -16.13 44.68 2.53
C GLU F 10 -15.19 44.02 3.52
N ASN F 11 -15.66 43.80 4.73
CA ASN F 11 -14.82 43.21 5.76
C ASN F 11 -15.66 42.63 6.90
N GLY F 12 -14.99 41.87 7.77
CA GLY F 12 -15.67 41.35 8.93
C GLY F 12 -15.65 42.30 10.09
N TRP F 13 -16.42 41.94 11.13
CA TRP F 13 -16.57 42.80 12.29
C TRP F 13 -15.79 42.29 13.50
N GLU F 14 -14.55 42.76 13.63
CA GLU F 14 -13.70 42.40 14.77
C GLU F 14 -14.43 42.67 16.08
N GLY F 15 -15.16 43.79 16.13
CA GLY F 15 -15.92 44.16 17.30
C GLY F 15 -17.02 43.18 17.66
N MET F 16 -17.63 42.55 16.65
CA MET F 16 -18.64 41.55 16.93
C MET F 16 -17.95 40.30 17.47
N VAL F 17 -18.55 39.68 18.48
CA VAL F 17 -17.90 38.59 19.19
C VAL F 17 -18.89 37.52 19.65
N ASP F 18 -20.18 37.87 19.67
CA ASP F 18 -21.20 36.98 20.24
C ASP F 18 -21.87 36.06 19.17
N GLY F 19 -21.17 35.87 18.05
CA GLY F 19 -21.68 35.03 16.99
C GLY F 19 -20.77 35.14 15.78
N TRP F 20 -21.11 34.43 14.70
CA TRP F 20 -20.31 34.62 13.50
C TRP F 20 -20.97 35.62 12.56
N TYR F 21 -22.29 35.70 12.67
CA TYR F 21 -23.13 36.54 11.82
C TYR F 21 -24.05 37.45 12.66
N GLY F 22 -24.09 38.74 12.36
CA GLY F 22 -25.00 39.60 13.10
C GLY F 22 -25.59 40.73 12.26
N PHE F 23 -26.17 41.70 12.97
CA PHE F 23 -26.74 42.88 12.33
C PHE F 23 -26.09 44.12 12.91
N ARG F 24 -26.18 45.24 12.22
CA ARG F 24 -25.80 46.54 12.79
C ARG F 24 -26.95 47.54 12.59
N HIS F 25 -27.03 48.47 13.53
CA HIS F 25 -28.21 49.33 13.72
C HIS F 25 -28.10 50.71 13.12
N GLN F 26 -29.26 51.30 12.95
CA GLN F 26 -29.32 52.72 12.79
C GLN F 26 -30.75 53.14 12.72
N ASN F 27 -31.12 54.10 13.54
CA ASN F 27 -32.41 54.72 13.41
C ASN F 27 -32.26 55.84 14.37
N ALA F 28 -33.36 56.51 14.65
CA ALA F 28 -33.53 57.33 15.81
C ALA F 28 -33.22 56.43 16.94
N GLN F 29 -32.22 56.75 17.74
CA GLN F 29 -31.68 55.91 18.80
C GLN F 29 -30.55 54.99 18.40
N GLY F 30 -30.37 54.69 17.12
CA GLY F 30 -29.71 53.43 16.80
C GLY F 30 -28.22 53.25 16.52
N THR F 31 -27.66 52.21 17.16
CA THR F 31 -26.30 51.70 16.97
C THR F 31 -26.08 50.51 17.92
N GLN F 33 -25.83 46.86 16.97
CA GLN F 33 -25.10 45.60 16.69
C GLN F 33 -25.61 44.42 17.51
N ALA F 34 -25.97 43.33 16.84
CA ALA F 34 -26.34 42.09 17.52
C ALA F 34 -25.76 40.87 16.81
N ALA F 35 -26.37 39.71 17.05
CA ALA F 35 -25.90 38.45 16.45
C ALA F 35 -27.06 37.50 16.20
N ASP F 36 -27.03 36.81 15.06
CA ASP F 36 -28.04 35.81 14.78
C ASP F 36 -27.64 34.49 15.40
N TYR F 37 -28.52 33.90 16.19
CA TYR F 37 -28.19 32.66 16.85
C TYR F 37 -28.32 31.49 15.89
N LYS F 38 -29.43 31.45 15.15
CA LYS F 38 -29.73 30.28 14.34
C LYS F 38 -28.72 30.10 13.22
N SER F 39 -28.26 31.21 12.66
CA SER F 39 -27.36 31.13 11.53
C SER F 39 -25.94 30.74 11.94
N THR F 40 -25.46 31.27 13.06
CA THR F 40 -24.10 30.91 13.47
C THR F 40 -24.07 29.50 14.08
N GLN F 41 -25.21 28.98 14.52
CA GLN F 41 -25.24 27.61 15.03
C GLN F 41 -25.19 26.63 13.86
N ALA F 42 -25.97 26.91 12.82
CA ALA F 42 -26.00 26.03 11.67
C ALA F 42 -24.59 25.89 11.10
N ALA F 43 -23.84 27.00 11.11
CA ALA F 43 -22.47 26.97 10.62
C ALA F 43 -21.59 26.13 11.53
N ILE F 44 -21.57 26.52 12.80
CA ILE F 44 -20.78 25.84 13.81
C ILE F 44 -21.09 24.35 13.88
N ASP F 45 -22.37 24.01 13.81
CA ASP F 45 -22.81 22.60 13.86
C ASP F 45 -22.09 21.78 12.78
N GLN F 46 -21.78 22.42 11.66
CA GLN F 46 -21.20 21.75 10.52
C GLN F 46 -19.68 21.67 10.67
N ILE F 47 -19.09 22.57 11.43
CA ILE F 47 -17.68 22.43 11.75
C ILE F 47 -17.45 21.27 12.72
N THR F 48 -18.32 21.11 13.71
CA THR F 48 -18.12 20.08 14.72
C THR F 48 -18.46 18.71 14.14
N GLY F 49 -19.23 18.69 13.06
CA GLY F 49 -19.47 17.44 12.36
C GLY F 49 -18.19 17.04 11.64
N LYS F 50 -17.49 18.03 11.10
CA LYS F 50 -16.23 17.80 10.40
C LYS F 50 -15.19 17.37 11.38
N LEU F 51 -15.29 17.88 12.59
CA LEU F 51 -14.32 17.57 13.61
C LEU F 51 -14.47 16.12 14.10
N ASN F 52 -15.70 15.67 14.27
CA ASN F 52 -16.00 14.31 14.70
C ASN F 52 -15.52 13.22 13.73
N ARG F 53 -15.61 13.50 12.44
CA ARG F 53 -15.15 12.56 11.42
C ARG F 53 -13.65 12.45 11.51
N LEU F 54 -13.02 13.55 11.87
CA LEU F 54 -11.58 13.60 11.96
C LEU F 54 -11.04 12.74 13.10
N VAL F 55 -11.62 12.89 14.29
CA VAL F 55 -11.16 12.20 15.50
C VAL F 55 -11.83 10.83 15.65
N GLU F 56 -12.65 10.49 14.67
CA GLU F 56 -13.14 9.13 14.48
C GLU F 56 -11.93 8.20 14.29
N LYS F 57 -11.81 7.20 15.15
CA LYS F 57 -10.64 6.34 15.11
C LYS F 57 -10.97 4.84 15.23
N THR F 58 -11.30 4.22 14.10
CA THR F 58 -11.28 2.77 14.04
C THR F 58 -9.89 2.41 13.56
N ASN F 59 -8.99 2.32 14.52
CA ASN F 59 -7.59 2.04 14.23
C ASN F 59 -7.33 0.53 14.22
N THR F 60 -6.65 0.08 13.18
CA THR F 60 -6.29 -1.32 13.07
C THR F 60 -5.04 -1.57 13.91
N GLU F 61 -4.99 -2.70 14.60
CA GLU F 61 -3.81 -3.05 15.41
C GLU F 61 -2.63 -3.51 14.50
N PHE F 62 -1.47 -2.87 14.64
CA PHE F 62 -0.31 -3.27 13.86
C PHE F 62 0.80 -3.76 14.74
N GLU F 63 1.51 -4.77 14.26
CA GLU F 63 2.69 -5.25 14.97
C GLU F 63 3.93 -4.86 14.15
N SER F 64 5.10 -5.11 14.70
CA SER F 64 6.38 -4.83 14.09
C SER F 64 6.68 -5.84 12.98
N ILE F 65 7.27 -5.39 11.87
CA ILE F 65 7.71 -6.36 10.87
C ILE F 65 9.21 -6.24 10.62
N GLU F 66 9.77 -5.14 11.12
CA GLU F 66 11.21 -4.91 11.07
C GLU F 66 11.74 -4.56 12.47
N SER F 67 12.84 -5.23 12.83
CA SER F 67 13.51 -5.03 14.11
C SER F 67 14.31 -3.73 14.21
N GLU F 68 14.13 -3.03 15.32
CA GLU F 68 14.90 -1.82 15.64
C GLU F 68 16.34 -2.10 16.06
N PHE F 69 16.54 -3.27 16.66
CA PHE F 69 17.76 -3.57 17.38
C PHE F 69 18.59 -4.67 16.74
N SER F 70 18.28 -5.02 15.50
CA SER F 70 19.20 -5.87 14.73
C SER F 70 18.95 -5.80 13.22
N GLU F 71 19.93 -6.35 12.47
CA GLU F 71 19.89 -6.49 11.00
C GLU F 71 18.77 -7.44 10.56
N ILE F 72 17.88 -6.95 9.70
CA ILE F 72 16.89 -7.80 9.08
C ILE F 72 17.53 -8.31 7.77
N GLU F 73 17.06 -9.43 7.23
CA GLU F 73 17.58 -9.90 5.94
C GLU F 73 17.40 -8.82 4.88
N HIS F 74 18.42 -8.66 4.03
CA HIS F 74 18.53 -7.48 3.19
C HIS F 74 17.43 -7.34 2.16
N GLN F 75 17.10 -8.43 1.49
CA GLN F 75 16.11 -8.35 0.44
C GLN F 75 14.73 -8.03 0.98
N ILE F 76 14.32 -8.71 2.07
CA ILE F 76 12.99 -8.51 2.62
C ILE F 76 12.92 -7.15 3.34
N GLY F 77 14.05 -6.66 3.82
CA GLY F 77 14.07 -5.35 4.43
C GLY F 77 13.81 -4.28 3.39
N ASN F 78 14.32 -4.55 2.20
CA ASN F 78 14.21 -3.61 1.11
C ASN F 78 12.77 -3.59 0.63
N VAL F 79 12.09 -4.73 0.69
CA VAL F 79 10.67 -4.79 0.33
C VAL F 79 9.79 -4.12 1.39
N ILE F 80 10.14 -4.30 2.66
CA ILE F 80 9.46 -3.62 3.73
C ILE F 80 9.58 -2.10 3.60
N ASN F 81 10.77 -1.64 3.22
CA ASN F 81 11.04 -0.22 3.12
C ASN F 81 10.28 0.38 1.97
N TRP F 82 10.29 -0.32 0.85
CA TRP F 82 9.59 0.14 -0.32
C TRP F 82 8.11 0.23 -0.01
N THR F 83 7.60 -0.75 0.71
CA THR F 83 6.17 -0.81 1.01
C THR F 83 5.77 0.26 2.01
N LYS F 84 6.53 0.36 3.09
CA LYS F 84 6.19 1.33 4.10
C LYS F 84 6.23 2.73 3.50
N ASP F 85 7.27 3.00 2.71
CA ASP F 85 7.38 4.29 2.05
C ASP F 85 6.19 4.51 1.09
N SER F 86 5.80 3.49 0.35
CA SER F 86 4.66 3.62 -0.54
C SER F 86 3.38 3.95 0.20
N ILE F 87 3.22 3.35 1.38
CA ILE F 87 2.03 3.55 2.17
C ILE F 87 2.02 4.97 2.74
N THR F 88 3.19 5.50 3.07
CA THR F 88 3.25 6.82 3.68
C THR F 88 3.03 7.92 2.67
N ASP F 89 3.53 7.73 1.45
CA ASP F 89 3.23 8.63 0.35
C ASP F 89 1.70 8.73 0.13
N ILE F 90 1.01 7.61 0.22
CA ILE F 90 -0.44 7.59 0.06
C ILE F 90 -1.12 8.38 1.17
N TRP F 91 -0.70 8.17 2.41
CA TRP F 91 -1.36 8.86 3.52
C TRP F 91 -1.01 10.36 3.51
N THR F 92 0.20 10.71 3.10
CA THR F 92 0.58 12.12 3.00
C THR F 92 -0.29 12.77 1.93
N TYR F 93 -0.41 12.11 0.79
CA TYR F 93 -1.31 12.55 -0.24
C TYR F 93 -2.76 12.63 0.27
N GLN F 94 -3.27 11.56 0.88
CA GLN F 94 -4.62 11.57 1.47
C GLN F 94 -4.87 12.72 2.39
N ALA F 95 -3.93 12.95 3.29
CA ALA F 95 -4.06 13.92 4.35
C ALA F 95 -4.13 15.32 3.75
N GLU F 96 -3.17 15.65 2.89
CA GLU F 96 -3.12 16.94 2.23
C GLU F 96 -4.40 17.22 1.42
N LEU F 97 -4.89 16.20 0.70
CA LEU F 97 -6.09 16.37 -0.10
C LEU F 97 -7.26 16.57 0.82
N LEU F 98 -7.29 15.81 1.91
CA LEU F 98 -8.42 15.87 2.82
C LEU F 98 -8.62 17.27 3.38
N VAL F 99 -7.55 17.90 3.85
CA VAL F 99 -7.73 19.22 4.42
C VAL F 99 -7.82 20.32 3.38
N ALA F 100 -7.28 20.15 2.19
CA ALA F 100 -7.41 21.21 1.22
C ALA F 100 -8.85 21.26 0.71
N MET F 101 -9.39 20.08 0.48
CA MET F 101 -10.77 19.90 0.04
C MET F 101 -11.73 20.31 1.13
N GLU F 102 -11.39 19.89 2.33
CA GLU F 102 -12.21 20.18 3.49
C GLU F 102 -12.23 21.67 3.79
N ASN F 103 -11.06 22.29 3.69
CA ASN F 103 -10.92 23.71 3.92
C ASN F 103 -11.71 24.50 2.89
N GLN F 104 -11.68 24.02 1.65
CA GLN F 104 -12.35 24.73 0.61
C GLN F 104 -13.84 24.79 0.94
N HIS F 105 -14.35 23.66 1.41
CA HIS F 105 -15.77 23.52 1.66
C HIS F 105 -16.21 24.26 2.91
N THR F 106 -15.34 24.33 3.91
CA THR F 106 -15.70 25.05 5.15
C THR F 106 -15.85 26.54 4.90
N ILE F 107 -14.86 27.10 4.22
CA ILE F 107 -14.87 28.50 3.84
C ILE F 107 -16.12 28.85 3.03
N ASP F 108 -16.35 28.10 1.96
CA ASP F 108 -17.46 28.38 1.05
C ASP F 108 -18.80 28.20 1.75
N MET F 109 -18.87 27.32 2.74
CA MET F 109 -20.11 27.09 3.48
C MET F 109 -20.43 28.22 4.47
N ALA F 110 -19.37 28.78 5.05
CA ALA F 110 -19.50 29.96 5.88
C ALA F 110 -20.16 31.05 5.04
N ASP F 111 -19.68 31.16 3.80
CA ASP F 111 -20.22 32.08 2.83
C ASP F 111 -21.72 31.78 2.60
N SER F 112 -22.08 30.51 2.44
CA SER F 112 -23.47 30.17 2.19
C SER F 112 -24.40 30.60 3.33
N GLU F 113 -24.01 30.34 4.56
CA GLU F 113 -24.81 30.73 5.72
C GLU F 113 -24.91 32.26 5.83
N MET F 114 -23.82 32.96 5.50
CA MET F 114 -23.84 34.44 5.51
C MET F 114 -24.89 34.99 4.55
N LEU F 115 -24.87 34.48 3.32
CA LEU F 115 -25.78 34.87 2.28
C LEU F 115 -27.20 34.51 2.61
N ASN F 116 -27.39 33.33 3.19
CA ASN F 116 -28.74 32.83 3.41
C ASN F 116 -29.55 33.66 4.37
N LEU F 117 -28.84 34.24 5.33
CA LEU F 117 -29.41 35.18 6.29
C LEU F 117 -29.80 36.47 5.58
N TYR F 118 -28.84 37.03 4.83
CA TYR F 118 -29.06 38.18 3.98
C TYR F 118 -30.35 38.04 3.17
N GLU F 119 -30.47 36.97 2.40
CA GLU F 119 -31.65 36.77 1.55
C GLU F 119 -32.93 36.56 2.37
N ARG F 120 -32.79 35.98 3.55
CA ARG F 120 -33.94 35.81 4.44
C ARG F 120 -34.50 37.18 4.83
N VAL F 121 -33.59 38.13 5.01
CA VAL F 121 -33.95 39.49 5.38
C VAL F 121 -34.47 40.27 4.18
N ARG F 122 -33.77 40.16 3.05
CA ARG F 122 -34.20 40.72 1.77
C ARG F 122 -35.65 40.40 1.55
N LYS F 123 -36.00 39.13 1.75
CA LYS F 123 -37.34 38.67 1.46
C LYS F 123 -38.33 39.12 2.52
N GLN F 124 -37.84 39.43 3.72
CA GLN F 124 -38.70 39.88 4.79
C GLN F 124 -39.13 41.30 4.55
N LEU F 125 -38.11 42.15 4.46
CA LEU F 125 -38.23 43.55 4.14
C LEU F 125 -39.08 43.82 2.90
N ARG F 126 -39.09 42.86 1.99
CA ARG F 126 -39.91 42.94 0.78
C ARG F 126 -39.72 44.29 0.06
N GLN F 127 -40.82 45.01 -0.13
CA GLN F 127 -40.79 46.26 -0.89
C GLN F 127 -40.45 47.46 -0.02
N ASN F 128 -40.53 47.29 1.30
CA ASN F 128 -40.29 48.38 2.22
C ASN F 128 -38.82 48.75 2.36
N ALA F 129 -37.95 48.25 1.49
CA ALA F 129 -36.53 48.57 1.60
C ALA F 129 -35.75 48.28 0.32
N GLU F 130 -34.53 48.84 0.24
CA GLU F 130 -33.64 48.67 -0.91
C GLU F 130 -32.22 48.25 -0.50
N GLU F 131 -31.62 47.39 -1.32
CA GLU F 131 -30.25 46.94 -1.14
C GLU F 131 -29.26 47.97 -1.64
N ASP F 132 -28.25 48.23 -0.81
CA ASP F 132 -27.25 49.23 -1.11
C ASP F 132 -26.07 48.64 -1.83
N GLY F 133 -26.11 47.34 -2.09
CA GLY F 133 -24.95 46.72 -2.67
C GLY F 133 -23.73 46.47 -1.80
N LYS F 134 -23.78 46.78 -0.51
CA LYS F 134 -22.62 46.57 0.32
C LYS F 134 -22.97 45.78 1.57
N GLY F 135 -24.16 45.18 1.58
CA GLY F 135 -24.57 44.42 2.74
C GLY F 135 -25.72 45.01 3.56
N CYS F 136 -26.05 46.27 3.32
CA CYS F 136 -27.07 46.91 4.13
C CYS F 136 -28.42 46.94 3.44
N PHE F 137 -29.45 47.26 4.20
CA PHE F 137 -30.75 47.52 3.62
C PHE F 137 -31.15 48.93 4.01
N GLU F 138 -31.01 49.88 3.08
CA GLU F 138 -31.54 51.20 3.31
C GLU F 138 -33.03 51.01 3.43
N ILE F 139 -33.60 51.46 4.55
CA ILE F 139 -35.04 51.31 4.77
C ILE F 139 -35.77 52.65 4.63
N TYR F 140 -36.95 52.54 4.04
CA TYR F 140 -37.76 53.69 3.69
C TYR F 140 -39.03 53.84 4.53
N HIS F 141 -39.14 53.14 5.67
CA HIS F 141 -39.96 53.74 6.73
C HIS F 141 -39.17 54.00 8.02
N ALA F 142 -39.94 54.09 9.10
CA ALA F 142 -39.48 54.65 10.36
C ALA F 142 -38.59 53.79 11.24
N CYS F 143 -38.97 52.52 11.40
CA CYS F 143 -38.70 51.78 12.65
C CYS F 143 -37.29 51.91 13.30
N ASP F 144 -37.16 52.05 14.65
CA ASP F 144 -38.10 51.94 15.82
C ASP F 144 -37.43 51.16 16.94
N ASP F 145 -36.44 50.34 16.61
CA ASP F 145 -35.67 49.56 17.61
C ASP F 145 -36.49 48.50 18.33
N SER F 146 -37.76 48.37 17.99
CA SER F 146 -38.56 47.21 18.38
C SER F 146 -38.97 46.56 17.09
N CYS F 147 -39.06 47.41 16.07
CA CYS F 147 -39.24 47.01 14.69
C CYS F 147 -38.00 46.32 14.14
N MET F 148 -36.84 46.84 14.51
CA MET F 148 -35.60 46.22 14.09
C MET F 148 -35.51 44.84 14.72
N GLU F 149 -35.80 44.76 16.02
CA GLU F 149 -36.05 43.49 16.68
C GLU F 149 -37.07 42.59 15.95
N SER F 150 -37.99 43.20 15.19
CA SER F 150 -38.93 42.41 14.42
C SER F 150 -38.27 41.77 13.23
N ILE F 151 -37.25 42.44 12.71
CA ILE F 151 -36.51 41.96 11.56
C ILE F 151 -35.63 40.77 11.96
N ARG F 152 -34.91 40.94 13.05
CA ARG F 152 -34.04 39.90 13.55
C ARG F 152 -34.80 38.67 14.02
N ASN F 153 -35.90 38.90 14.74
CA ASN F 153 -36.70 37.82 15.31
C ASN F 153 -37.56 37.08 14.30
N ASN F 154 -37.51 37.51 13.04
CA ASN F 154 -38.30 36.89 11.98
C ASN F 154 -39.81 36.97 12.26
N THR F 155 -40.29 38.16 12.61
CA THR F 155 -41.71 38.36 12.94
C THR F 155 -42.29 39.55 12.17
N TYR F 156 -41.41 40.38 11.61
CA TYR F 156 -41.73 41.56 10.84
C TYR F 156 -42.87 41.36 9.82
N ASP F 157 -43.92 42.19 9.92
CA ASP F 157 -44.97 42.20 8.90
C ASP F 157 -44.71 43.34 7.93
N HIS F 158 -44.48 43.00 6.66
CA HIS F 158 -44.14 44.00 5.66
C HIS F 158 -45.34 44.88 5.34
N SER F 159 -46.51 44.26 5.14
CA SER F 159 -47.69 44.95 4.63
C SER F 159 -48.24 45.97 5.63
N GLN F 160 -47.82 45.80 6.88
CA GLN F 160 -48.10 46.78 7.92
C GLN F 160 -47.47 48.14 7.57
N TYR F 161 -46.28 48.16 6.99
CA TYR F 161 -45.63 49.42 6.65
C TYR F 161 -45.49 49.70 5.15
N ARG F 162 -46.26 49.00 4.33
CA ARG F 162 -46.03 49.01 2.89
C ARG F 162 -46.26 50.39 2.29
N GLU F 163 -47.51 50.88 2.37
CA GLU F 163 -47.87 52.19 1.82
C GLU F 163 -46.89 53.27 2.22
N GLU F 164 -46.57 53.32 3.51
CA GLU F 164 -45.72 54.39 4.01
C GLU F 164 -44.40 54.42 3.28
N ALA F 165 -43.84 53.24 3.00
CA ALA F 165 -42.48 53.15 2.48
C ALA F 165 -42.46 53.16 0.94
N LEU F 166 -43.56 52.69 0.32
CA LEU F 166 -43.64 52.79 -1.13
C LEU F 166 -43.57 54.24 -1.61
N LEU F 167 -44.31 55.14 -0.96
CA LEU F 167 -44.32 56.55 -1.37
C LEU F 167 -42.99 57.23 -1.05
N ASN F 168 -42.23 56.70 -0.10
CA ASN F 168 -40.91 57.24 0.21
C ASN F 168 -39.86 56.80 -0.80
N ARG F 169 -40.09 55.66 -1.43
CA ARG F 169 -39.21 55.22 -2.53
C ARG F 169 -39.61 55.91 -3.84
N LEU F 170 -40.91 56.09 -4.05
CA LEU F 170 -41.44 56.60 -5.32
C LEU F 170 -41.84 58.10 -5.36
N ASN F 171 -41.11 58.96 -4.64
CA ASN F 171 -41.35 60.41 -4.67
C ASN F 171 -40.25 61.15 -3.91
#